data_2GTO
#
_entry.id   2GTO
#
_entity_poly.entity_id   1
_entity_poly.type   'polypeptide(L)'
_entity_poly.pdbx_seq_one_letter_code
;EKKEQKEKEKKEQEIKKKFKLTGPIQVIHLAKACCDVKGGKNELSFKQGEQIEIIRITDNPEGKWLGRTARGSYGYIKTT
AVEIDYDSLKLKKDLE
;
_entity_poly.pdbx_strand_id   A
#
# COMPACT_ATOMS: atom_id res chain seq x y z
N GLU A 1 -19.28 -9.10 10.74
CA GLU A 1 -19.97 -7.91 10.27
C GLU A 1 -19.73 -7.80 8.79
N LYS A 2 -20.24 -6.77 8.15
CA LYS A 2 -20.07 -6.62 6.73
C LYS A 2 -18.70 -6.00 6.42
N LYS A 3 -17.68 -6.77 6.65
CA LYS A 3 -16.36 -6.38 6.34
C LYS A 3 -16.03 -7.10 5.06
N GLU A 4 -16.40 -6.49 3.98
CA GLU A 4 -16.22 -7.04 2.65
C GLU A 4 -15.95 -5.86 1.74
N GLN A 5 -16.91 -4.98 1.62
CA GLN A 5 -16.66 -3.70 1.01
C GLN A 5 -16.67 -2.69 2.12
N LYS A 6 -15.82 -1.71 2.07
CA LYS A 6 -15.79 -0.72 3.11
C LYS A 6 -16.27 0.58 2.49
N GLU A 7 -15.75 0.84 1.30
CA GLU A 7 -16.07 2.02 0.48
C GLU A 7 -15.75 3.29 1.23
N LYS A 8 -14.54 3.74 1.12
CA LYS A 8 -14.16 4.93 1.80
C LYS A 8 -14.26 6.09 0.83
N GLU A 9 -13.51 5.99 -0.23
CA GLU A 9 -13.39 7.07 -1.19
C GLU A 9 -13.99 6.60 -2.52
N LYS A 10 -13.53 7.16 -3.62
CA LYS A 10 -13.91 6.68 -4.94
C LYS A 10 -12.71 5.95 -5.55
N LYS A 11 -11.69 5.80 -4.73
CA LYS A 11 -10.40 5.26 -5.15
C LYS A 11 -10.39 3.75 -5.25
N GLU A 12 -10.98 3.08 -4.27
CA GLU A 12 -10.95 1.63 -4.23
C GLU A 12 -11.70 0.99 -5.39
N GLN A 13 -12.63 1.72 -5.95
CA GLN A 13 -13.34 1.28 -7.14
C GLN A 13 -12.31 1.09 -8.26
N GLU A 14 -11.49 2.09 -8.45
CA GLU A 14 -10.53 2.13 -9.52
C GLU A 14 -9.42 1.12 -9.28
N ILE A 15 -8.89 1.09 -8.07
CA ILE A 15 -7.75 0.24 -7.73
C ILE A 15 -8.06 -1.25 -7.93
N LYS A 16 -9.33 -1.59 -7.85
CA LYS A 16 -9.77 -2.95 -8.00
C LYS A 16 -9.68 -3.40 -9.44
N LYS A 17 -9.72 -2.45 -10.35
CA LYS A 17 -9.56 -2.72 -11.76
C LYS A 17 -8.12 -2.45 -12.18
N LYS A 18 -7.61 -1.30 -11.75
CA LYS A 18 -6.29 -0.81 -12.14
C LYS A 18 -5.18 -1.69 -11.60
N PHE A 19 -5.19 -1.92 -10.32
CA PHE A 19 -4.17 -2.74 -9.69
C PHE A 19 -4.70 -4.15 -9.51
N LYS A 20 -5.99 -4.29 -9.76
CA LYS A 20 -6.72 -5.53 -9.67
C LYS A 20 -6.72 -6.13 -8.27
N LEU A 21 -7.49 -5.53 -7.40
CA LEU A 21 -7.66 -6.01 -6.03
C LEU A 21 -9.09 -6.41 -5.80
N THR A 22 -9.81 -6.58 -6.89
CA THR A 22 -11.19 -6.99 -6.88
C THR A 22 -11.35 -8.33 -6.10
N GLY A 23 -11.87 -8.22 -4.91
CA GLY A 23 -12.03 -9.36 -4.05
C GLY A 23 -11.37 -9.14 -2.72
N PRO A 24 -11.08 -10.21 -1.98
CA PRO A 24 -10.49 -10.12 -0.65
C PRO A 24 -8.96 -10.14 -0.69
N ILE A 25 -8.35 -9.08 -0.24
CA ILE A 25 -6.91 -8.99 -0.21
C ILE A 25 -6.37 -8.87 1.21
N GLN A 26 -5.23 -9.47 1.47
CA GLN A 26 -4.65 -9.48 2.80
C GLN A 26 -3.28 -8.83 2.76
N VAL A 27 -2.85 -8.31 3.90
CA VAL A 27 -1.53 -7.69 3.99
C VAL A 27 -0.42 -8.72 3.99
N ILE A 28 0.62 -8.43 3.27
CA ILE A 28 1.80 -9.26 3.31
C ILE A 28 2.73 -8.69 4.37
N HIS A 29 2.82 -7.36 4.41
CA HIS A 29 3.65 -6.65 5.39
C HIS A 29 3.08 -5.27 5.63
N LEU A 30 3.72 -4.54 6.52
CA LEU A 30 3.34 -3.18 6.80
C LEU A 30 4.51 -2.29 6.43
N ALA A 31 4.27 -1.43 5.49
CA ALA A 31 5.26 -0.51 5.00
C ALA A 31 4.97 0.85 5.58
N LYS A 32 5.87 1.71 5.43
CA LYS A 32 5.76 3.02 5.85
C LYS A 32 6.62 3.78 4.93
N ALA A 33 5.97 4.48 4.10
CA ALA A 33 6.62 5.23 3.07
C ALA A 33 7.48 6.31 3.67
N CYS A 34 8.68 6.40 3.20
CA CYS A 34 9.57 7.38 3.71
C CYS A 34 9.93 8.33 2.69
N CYS A 35 10.15 9.51 3.17
CA CYS A 35 10.82 10.52 2.48
C CYS A 35 9.96 11.06 1.31
N ASP A 36 10.48 12.02 0.62
CA ASP A 36 9.85 12.52 -0.58
C ASP A 36 10.13 11.57 -1.73
N VAL A 37 9.09 10.93 -2.19
CA VAL A 37 9.16 9.88 -3.19
C VAL A 37 8.56 10.36 -4.48
N LYS A 38 8.98 9.71 -5.57
CA LYS A 38 8.36 9.93 -6.87
C LYS A 38 6.83 9.84 -6.77
N GLY A 39 6.29 8.65 -6.48
CA GLY A 39 4.85 8.52 -6.23
C GLY A 39 3.98 8.92 -7.41
N GLY A 40 4.38 8.53 -8.60
CA GLY A 40 3.70 8.90 -9.83
C GLY A 40 2.28 8.32 -10.00
N LYS A 41 1.82 8.26 -11.25
CA LYS A 41 0.44 7.83 -11.57
C LYS A 41 0.17 6.37 -11.23
N ASN A 42 1.17 5.53 -11.32
CA ASN A 42 0.98 4.12 -10.98
C ASN A 42 1.33 3.90 -9.54
N GLU A 43 2.04 4.81 -8.98
CA GLU A 43 2.51 4.69 -7.63
C GLU A 43 1.53 5.32 -6.68
N LEU A 44 1.75 5.09 -5.42
CA LEU A 44 0.91 5.63 -4.41
C LEU A 44 1.35 7.03 -4.14
N SER A 45 0.41 7.88 -3.97
CA SER A 45 0.66 9.25 -3.68
C SER A 45 0.82 9.41 -2.16
N PHE A 46 1.79 8.71 -1.62
CA PHE A 46 2.09 8.74 -0.21
C PHE A 46 3.19 9.73 0.11
N LYS A 47 3.58 9.74 1.35
CA LYS A 47 4.52 10.66 1.88
C LYS A 47 5.39 9.97 2.90
N GLN A 48 6.18 10.75 3.53
CA GLN A 48 7.10 10.37 4.56
C GLN A 48 6.35 10.21 5.85
N GLY A 49 6.32 9.01 6.33
CA GLY A 49 5.65 8.71 7.56
C GLY A 49 4.26 8.23 7.30
N GLU A 50 3.99 7.97 6.05
CA GLU A 50 2.72 7.47 5.62
C GLU A 50 2.61 6.00 5.88
N GLN A 51 1.59 5.68 6.60
CA GLN A 51 1.33 4.36 7.03
C GLN A 51 0.54 3.70 5.99
N ILE A 52 1.24 3.01 5.24
CA ILE A 52 0.76 2.19 4.19
C ILE A 52 0.90 0.71 4.49
N GLU A 53 0.14 -0.08 3.84
CA GLU A 53 0.26 -1.50 3.97
C GLU A 53 0.48 -2.07 2.60
N ILE A 54 1.34 -3.05 2.46
CA ILE A 54 1.48 -3.68 1.15
C ILE A 54 0.80 -5.03 1.14
N ILE A 55 -0.04 -5.19 0.18
CA ILE A 55 -0.89 -6.36 0.06
C ILE A 55 -0.34 -7.32 -0.97
N ARG A 56 0.48 -6.82 -1.84
CA ARG A 56 0.95 -7.66 -2.88
C ARG A 56 2.43 -7.49 -3.13
N ILE A 57 3.11 -8.60 -3.09
CA ILE A 57 4.50 -8.63 -3.42
C ILE A 57 4.55 -9.01 -4.88
N THR A 58 4.70 -8.02 -5.69
CA THR A 58 4.69 -8.15 -7.09
C THR A 58 6.08 -8.40 -7.68
N ASP A 59 6.09 -9.24 -8.69
CA ASP A 59 7.29 -9.56 -9.48
C ASP A 59 7.06 -9.04 -10.88
N ASN A 60 5.96 -8.31 -10.98
CA ASN A 60 5.47 -7.70 -12.20
C ASN A 60 6.42 -6.60 -12.70
N PRO A 61 6.58 -6.46 -14.06
CA PRO A 61 7.43 -5.46 -14.77
C PRO A 61 7.48 -4.05 -14.17
N GLU A 62 6.42 -3.62 -13.47
CA GLU A 62 6.41 -2.31 -12.80
C GLU A 62 7.58 -2.18 -11.83
N GLY A 63 7.98 -3.32 -11.24
CA GLY A 63 9.06 -3.35 -10.27
C GLY A 63 8.67 -2.65 -9.01
N LYS A 64 7.39 -2.68 -8.74
CA LYS A 64 6.83 -1.97 -7.63
C LYS A 64 5.93 -2.92 -6.89
N TRP A 65 5.68 -2.64 -5.65
CA TRP A 65 4.75 -3.41 -4.84
C TRP A 65 3.44 -2.71 -4.76
N LEU A 66 2.43 -3.42 -4.38
CA LEU A 66 1.13 -2.80 -4.23
C LEU A 66 0.87 -2.50 -2.78
N GLY A 67 0.78 -1.23 -2.49
CA GLY A 67 0.53 -0.75 -1.17
C GLY A 67 -0.73 0.07 -1.14
N ARG A 68 -1.12 0.49 0.03
CA ARG A 68 -2.28 1.33 0.23
C ARG A 68 -2.06 2.16 1.48
N THR A 69 -2.46 3.40 1.47
CA THR A 69 -2.36 4.24 2.63
C THR A 69 -3.52 3.95 3.56
N ALA A 70 -3.40 4.40 4.81
CA ALA A 70 -4.49 4.31 5.77
C ALA A 70 -5.59 5.32 5.38
N ARG A 71 -5.26 6.14 4.41
CA ARG A 71 -6.13 7.13 3.84
C ARG A 71 -6.97 6.51 2.70
N GLY A 72 -6.67 5.25 2.38
CA GLY A 72 -7.48 4.53 1.42
C GLY A 72 -7.07 4.74 -0.01
N SER A 73 -5.80 4.95 -0.23
CA SER A 73 -5.29 5.14 -1.57
C SER A 73 -4.31 4.03 -1.84
N TYR A 74 -4.54 3.31 -2.89
CA TYR A 74 -3.72 2.15 -3.25
C TYR A 74 -2.77 2.54 -4.36
N GLY A 75 -1.55 2.07 -4.30
CA GLY A 75 -0.61 2.44 -5.32
C GLY A 75 0.61 1.58 -5.35
N TYR A 76 1.34 1.63 -6.45
CA TYR A 76 2.59 0.94 -6.56
C TYR A 76 3.65 1.64 -5.71
N ILE A 77 4.56 0.87 -5.22
CA ILE A 77 5.58 1.38 -4.35
C ILE A 77 6.94 0.90 -4.79
N LYS A 78 7.88 1.81 -4.95
CA LYS A 78 9.26 1.41 -5.08
C LYS A 78 9.63 0.80 -3.76
N THR A 79 10.32 -0.28 -3.75
CA THR A 79 10.63 -0.98 -2.49
C THR A 79 11.63 -0.16 -1.63
N THR A 80 12.15 0.88 -2.24
CA THR A 80 13.09 1.76 -1.65
C THR A 80 12.37 3.01 -1.10
N ALA A 81 11.12 3.20 -1.56
CA ALA A 81 10.33 4.36 -1.16
C ALA A 81 9.68 4.11 0.19
N VAL A 82 9.74 2.88 0.65
CA VAL A 82 9.14 2.51 1.94
C VAL A 82 10.06 1.69 2.78
N GLU A 83 9.76 1.69 4.04
CA GLU A 83 10.44 0.88 4.98
C GLU A 83 9.57 -0.37 5.19
N ILE A 84 9.97 -1.43 4.59
CA ILE A 84 9.27 -2.68 4.69
C ILE A 84 9.79 -3.47 5.89
N ASP A 85 8.90 -3.77 6.82
CA ASP A 85 9.28 -4.51 8.01
C ASP A 85 8.45 -5.75 8.16
N TYR A 86 9.00 -6.70 8.83
CA TYR A 86 8.32 -7.91 9.19
C TYR A 86 7.83 -7.76 10.62
N ASP A 87 8.55 -6.93 11.37
CA ASP A 87 8.24 -6.59 12.76
C ASP A 87 6.79 -6.15 12.88
N SER A 88 6.41 -5.23 12.02
CA SER A 88 5.09 -4.60 12.03
C SER A 88 3.91 -5.59 11.81
N LEU A 89 4.20 -6.84 11.45
CA LEU A 89 3.15 -7.85 11.28
C LEU A 89 2.69 -8.34 12.63
N LYS A 90 3.60 -8.30 13.57
CA LYS A 90 3.33 -8.70 14.91
C LYS A 90 3.27 -7.47 15.81
N LEU A 91 4.12 -6.48 15.49
CA LEU A 91 4.30 -5.27 16.28
C LEU A 91 4.89 -5.66 17.61
N LYS A 92 6.20 -5.78 17.63
CA LYS A 92 6.87 -6.26 18.81
C LYS A 92 7.80 -5.20 19.36
N LYS A 93 7.48 -3.97 19.01
CA LYS A 93 8.26 -2.82 19.42
C LYS A 93 8.11 -2.61 20.92
N ASP A 94 6.87 -2.59 21.37
CA ASP A 94 6.58 -2.45 22.80
C ASP A 94 6.72 -3.83 23.42
N LEU A 95 5.94 -4.75 22.86
CA LEU A 95 5.92 -6.16 23.22
C LEU A 95 5.60 -6.34 24.72
N GLU A 96 4.36 -6.09 25.07
CA GLU A 96 3.93 -6.17 26.43
C GLU A 96 2.67 -7.01 26.52
N GLU A 1 -14.85 15.13 4.32
CA GLU A 1 -15.66 15.43 3.16
C GLU A 1 -16.28 16.83 3.26
N LYS A 2 -15.51 17.87 3.01
CA LYS A 2 -16.06 19.22 2.96
C LYS A 2 -15.73 19.88 1.64
N LYS A 3 -14.55 20.45 1.55
CA LYS A 3 -14.12 21.05 0.31
C LYS A 3 -12.81 20.39 -0.01
N GLU A 4 -12.92 19.23 -0.57
CA GLU A 4 -11.79 18.41 -0.89
C GLU A 4 -11.94 17.91 -2.31
N GLN A 5 -13.20 17.63 -2.68
CA GLN A 5 -13.57 17.22 -4.03
C GLN A 5 -12.97 15.89 -4.44
N LYS A 6 -12.61 15.11 -3.44
CA LYS A 6 -12.08 13.79 -3.65
C LYS A 6 -13.05 12.79 -3.07
N GLU A 7 -13.76 12.11 -3.94
CA GLU A 7 -14.73 11.12 -3.52
C GLU A 7 -14.06 10.00 -2.72
N LYS A 8 -14.35 9.98 -1.45
CA LYS A 8 -13.74 9.08 -0.50
C LYS A 8 -14.20 7.63 -0.71
N GLU A 9 -15.36 7.43 -1.23
CA GLU A 9 -15.87 6.10 -1.45
C GLU A 9 -15.49 5.61 -2.88
N LYS A 10 -14.74 6.42 -3.59
CA LYS A 10 -14.37 6.08 -4.95
C LYS A 10 -12.91 5.64 -5.10
N LYS A 11 -12.13 5.71 -4.01
CA LYS A 11 -10.71 5.33 -4.11
C LYS A 11 -10.55 3.87 -4.39
N GLU A 12 -11.21 3.03 -3.60
CA GLU A 12 -11.03 1.61 -3.80
C GLU A 12 -11.81 1.04 -4.98
N GLN A 13 -12.67 1.88 -5.55
CA GLN A 13 -13.35 1.54 -6.80
C GLN A 13 -12.36 1.73 -7.94
N GLU A 14 -11.56 2.77 -7.80
CA GLU A 14 -10.56 3.12 -8.77
C GLU A 14 -9.43 2.12 -8.73
N ILE A 15 -8.83 1.96 -7.56
CA ILE A 15 -7.67 1.12 -7.39
C ILE A 15 -7.94 -0.34 -7.73
N LYS A 16 -9.19 -0.74 -7.63
CA LYS A 16 -9.56 -2.12 -7.77
C LYS A 16 -9.53 -2.51 -9.23
N LYS A 17 -9.84 -1.55 -10.06
CA LYS A 17 -9.89 -1.76 -11.47
C LYS A 17 -8.59 -1.30 -12.13
N LYS A 18 -8.06 -0.19 -11.65
CA LYS A 18 -6.83 0.38 -12.19
C LYS A 18 -5.63 -0.50 -11.94
N PHE A 19 -5.53 -1.04 -10.74
CA PHE A 19 -4.40 -1.87 -10.38
C PHE A 19 -4.73 -3.33 -10.52
N LYS A 20 -5.94 -3.62 -10.99
CA LYS A 20 -6.44 -4.98 -11.13
C LYS A 20 -6.32 -5.72 -9.79
N LEU A 21 -7.20 -5.37 -8.88
CA LEU A 21 -7.14 -5.88 -7.54
C LEU A 21 -8.25 -6.88 -7.27
N THR A 22 -8.89 -7.33 -8.31
CA THR A 22 -9.96 -8.30 -8.23
C THR A 22 -9.51 -9.58 -7.50
N GLY A 23 -10.04 -9.76 -6.32
CA GLY A 23 -9.68 -10.86 -5.48
C GLY A 23 -9.52 -10.37 -4.06
N PRO A 24 -9.35 -11.25 -3.08
CA PRO A 24 -9.17 -10.85 -1.69
C PRO A 24 -7.70 -10.55 -1.37
N ILE A 25 -7.39 -9.29 -1.15
CA ILE A 25 -6.03 -8.91 -0.82
C ILE A 25 -5.77 -8.96 0.67
N GLN A 26 -4.58 -9.41 1.04
CA GLN A 26 -4.18 -9.54 2.42
C GLN A 26 -2.90 -8.84 2.66
N VAL A 27 -2.85 -8.20 3.78
CA VAL A 27 -1.75 -7.39 4.20
C VAL A 27 -0.56 -8.27 4.49
N ILE A 28 0.50 -8.10 3.73
CA ILE A 28 1.68 -8.92 3.90
C ILE A 28 2.56 -8.34 5.00
N HIS A 29 2.74 -7.05 4.98
CA HIS A 29 3.54 -6.30 5.95
C HIS A 29 3.00 -4.91 5.99
N LEU A 30 3.46 -4.13 6.92
CA LEU A 30 3.17 -2.74 6.92
C LEU A 30 4.39 -2.04 6.40
N ALA A 31 4.18 -1.20 5.46
CA ALA A 31 5.23 -0.41 4.93
C ALA A 31 5.09 0.99 5.49
N LYS A 32 6.06 1.76 5.35
CA LYS A 32 6.06 3.06 5.83
C LYS A 32 6.92 3.85 4.94
N ALA A 33 6.25 4.54 4.11
CA ALA A 33 6.84 5.32 3.09
C ALA A 33 7.65 6.46 3.68
N CYS A 34 8.83 6.63 3.18
CA CYS A 34 9.68 7.68 3.65
C CYS A 34 9.99 8.58 2.57
N CYS A 35 10.25 9.79 2.97
CA CYS A 35 10.89 10.75 2.19
C CYS A 35 10.02 11.25 1.03
N ASP A 36 10.45 12.29 0.39
CA ASP A 36 9.80 12.76 -0.82
C ASP A 36 10.01 11.79 -1.95
N VAL A 37 9.02 11.02 -2.22
CA VAL A 37 9.06 10.00 -3.25
C VAL A 37 8.44 10.52 -4.52
N LYS A 38 8.82 9.93 -5.63
CA LYS A 38 8.23 10.25 -6.91
C LYS A 38 6.74 10.09 -6.80
N GLY A 39 6.32 8.89 -6.45
CA GLY A 39 4.91 8.65 -6.24
C GLY A 39 4.05 8.97 -7.46
N GLY A 40 4.53 8.55 -8.62
CA GLY A 40 3.88 8.82 -9.91
C GLY A 40 2.45 8.29 -10.02
N LYS A 41 1.91 8.36 -11.23
CA LYS A 41 0.50 8.01 -11.50
C LYS A 41 0.10 6.64 -10.98
N ASN A 42 0.82 5.59 -11.33
CA ASN A 42 0.42 4.26 -10.86
C ASN A 42 1.00 3.97 -9.49
N GLU A 43 1.78 4.89 -8.98
CA GLU A 43 2.41 4.73 -7.72
C GLU A 43 1.52 5.33 -6.66
N LEU A 44 1.81 5.08 -5.41
CA LEU A 44 0.97 5.57 -4.34
C LEU A 44 1.28 7.01 -4.07
N SER A 45 0.24 7.74 -3.83
CA SER A 45 0.30 9.15 -3.51
C SER A 45 0.63 9.33 -2.01
N PHE A 46 1.54 8.49 -1.51
CA PHE A 46 1.92 8.53 -0.11
C PHE A 46 2.95 9.60 0.17
N LYS A 47 3.36 9.66 1.39
CA LYS A 47 4.24 10.67 1.88
C LYS A 47 5.22 10.06 2.88
N GLN A 48 5.95 10.91 3.48
CA GLN A 48 6.98 10.58 4.41
C GLN A 48 6.36 10.40 5.78
N GLY A 49 6.44 9.21 6.25
CA GLY A 49 5.89 8.87 7.54
C GLY A 49 4.55 8.22 7.38
N GLU A 50 4.18 8.02 6.12
CA GLU A 50 2.94 7.38 5.79
C GLU A 50 3.01 5.90 6.03
N GLN A 51 2.11 5.47 6.83
CA GLN A 51 2.02 4.13 7.23
C GLN A 51 1.01 3.49 6.35
N ILE A 52 1.55 2.88 5.41
CA ILE A 52 0.85 2.16 4.40
C ILE A 52 0.95 0.65 4.61
N GLU A 53 0.05 -0.09 4.06
CA GLU A 53 0.17 -1.53 4.16
C GLU A 53 0.24 -2.11 2.78
N ILE A 54 1.19 -2.98 2.54
CA ILE A 54 1.24 -3.62 1.23
C ILE A 54 0.48 -4.93 1.24
N ILE A 55 -0.32 -5.10 0.23
CA ILE A 55 -1.19 -6.25 0.09
C ILE A 55 -0.88 -7.01 -1.18
N ARG A 56 0.22 -6.67 -1.79
CA ARG A 56 0.69 -7.34 -2.99
C ARG A 56 2.20 -7.24 -3.07
N ILE A 57 2.82 -8.38 -3.21
CA ILE A 57 4.25 -8.49 -3.36
C ILE A 57 4.39 -8.99 -4.76
N THR A 58 4.64 -8.09 -5.63
CA THR A 58 4.55 -8.38 -7.01
C THR A 58 5.80 -9.01 -7.57
N ASP A 59 5.58 -10.00 -8.41
CA ASP A 59 6.61 -10.72 -9.13
C ASP A 59 6.49 -10.47 -10.61
N ASN A 60 5.25 -10.25 -11.05
CA ASN A 60 4.96 -9.96 -12.45
C ASN A 60 5.44 -8.55 -12.79
N PRO A 61 5.83 -8.31 -14.07
CA PRO A 61 6.40 -7.04 -14.55
C PRO A 61 5.67 -5.77 -14.11
N GLU A 62 6.28 -5.09 -13.18
CA GLU A 62 5.83 -3.82 -12.65
C GLU A 62 7.01 -3.21 -11.94
N GLY A 63 7.51 -3.93 -10.96
CA GLY A 63 8.65 -3.50 -10.22
C GLY A 63 8.28 -2.70 -9.04
N LYS A 64 7.03 -2.75 -8.72
CA LYS A 64 6.51 -2.02 -7.60
C LYS A 64 5.61 -2.94 -6.82
N TRP A 65 5.47 -2.68 -5.57
CA TRP A 65 4.55 -3.42 -4.73
C TRP A 65 3.27 -2.65 -4.61
N LEU A 66 2.20 -3.32 -4.30
CA LEU A 66 0.95 -2.63 -4.19
C LEU A 66 0.62 -2.39 -2.73
N GLY A 67 0.68 -1.13 -2.37
CA GLY A 67 0.41 -0.71 -1.04
C GLY A 67 -0.84 0.11 -1.00
N ARG A 68 -1.19 0.55 0.16
CA ARG A 68 -2.34 1.37 0.40
C ARG A 68 -2.06 2.22 1.62
N THR A 69 -2.52 3.42 1.64
CA THR A 69 -2.36 4.26 2.80
C THR A 69 -3.41 3.92 3.84
N ALA A 70 -3.24 4.46 5.02
CA ALA A 70 -4.22 4.35 6.08
C ALA A 70 -5.35 5.33 5.78
N ARG A 71 -5.15 6.08 4.71
CA ARG A 71 -6.11 7.01 4.19
C ARG A 71 -7.01 6.27 3.19
N GLY A 72 -6.69 5.00 2.93
CA GLY A 72 -7.51 4.16 2.09
C GLY A 72 -7.30 4.40 0.61
N SER A 73 -6.09 4.73 0.24
CA SER A 73 -5.75 4.95 -1.13
C SER A 73 -4.60 4.03 -1.51
N TYR A 74 -4.82 3.20 -2.48
CA TYR A 74 -3.83 2.21 -2.93
C TYR A 74 -2.91 2.78 -3.99
N GLY A 75 -1.71 2.23 -4.08
CA GLY A 75 -0.76 2.66 -5.08
C GLY A 75 0.48 1.80 -5.11
N TYR A 76 1.16 1.79 -6.25
CA TYR A 76 2.39 1.05 -6.38
C TYR A 76 3.56 1.74 -5.68
N ILE A 77 4.36 0.95 -5.06
CA ILE A 77 5.43 1.40 -4.24
C ILE A 77 6.75 0.87 -4.74
N LYS A 78 7.72 1.73 -4.88
CA LYS A 78 9.05 1.26 -5.09
C LYS A 78 9.49 0.73 -3.76
N THR A 79 10.11 -0.40 -3.72
CA THR A 79 10.45 -1.06 -2.45
C THR A 79 11.46 -0.27 -1.61
N THR A 80 12.02 0.76 -2.22
CA THR A 80 12.98 1.62 -1.60
C THR A 80 12.27 2.90 -1.09
N ALA A 81 11.05 3.10 -1.56
CA ALA A 81 10.27 4.27 -1.17
C ALA A 81 9.64 4.02 0.19
N VAL A 82 9.66 2.77 0.61
CA VAL A 82 9.12 2.39 1.90
C VAL A 82 10.07 1.58 2.69
N GLU A 83 9.87 1.62 3.97
CA GLU A 83 10.61 0.84 4.88
C GLU A 83 9.77 -0.37 5.24
N ILE A 84 10.09 -1.47 4.63
CA ILE A 84 9.38 -2.72 4.86
C ILE A 84 10.04 -3.48 6.02
N ASP A 85 9.37 -3.52 7.14
CA ASP A 85 9.84 -4.25 8.31
C ASP A 85 8.81 -5.26 8.80
N TYR A 86 9.27 -6.26 9.52
CA TYR A 86 8.39 -7.22 10.17
C TYR A 86 8.03 -6.69 11.57
N ASP A 87 8.64 -5.56 11.92
CA ASP A 87 8.46 -4.91 13.23
C ASP A 87 7.07 -4.31 13.37
N SER A 88 6.53 -3.85 12.27
CA SER A 88 5.18 -3.32 12.23
C SER A 88 4.12 -4.45 12.25
N LEU A 89 4.59 -5.68 12.21
CA LEU A 89 3.73 -6.84 12.28
C LEU A 89 3.82 -7.41 13.67
N LYS A 90 5.01 -7.86 14.01
CA LYS A 90 5.27 -8.42 15.30
C LYS A 90 5.72 -7.32 16.24
N LEU A 91 4.99 -7.12 17.29
CA LEU A 91 5.39 -6.18 18.30
C LEU A 91 6.42 -6.86 19.18
N LYS A 92 7.67 -6.43 19.04
CA LYS A 92 8.76 -7.07 19.75
C LYS A 92 8.75 -6.78 21.23
N LYS A 93 8.77 -7.81 22.03
CA LYS A 93 8.81 -7.68 23.44
C LYS A 93 9.45 -8.90 24.08
N ASP A 94 9.55 -8.86 25.36
CA ASP A 94 10.06 -9.94 26.15
C ASP A 94 8.90 -10.69 26.74
N LEU A 95 7.99 -9.95 27.32
CA LEU A 95 6.77 -10.51 27.89
C LEU A 95 5.82 -9.33 28.11
N GLU A 96 6.31 -8.30 28.77
CA GLU A 96 5.52 -7.11 29.01
C GLU A 96 5.28 -6.34 27.73
N GLU A 1 -29.22 0.83 -3.17
CA GLU A 1 -30.39 0.07 -3.57
C GLU A 1 -30.06 -1.24 -4.32
N LYS A 2 -29.46 -1.14 -5.48
CA LYS A 2 -29.09 -2.29 -6.28
C LYS A 2 -27.74 -2.01 -6.93
N LYS A 3 -27.62 -0.86 -7.57
CA LYS A 3 -26.39 -0.46 -8.21
C LYS A 3 -25.47 0.14 -7.18
N GLU A 4 -24.62 -0.68 -6.63
CA GLU A 4 -23.73 -0.28 -5.59
C GLU A 4 -22.77 -1.44 -5.40
N GLN A 5 -21.65 -1.20 -4.80
CA GLN A 5 -20.69 -2.25 -4.64
C GLN A 5 -20.43 -2.52 -3.15
N LYS A 6 -20.26 -1.45 -2.38
CA LYS A 6 -19.94 -1.48 -0.95
C LYS A 6 -19.83 -0.04 -0.49
N GLU A 7 -19.07 0.71 -1.26
CA GLU A 7 -18.90 2.14 -1.17
C GLU A 7 -17.96 2.51 -2.31
N LYS A 8 -18.50 2.50 -3.50
CA LYS A 8 -17.73 2.75 -4.69
C LYS A 8 -17.42 4.22 -4.87
N GLU A 9 -16.15 4.54 -4.74
CA GLU A 9 -15.64 5.88 -4.88
C GLU A 9 -14.45 5.83 -5.82
N LYS A 10 -13.67 6.88 -5.89
CA LYS A 10 -12.51 6.88 -6.76
C LYS A 10 -11.32 6.18 -6.15
N LYS A 11 -11.39 5.89 -4.87
CA LYS A 11 -10.26 5.26 -4.20
C LYS A 11 -10.14 3.78 -4.47
N GLU A 12 -11.03 2.97 -3.95
CA GLU A 12 -10.84 1.55 -4.08
C GLU A 12 -11.55 0.92 -5.26
N GLN A 13 -12.58 1.57 -5.74
CA GLN A 13 -13.31 1.05 -6.88
C GLN A 13 -12.40 1.02 -8.12
N GLU A 14 -11.60 2.03 -8.26
CA GLU A 14 -10.75 2.16 -9.42
C GLU A 14 -9.49 1.33 -9.28
N ILE A 15 -8.98 1.19 -8.06
CA ILE A 15 -7.77 0.40 -7.83
C ILE A 15 -8.05 -1.07 -8.03
N LYS A 16 -9.29 -1.45 -7.82
CA LYS A 16 -9.73 -2.80 -8.01
C LYS A 16 -9.78 -3.17 -9.49
N LYS A 17 -9.75 -2.16 -10.32
CA LYS A 17 -9.62 -2.33 -11.74
C LYS A 17 -8.14 -2.23 -12.10
N LYS A 18 -7.56 -1.09 -11.73
CA LYS A 18 -6.20 -0.69 -12.08
C LYS A 18 -5.16 -1.72 -11.63
N PHE A 19 -5.32 -2.20 -10.43
CA PHE A 19 -4.41 -3.17 -9.87
C PHE A 19 -5.02 -4.55 -9.85
N LYS A 20 -6.27 -4.63 -10.28
CA LYS A 20 -7.04 -5.88 -10.26
C LYS A 20 -7.10 -6.47 -8.86
N LEU A 21 -7.96 -5.90 -8.06
CA LEU A 21 -8.08 -6.25 -6.66
C LEU A 21 -9.50 -6.62 -6.28
N THR A 22 -10.32 -6.91 -7.26
CA THR A 22 -11.67 -7.32 -7.01
C THR A 22 -11.71 -8.74 -6.44
N GLY A 23 -11.83 -8.83 -5.15
CA GLY A 23 -11.85 -10.09 -4.47
C GLY A 23 -11.29 -9.93 -3.07
N PRO A 24 -10.85 -11.01 -2.42
CA PRO A 24 -10.30 -10.94 -1.08
C PRO A 24 -8.79 -10.68 -1.06
N ILE A 25 -8.41 -9.47 -0.76
CA ILE A 25 -7.01 -9.13 -0.70
C ILE A 25 -6.56 -8.90 0.73
N GLN A 26 -5.38 -9.33 1.04
CA GLN A 26 -4.85 -9.26 2.39
C GLN A 26 -3.53 -8.58 2.37
N VAL A 27 -3.21 -7.88 3.44
CA VAL A 27 -1.94 -7.21 3.53
C VAL A 27 -0.84 -8.23 3.81
N ILE A 28 0.33 -8.01 3.28
CA ILE A 28 1.42 -8.94 3.44
C ILE A 28 2.36 -8.45 4.56
N HIS A 29 2.58 -7.14 4.60
CA HIS A 29 3.47 -6.51 5.58
C HIS A 29 3.09 -5.07 5.77
N LEU A 30 3.68 -4.45 6.73
CA LEU A 30 3.48 -3.06 6.95
C LEU A 30 4.60 -2.31 6.32
N ALA A 31 4.29 -1.38 5.52
CA ALA A 31 5.28 -0.51 4.99
C ALA A 31 5.14 0.85 5.66
N LYS A 32 6.09 1.66 5.48
CA LYS A 32 6.11 2.95 5.99
C LYS A 32 6.93 3.74 5.06
N ALA A 33 6.25 4.46 4.27
CA ALA A 33 6.82 5.21 3.21
C ALA A 33 7.68 6.33 3.73
N CYS A 34 8.80 6.50 3.14
CA CYS A 34 9.70 7.51 3.55
C CYS A 34 10.01 8.41 2.47
N CYS A 35 10.27 9.62 2.87
CA CYS A 35 10.92 10.58 2.10
C CYS A 35 10.02 11.11 0.97
N ASP A 36 10.40 12.23 0.43
CA ASP A 36 9.74 12.78 -0.76
C ASP A 36 10.04 11.88 -1.96
N VAL A 37 9.08 11.10 -2.31
CA VAL A 37 9.19 10.12 -3.37
C VAL A 37 8.54 10.61 -4.62
N LYS A 38 9.00 10.07 -5.74
CA LYS A 38 8.43 10.33 -7.05
C LYS A 38 6.92 10.19 -6.98
N GLY A 39 6.46 9.03 -6.49
CA GLY A 39 5.02 8.80 -6.28
C GLY A 39 4.15 9.07 -7.50
N GLY A 40 4.62 8.62 -8.65
CA GLY A 40 3.95 8.86 -9.93
C GLY A 40 2.52 8.32 -10.07
N LYS A 41 2.02 8.32 -11.29
CA LYS A 41 0.63 7.96 -11.62
C LYS A 41 0.23 6.56 -11.13
N ASN A 42 1.04 5.55 -11.41
CA ASN A 42 0.69 4.19 -10.96
C ASN A 42 1.16 3.96 -9.56
N GLU A 43 1.96 4.86 -9.09
CA GLU A 43 2.58 4.74 -7.81
C GLU A 43 1.71 5.40 -6.76
N LEU A 44 1.96 5.11 -5.53
CA LEU A 44 1.21 5.71 -4.47
C LEU A 44 1.79 7.04 -4.20
N SER A 45 0.96 7.98 -4.13
CA SER A 45 1.35 9.29 -3.78
C SER A 45 1.35 9.41 -2.25
N PHE A 46 2.32 8.75 -1.66
CA PHE A 46 2.51 8.73 -0.24
C PHE A 46 3.57 9.70 0.17
N LYS A 47 3.79 9.77 1.43
CA LYS A 47 4.67 10.72 2.01
C LYS A 47 5.56 10.03 3.02
N GLN A 48 6.30 10.81 3.70
CA GLN A 48 7.25 10.38 4.68
C GLN A 48 6.55 10.24 6.00
N GLY A 49 6.48 9.05 6.46
CA GLY A 49 5.82 8.79 7.71
C GLY A 49 4.47 8.19 7.46
N GLU A 50 4.15 8.08 6.18
CA GLU A 50 2.92 7.49 5.75
C GLU A 50 2.88 6.01 6.06
N GLN A 51 1.86 5.66 6.78
CA GLN A 51 1.67 4.33 7.22
C GLN A 51 0.81 3.66 6.22
N ILE A 52 1.46 3.01 5.40
CA ILE A 52 0.86 2.25 4.35
C ILE A 52 1.03 0.75 4.57
N GLU A 53 0.18 0.00 3.96
CA GLU A 53 0.28 -1.43 4.04
C GLU A 53 0.44 -1.97 2.65
N ILE A 54 1.32 -2.92 2.44
CA ILE A 54 1.38 -3.51 1.11
C ILE A 54 0.59 -4.82 1.05
N ILE A 55 -0.31 -4.87 0.12
CA ILE A 55 -1.21 -5.99 -0.04
C ILE A 55 -0.73 -6.96 -1.09
N ARG A 56 0.18 -6.56 -1.92
CA ARG A 56 0.65 -7.45 -2.94
C ARG A 56 2.12 -7.27 -3.23
N ILE A 57 2.84 -8.35 -3.06
CA ILE A 57 4.23 -8.45 -3.40
C ILE A 57 4.25 -8.89 -4.84
N THR A 58 4.49 -7.98 -5.71
CA THR A 58 4.41 -8.22 -7.12
C THR A 58 5.69 -8.83 -7.67
N ASP A 59 5.54 -9.55 -8.75
CA ASP A 59 6.64 -10.15 -9.49
C ASP A 59 6.73 -9.50 -10.88
N ASN A 60 5.95 -8.44 -11.03
CA ASN A 60 5.80 -7.70 -12.29
C ASN A 60 7.05 -6.92 -12.67
N PRO A 61 7.22 -6.59 -13.98
CA PRO A 61 8.35 -5.78 -14.47
C PRO A 61 8.27 -4.34 -13.97
N GLU A 62 7.07 -3.95 -13.50
CA GLU A 62 6.81 -2.63 -12.92
C GLU A 62 7.78 -2.37 -11.76
N GLY A 63 8.07 -3.42 -11.01
CA GLY A 63 9.01 -3.34 -9.92
C GLY A 63 8.48 -2.58 -8.76
N LYS A 64 7.18 -2.62 -8.60
CA LYS A 64 6.54 -1.87 -7.57
C LYS A 64 5.57 -2.73 -6.84
N TRP A 65 5.54 -2.60 -5.57
CA TRP A 65 4.63 -3.35 -4.74
C TRP A 65 3.33 -2.64 -4.62
N LEU A 66 2.30 -3.33 -4.26
CA LEU A 66 1.00 -2.72 -4.20
C LEU A 66 0.75 -2.32 -2.74
N GLY A 67 0.71 -1.05 -2.48
CA GLY A 67 0.48 -0.57 -1.15
C GLY A 67 -0.81 0.21 -1.05
N ARG A 68 -1.16 0.59 0.14
CA ARG A 68 -2.36 1.35 0.42
C ARG A 68 -2.11 2.16 1.66
N THR A 69 -2.57 3.38 1.69
CA THR A 69 -2.40 4.20 2.86
C THR A 69 -3.42 3.82 3.92
N ALA A 70 -3.35 4.45 5.08
CA ALA A 70 -4.30 4.21 6.15
C ALA A 70 -5.66 4.83 5.81
N ARG A 71 -5.64 5.73 4.82
CA ARG A 71 -6.87 6.39 4.36
C ARG A 71 -7.53 5.58 3.28
N GLY A 72 -6.78 4.69 2.67
CA GLY A 72 -7.33 3.82 1.66
C GLY A 72 -6.95 4.22 0.24
N SER A 73 -5.80 4.82 0.07
CA SER A 73 -5.32 5.16 -1.24
C SER A 73 -4.33 4.07 -1.64
N TYR A 74 -4.65 3.34 -2.65
CA TYR A 74 -3.81 2.25 -3.13
C TYR A 74 -2.88 2.74 -4.22
N GLY A 75 -1.64 2.28 -4.18
CA GLY A 75 -0.68 2.69 -5.18
C GLY A 75 0.52 1.79 -5.23
N TYR A 76 1.22 1.82 -6.34
CA TYR A 76 2.45 1.08 -6.49
C TYR A 76 3.57 1.75 -5.73
N ILE A 77 4.31 0.96 -5.05
CA ILE A 77 5.37 1.42 -4.22
C ILE A 77 6.69 0.91 -4.71
N LYS A 78 7.65 1.79 -4.89
CA LYS A 78 8.99 1.35 -5.12
C LYS A 78 9.40 0.68 -3.83
N THR A 79 10.05 -0.42 -3.91
CA THR A 79 10.37 -1.21 -2.73
C THR A 79 11.41 -0.49 -1.84
N THR A 80 11.93 0.59 -2.37
CA THR A 80 12.91 1.39 -1.73
C THR A 80 12.26 2.68 -1.17
N ALA A 81 11.03 2.96 -1.59
CA ALA A 81 10.33 4.17 -1.15
C ALA A 81 9.72 3.93 0.22
N VAL A 82 9.69 2.68 0.63
CA VAL A 82 9.14 2.30 1.91
C VAL A 82 10.05 1.39 2.65
N GLU A 83 9.92 1.42 3.93
CA GLU A 83 10.59 0.52 4.78
C GLU A 83 9.56 -0.48 5.20
N ILE A 84 9.74 -1.67 4.76
CA ILE A 84 8.86 -2.76 5.05
C ILE A 84 9.20 -3.32 6.43
N ASP A 85 8.17 -3.69 7.18
CA ASP A 85 8.37 -4.18 8.52
C ASP A 85 9.09 -5.47 8.56
N TYR A 86 10.12 -5.43 9.27
CA TYR A 86 10.86 -6.60 9.60
C TYR A 86 10.48 -7.01 11.02
N ASP A 87 9.50 -6.29 11.56
CA ASP A 87 8.94 -6.51 12.91
C ASP A 87 8.31 -7.88 13.05
N SER A 88 7.65 -8.32 12.03
CA SER A 88 7.03 -9.64 12.02
C SER A 88 8.09 -10.78 12.01
N LEU A 89 9.33 -10.41 11.67
CA LEU A 89 10.44 -11.34 11.66
C LEU A 89 11.30 -11.10 12.90
N LYS A 90 10.92 -10.08 13.64
CA LYS A 90 11.67 -9.60 14.77
C LYS A 90 11.23 -10.28 16.04
N LEU A 91 12.11 -11.08 16.57
CA LEU A 91 11.91 -11.67 17.86
C LEU A 91 12.78 -10.83 18.79
N LYS A 92 14.06 -11.03 18.67
CA LYS A 92 15.06 -10.25 19.33
C LYS A 92 16.39 -10.58 18.67
N LYS A 93 16.41 -10.48 17.37
CA LYS A 93 17.60 -10.72 16.60
C LYS A 93 18.46 -9.48 16.71
N ASP A 94 17.75 -8.34 16.85
CA ASP A 94 18.32 -6.99 16.99
C ASP A 94 19.26 -6.68 15.83
N LEU A 95 20.53 -6.89 16.07
CA LEU A 95 21.58 -6.75 15.10
C LEU A 95 22.74 -7.55 15.64
N GLU A 96 23.67 -7.91 14.80
CA GLU A 96 24.79 -8.67 15.24
C GLU A 96 26.06 -7.84 15.09
N GLU A 1 -20.61 4.12 13.57
CA GLU A 1 -20.62 3.04 12.61
C GLU A 1 -21.51 1.94 13.15
N LYS A 2 -21.87 1.02 12.31
CA LYS A 2 -22.69 -0.08 12.72
C LYS A 2 -21.81 -1.29 12.91
N LYS A 3 -20.86 -1.44 12.02
CA LYS A 3 -19.92 -2.53 12.03
C LYS A 3 -18.70 -2.14 11.21
N GLU A 4 -17.51 -2.49 11.71
CA GLU A 4 -16.22 -2.22 11.03
C GLU A 4 -15.93 -0.73 10.89
N GLN A 5 -14.90 -0.28 11.55
CA GLN A 5 -14.55 1.10 11.44
C GLN A 5 -13.32 1.19 10.56
N LYS A 6 -13.57 1.32 9.29
CA LYS A 6 -12.55 1.51 8.28
C LYS A 6 -13.08 2.52 7.30
N GLU A 7 -12.30 3.53 7.02
CA GLU A 7 -12.74 4.54 6.08
C GLU A 7 -12.56 4.01 4.68
N LYS A 8 -13.62 3.60 4.09
CA LYS A 8 -13.59 3.03 2.79
C LYS A 8 -13.96 4.06 1.75
N GLU A 9 -12.96 4.79 1.34
CA GLU A 9 -13.12 5.82 0.37
C GLU A 9 -13.14 5.19 -1.02
N LYS A 10 -14.03 5.69 -1.86
CA LYS A 10 -14.35 5.11 -3.17
C LYS A 10 -13.21 5.18 -4.21
N LYS A 11 -12.05 5.63 -3.77
CA LYS A 11 -10.85 5.64 -4.57
C LYS A 11 -10.39 4.20 -4.80
N GLU A 12 -10.87 3.30 -3.94
CA GLU A 12 -10.53 1.90 -4.06
C GLU A 12 -11.19 1.26 -5.26
N GLN A 13 -12.26 1.83 -5.74
CA GLN A 13 -12.93 1.30 -6.91
C GLN A 13 -12.04 1.48 -8.13
N GLU A 14 -11.28 2.56 -8.14
CA GLU A 14 -10.39 2.89 -9.23
C GLU A 14 -9.23 1.92 -9.19
N ILE A 15 -8.62 1.79 -8.02
CA ILE A 15 -7.44 0.96 -7.83
C ILE A 15 -7.75 -0.52 -8.12
N LYS A 16 -8.99 -0.89 -7.97
CA LYS A 16 -9.40 -2.27 -8.15
C LYS A 16 -9.45 -2.64 -9.61
N LYS A 17 -9.67 -1.67 -10.44
CA LYS A 17 -9.67 -1.87 -11.88
C LYS A 17 -8.25 -1.65 -12.38
N LYS A 18 -7.62 -0.67 -11.79
CA LYS A 18 -6.28 -0.20 -12.13
C LYS A 18 -5.27 -1.30 -11.88
N PHE A 19 -5.30 -1.88 -10.70
CA PHE A 19 -4.34 -2.87 -10.31
C PHE A 19 -4.94 -4.27 -10.38
N LYS A 20 -6.23 -4.35 -10.65
CA LYS A 20 -6.99 -5.61 -10.65
C LYS A 20 -6.84 -6.30 -9.31
N LEU A 21 -7.63 -5.86 -8.37
CA LEU A 21 -7.50 -6.37 -7.03
C LEU A 21 -8.30 -7.66 -6.90
N THR A 22 -9.52 -7.62 -7.42
CA THR A 22 -10.46 -8.74 -7.48
C THR A 22 -10.63 -9.53 -6.19
N GLY A 23 -11.64 -9.21 -5.43
CA GLY A 23 -11.92 -9.95 -4.23
C GLY A 23 -11.30 -9.34 -3.00
N PRO A 24 -11.53 -9.93 -1.83
CA PRO A 24 -10.96 -9.46 -0.59
C PRO A 24 -9.47 -9.79 -0.52
N ILE A 25 -8.69 -8.85 -0.08
CA ILE A 25 -7.27 -9.03 0.02
C ILE A 25 -6.78 -8.76 1.43
N GLN A 26 -5.62 -9.26 1.74
CA GLN A 26 -5.02 -9.10 3.04
C GLN A 26 -3.61 -8.58 2.87
N VAL A 27 -3.15 -7.79 3.81
CA VAL A 27 -1.82 -7.21 3.74
C VAL A 27 -0.74 -8.27 4.03
N ILE A 28 0.40 -8.15 3.38
CA ILE A 28 1.50 -9.10 3.60
C ILE A 28 2.53 -8.52 4.58
N HIS A 29 2.89 -7.28 4.40
CA HIS A 29 3.94 -6.66 5.22
C HIS A 29 3.54 -5.26 5.56
N LEU A 30 4.17 -4.68 6.54
CA LEU A 30 3.87 -3.34 6.87
C LEU A 30 4.92 -2.44 6.27
N ALA A 31 4.47 -1.53 5.45
CA ALA A 31 5.33 -0.58 4.80
C ALA A 31 5.24 0.77 5.49
N LYS A 32 6.15 1.60 5.23
CA LYS A 32 6.22 2.89 5.76
C LYS A 32 6.94 3.71 4.73
N ALA A 33 6.20 4.48 4.07
CA ALA A 33 6.72 5.29 3.02
C ALA A 33 7.55 6.42 3.59
N CYS A 34 8.77 6.52 3.13
CA CYS A 34 9.63 7.55 3.59
C CYS A 34 9.90 8.51 2.54
N CYS A 35 10.10 9.71 2.97
CA CYS A 35 10.73 10.73 2.22
C CYS A 35 9.79 11.27 1.13
N ASP A 36 10.16 12.37 0.53
CA ASP A 36 9.44 12.89 -0.62
C ASP A 36 9.78 12.06 -1.84
N VAL A 37 8.87 11.21 -2.18
CA VAL A 37 9.04 10.25 -3.26
C VAL A 37 8.44 10.78 -4.53
N LYS A 38 8.93 10.25 -5.65
CA LYS A 38 8.37 10.54 -6.97
C LYS A 38 6.86 10.34 -6.90
N GLY A 39 6.45 9.15 -6.45
CA GLY A 39 5.05 8.87 -6.25
C GLY A 39 4.22 9.02 -7.50
N GLY A 40 4.74 8.51 -8.60
CA GLY A 40 4.10 8.61 -9.92
C GLY A 40 2.61 8.22 -10.00
N LYS A 41 2.06 8.33 -11.18
CA LYS A 41 0.64 8.10 -11.42
C LYS A 41 0.20 6.66 -11.09
N ASN A 42 1.07 5.71 -11.32
CA ASN A 42 0.77 4.32 -10.97
C ASN A 42 1.14 4.03 -9.53
N GLU A 43 1.93 4.89 -8.95
CA GLU A 43 2.36 4.73 -7.59
C GLU A 43 1.44 5.46 -6.63
N LEU A 44 1.65 5.21 -5.37
CA LEU A 44 0.81 5.75 -4.35
C LEU A 44 1.17 7.19 -4.07
N SER A 45 0.17 7.96 -3.85
CA SER A 45 0.31 9.34 -3.48
C SER A 45 0.60 9.46 -1.97
N PHE A 46 1.53 8.65 -1.49
CA PHE A 46 1.90 8.66 -0.10
C PHE A 46 2.97 9.68 0.19
N LYS A 47 3.28 9.78 1.44
CA LYS A 47 4.22 10.73 1.95
C LYS A 47 5.16 10.04 2.92
N GLN A 48 5.95 10.81 3.55
CA GLN A 48 6.91 10.42 4.51
C GLN A 48 6.20 10.23 5.81
N GLY A 49 6.36 9.08 6.35
CA GLY A 49 5.77 8.75 7.61
C GLY A 49 4.43 8.13 7.39
N GLU A 50 4.12 7.91 6.12
CA GLU A 50 2.88 7.33 5.74
C GLU A 50 2.84 5.86 6.03
N GLN A 51 1.88 5.53 6.81
CA GLN A 51 1.65 4.22 7.25
C GLN A 51 0.84 3.58 6.19
N ILE A 52 1.52 2.93 5.39
CA ILE A 52 0.96 2.18 4.32
C ILE A 52 1.12 0.70 4.53
N GLU A 53 0.30 -0.06 3.88
CA GLU A 53 0.41 -1.49 3.95
C GLU A 53 0.52 -2.04 2.56
N ILE A 54 1.44 -2.94 2.34
CA ILE A 54 1.50 -3.55 1.02
C ILE A 54 0.86 -4.93 1.01
N ILE A 55 -0.04 -5.09 0.09
CA ILE A 55 -0.81 -6.30 -0.04
C ILE A 55 -0.20 -7.20 -1.11
N ARG A 56 0.35 -6.60 -2.14
CA ARG A 56 0.84 -7.38 -3.23
C ARG A 56 2.33 -7.25 -3.42
N ILE A 57 3.03 -8.33 -3.11
CA ILE A 57 4.46 -8.44 -3.34
C ILE A 57 4.55 -9.12 -4.69
N THR A 58 4.76 -8.36 -5.71
CA THR A 58 4.69 -8.91 -7.03
C THR A 58 6.03 -8.85 -7.75
N ASP A 59 6.29 -9.90 -8.50
CA ASP A 59 7.50 -10.08 -9.29
C ASP A 59 7.28 -9.58 -10.72
N ASN A 60 6.11 -9.00 -10.93
CA ASN A 60 5.74 -8.41 -12.21
C ASN A 60 6.75 -7.32 -12.59
N PRO A 61 7.26 -7.33 -13.86
CA PRO A 61 8.25 -6.37 -14.41
C PRO A 61 8.17 -4.91 -13.90
N GLU A 62 6.98 -4.44 -13.50
CA GLU A 62 6.83 -3.09 -12.95
C GLU A 62 7.72 -2.92 -11.71
N GLY A 63 7.87 -3.99 -10.94
CA GLY A 63 8.75 -4.00 -9.79
C GLY A 63 8.27 -3.14 -8.66
N LYS A 64 6.98 -3.03 -8.51
CA LYS A 64 6.43 -2.20 -7.47
C LYS A 64 5.59 -3.07 -6.57
N TRP A 65 5.39 -2.61 -5.37
CA TRP A 65 4.51 -3.30 -4.44
C TRP A 65 3.20 -2.57 -4.38
N LEU A 66 2.12 -3.29 -4.29
CA LEU A 66 0.83 -2.67 -4.19
C LEU A 66 0.55 -2.36 -2.74
N GLY A 67 0.58 -1.10 -2.44
CA GLY A 67 0.36 -0.63 -1.11
C GLY A 67 -0.89 0.20 -1.02
N ARG A 68 -1.20 0.60 0.16
CA ARG A 68 -2.34 1.44 0.45
C ARG A 68 -2.03 2.25 1.68
N THR A 69 -2.47 3.47 1.73
CA THR A 69 -2.32 4.28 2.91
C THR A 69 -3.40 3.89 3.91
N ALA A 70 -3.33 4.43 5.12
CA ALA A 70 -4.35 4.16 6.11
C ALA A 70 -5.61 4.96 5.76
N ARG A 71 -5.46 5.87 4.81
CA ARG A 71 -6.57 6.63 4.28
C ARG A 71 -7.32 5.84 3.19
N GLY A 72 -6.78 4.70 2.80
CA GLY A 72 -7.44 3.87 1.83
C GLY A 72 -7.06 4.19 0.40
N SER A 73 -5.91 4.78 0.20
CA SER A 73 -5.45 5.08 -1.11
C SER A 73 -4.41 4.06 -1.50
N TYR A 74 -4.73 3.25 -2.46
CA TYR A 74 -3.84 2.22 -2.96
C TYR A 74 -2.96 2.74 -4.07
N GLY A 75 -1.77 2.23 -4.14
CA GLY A 75 -0.86 2.63 -5.18
C GLY A 75 0.34 1.73 -5.25
N TYR A 76 1.03 1.74 -6.37
CA TYR A 76 2.28 1.04 -6.47
C TYR A 76 3.31 1.73 -5.63
N ILE A 77 4.34 1.05 -5.33
CA ILE A 77 5.36 1.56 -4.50
C ILE A 77 6.68 1.08 -5.01
N LYS A 78 7.61 1.99 -5.25
CA LYS A 78 8.97 1.55 -5.48
C LYS A 78 9.39 0.93 -4.15
N THR A 79 9.98 -0.23 -4.16
CA THR A 79 10.26 -0.95 -2.92
C THR A 79 11.30 -0.23 -2.03
N THR A 80 11.90 0.79 -2.58
CA THR A 80 12.90 1.57 -1.92
C THR A 80 12.28 2.85 -1.34
N ALA A 81 11.07 3.17 -1.77
CA ALA A 81 10.35 4.37 -1.30
C ALA A 81 9.82 4.08 0.09
N VAL A 82 9.72 2.81 0.40
CA VAL A 82 9.20 2.38 1.67
C VAL A 82 10.16 1.46 2.34
N GLU A 83 9.93 1.25 3.59
CA GLU A 83 10.72 0.38 4.38
C GLU A 83 9.78 -0.64 5.00
N ILE A 84 9.91 -1.87 4.59
CA ILE A 84 9.08 -2.92 5.14
C ILE A 84 9.74 -3.52 6.35
N ASP A 85 9.04 -3.52 7.44
CA ASP A 85 9.53 -4.13 8.64
C ASP A 85 8.89 -5.45 8.80
N TYR A 86 9.67 -6.37 9.24
CA TYR A 86 9.20 -7.67 9.52
C TYR A 86 8.83 -7.70 11.00
N ASP A 87 9.41 -6.76 11.75
CA ASP A 87 9.16 -6.60 13.18
C ASP A 87 7.70 -6.34 13.45
N SER A 88 7.08 -5.55 12.61
CA SER A 88 5.67 -5.24 12.73
C SER A 88 4.79 -6.49 12.54
N LEU A 89 5.33 -7.51 11.89
CA LEU A 89 4.60 -8.75 11.68
C LEU A 89 4.78 -9.64 12.90
N LYS A 90 5.91 -9.49 13.54
CA LYS A 90 6.25 -10.20 14.77
C LYS A 90 5.41 -9.63 15.91
N LEU A 91 5.35 -8.32 15.93
CA LEU A 91 4.62 -7.56 16.94
C LEU A 91 3.11 -7.68 16.71
N LYS A 92 2.73 -8.01 15.47
CA LYS A 92 1.34 -8.15 15.07
C LYS A 92 0.68 -9.24 15.93
N LYS A 93 -0.24 -8.81 16.73
CA LYS A 93 -0.96 -9.67 17.66
C LYS A 93 -2.34 -9.06 17.82
N ASP A 94 -2.36 -7.75 17.98
CA ASP A 94 -3.58 -6.95 18.12
C ASP A 94 -4.48 -7.11 16.90
N LEU A 95 -5.77 -7.17 17.15
CA LEU A 95 -6.72 -7.34 16.10
C LEU A 95 -7.11 -6.01 15.48
N GLU A 96 -6.37 -5.68 14.46
CA GLU A 96 -6.53 -4.51 13.66
C GLU A 96 -5.50 -4.64 12.55
N GLU A 1 -25.52 -13.16 8.03
CA GLU A 1 -24.22 -12.54 8.20
C GLU A 1 -24.32 -11.06 7.90
N LYS A 2 -23.80 -10.27 8.78
CA LYS A 2 -23.74 -8.85 8.62
C LYS A 2 -22.38 -8.40 9.08
N LYS A 3 -21.48 -8.31 8.16
CA LYS A 3 -20.11 -7.98 8.48
C LYS A 3 -19.69 -6.68 7.81
N GLU A 4 -20.37 -6.33 6.74
CA GLU A 4 -20.04 -5.14 6.02
C GLU A 4 -20.99 -4.03 6.44
N GLN A 5 -20.47 -3.09 7.17
CA GLN A 5 -21.21 -1.95 7.62
C GLN A 5 -20.47 -0.66 7.25
N LYS A 6 -19.16 -0.74 7.16
CA LYS A 6 -18.34 0.44 6.90
C LYS A 6 -17.30 0.16 5.83
N GLU A 7 -17.55 -0.82 5.00
CA GLU A 7 -16.61 -1.18 3.97
C GLU A 7 -17.22 -0.93 2.59
N LYS A 8 -17.12 0.31 2.16
CA LYS A 8 -17.69 0.70 0.90
C LYS A 8 -16.65 1.41 0.06
N GLU A 9 -16.21 0.72 -0.95
CA GLU A 9 -15.18 1.20 -1.85
C GLU A 9 -15.64 2.40 -2.65
N LYS A 10 -15.02 3.54 -2.42
CA LYS A 10 -15.31 4.72 -3.21
C LYS A 10 -14.13 4.99 -4.14
N LYS A 11 -12.98 5.23 -3.54
CA LYS A 11 -11.74 5.46 -4.28
C LYS A 11 -11.17 4.13 -4.73
N GLU A 12 -11.63 3.09 -4.09
CA GLU A 12 -11.16 1.76 -4.35
C GLU A 12 -11.87 1.14 -5.56
N GLN A 13 -12.88 1.82 -6.08
CA GLN A 13 -13.61 1.34 -7.25
C GLN A 13 -12.69 1.23 -8.46
N GLU A 14 -11.82 2.19 -8.61
CA GLU A 14 -10.88 2.18 -9.72
C GLU A 14 -9.70 1.31 -9.43
N ILE A 15 -9.32 1.20 -8.17
CA ILE A 15 -8.09 0.51 -7.83
C ILE A 15 -8.17 -0.97 -8.18
N LYS A 16 -9.38 -1.50 -8.11
CA LYS A 16 -9.63 -2.89 -8.39
C LYS A 16 -9.41 -3.19 -9.86
N LYS A 17 -9.60 -2.18 -10.67
CA LYS A 17 -9.43 -2.29 -12.11
C LYS A 17 -7.98 -1.93 -12.47
N LYS A 18 -7.53 -0.83 -11.89
CA LYS A 18 -6.23 -0.24 -12.14
C LYS A 18 -5.09 -1.14 -11.67
N PHE A 19 -5.22 -1.68 -10.48
CA PHE A 19 -4.15 -2.49 -9.91
C PHE A 19 -4.50 -3.96 -9.86
N LYS A 20 -5.76 -4.27 -10.16
CA LYS A 20 -6.29 -5.66 -10.14
C LYS A 20 -6.31 -6.21 -8.71
N LEU A 21 -7.25 -5.75 -7.93
CA LEU A 21 -7.42 -6.25 -6.56
C LEU A 21 -8.66 -7.02 -6.39
N THR A 22 -9.21 -7.45 -7.48
CA THR A 22 -10.40 -8.24 -7.48
C THR A 22 -10.13 -9.64 -6.88
N GLY A 23 -10.21 -9.71 -5.58
CA GLY A 23 -9.96 -10.92 -4.84
C GLY A 23 -9.84 -10.60 -3.36
N PRO A 24 -9.58 -11.59 -2.51
CA PRO A 24 -9.49 -11.39 -1.08
C PRO A 24 -8.08 -10.94 -0.63
N ILE A 25 -7.95 -9.69 -0.29
CA ILE A 25 -6.69 -9.15 0.18
C ILE A 25 -6.73 -8.95 1.68
N GLN A 26 -5.58 -8.85 2.29
CA GLN A 26 -5.47 -8.61 3.71
C GLN A 26 -4.45 -7.53 3.96
N VAL A 27 -3.20 -7.95 3.96
CA VAL A 27 -1.97 -7.17 4.10
C VAL A 27 -0.87 -8.16 4.04
N ILE A 28 0.27 -7.76 3.62
CA ILE A 28 1.42 -8.64 3.65
C ILE A 28 2.23 -8.27 4.87
N HIS A 29 2.40 -6.98 5.04
CA HIS A 29 3.16 -6.36 6.11
C HIS A 29 2.71 -4.95 6.19
N LEU A 30 3.30 -4.21 7.05
CA LEU A 30 3.03 -2.83 7.14
C LEU A 30 4.23 -2.08 6.57
N ALA A 31 3.95 -1.20 5.66
CA ALA A 31 4.97 -0.37 5.09
C ALA A 31 4.85 1.03 5.67
N LYS A 32 5.81 1.82 5.40
CA LYS A 32 5.85 3.15 5.77
C LYS A 32 6.70 3.81 4.77
N ALA A 33 6.07 4.53 3.95
CA ALA A 33 6.72 5.22 2.90
C ALA A 33 7.70 6.21 3.46
N CYS A 34 8.85 6.25 2.90
CA CYS A 34 9.86 7.11 3.38
C CYS A 34 10.08 8.14 2.34
N CYS A 35 10.89 9.10 2.69
CA CYS A 35 11.48 10.00 1.77
C CYS A 35 10.45 10.82 0.92
N ASP A 36 10.95 11.71 0.14
CA ASP A 36 10.16 12.34 -0.91
C ASP A 36 10.37 11.57 -2.20
N VAL A 37 9.45 10.69 -2.44
CA VAL A 37 9.45 9.77 -3.57
C VAL A 37 8.74 10.36 -4.76
N LYS A 38 9.04 9.85 -5.96
CA LYS A 38 8.37 10.31 -7.15
C LYS A 38 6.86 10.12 -7.04
N GLY A 39 6.40 8.99 -6.46
CA GLY A 39 4.96 8.80 -6.22
C GLY A 39 4.08 9.00 -7.46
N GLY A 40 4.55 8.46 -8.57
CA GLY A 40 3.95 8.64 -9.90
C GLY A 40 2.46 8.33 -10.03
N LYS A 41 1.98 8.39 -11.26
CA LYS A 41 0.54 8.28 -11.57
C LYS A 41 -0.06 6.95 -11.17
N ASN A 42 0.69 5.88 -11.33
CA ASN A 42 0.20 4.58 -10.93
C ASN A 42 0.80 4.19 -9.59
N GLU A 43 1.57 5.08 -9.05
CA GLU A 43 2.18 4.87 -7.78
C GLU A 43 1.33 5.50 -6.70
N LEU A 44 1.74 5.39 -5.48
CA LEU A 44 1.00 5.96 -4.42
C LEU A 44 1.55 7.31 -4.11
N SER A 45 0.67 8.22 -3.94
CA SER A 45 1.02 9.54 -3.56
C SER A 45 1.13 9.59 -2.05
N PHE A 46 2.22 9.06 -1.58
CA PHE A 46 2.53 9.01 -0.19
C PHE A 46 3.78 9.79 0.07
N LYS A 47 4.13 9.92 1.32
CA LYS A 47 5.31 10.63 1.71
C LYS A 47 6.01 9.94 2.87
N GLN A 48 7.02 10.58 3.31
CA GLN A 48 7.93 10.19 4.37
C GLN A 48 7.19 10.14 5.68
N GLY A 49 6.98 8.96 6.16
CA GLY A 49 6.31 8.76 7.41
C GLY A 49 4.89 8.28 7.21
N GLU A 50 4.56 8.02 5.96
CA GLU A 50 3.26 7.55 5.60
C GLU A 50 3.10 6.08 5.83
N GLN A 51 2.20 5.78 6.71
CA GLN A 51 1.91 4.47 7.12
C GLN A 51 0.93 3.92 6.16
N ILE A 52 1.47 3.23 5.28
CA ILE A 52 0.75 2.51 4.27
C ILE A 52 0.85 1.00 4.47
N GLU A 53 -0.06 0.29 3.93
CA GLU A 53 -0.02 -1.14 4.04
C GLU A 53 0.10 -1.72 2.67
N ILE A 54 0.97 -2.67 2.49
CA ILE A 54 1.03 -3.35 1.21
C ILE A 54 0.22 -4.63 1.30
N ILE A 55 -0.54 -4.88 0.28
CA ILE A 55 -1.43 -6.02 0.25
C ILE A 55 -1.12 -6.97 -0.89
N ARG A 56 -0.07 -6.67 -1.61
CA ARG A 56 0.39 -7.54 -2.67
C ARG A 56 1.88 -7.41 -2.84
N ILE A 57 2.54 -8.52 -3.09
CA ILE A 57 3.94 -8.53 -3.38
C ILE A 57 4.06 -8.86 -4.85
N THR A 58 4.20 -7.84 -5.62
CA THR A 58 4.30 -7.93 -7.04
C THR A 58 5.71 -8.16 -7.54
N ASP A 59 5.81 -8.99 -8.55
CA ASP A 59 7.06 -9.27 -9.24
C ASP A 59 6.98 -8.73 -10.66
N ASN A 60 5.79 -8.20 -10.98
CA ASN A 60 5.46 -7.63 -12.30
C ASN A 60 6.44 -6.54 -12.74
N PRO A 61 6.64 -6.40 -14.10
CA PRO A 61 7.58 -5.45 -14.75
C PRO A 61 7.74 -4.08 -14.07
N GLU A 62 6.65 -3.53 -13.53
CA GLU A 62 6.69 -2.24 -12.80
C GLU A 62 7.75 -2.24 -11.70
N GLY A 63 7.92 -3.39 -11.05
CA GLY A 63 8.87 -3.48 -9.97
C GLY A 63 8.39 -2.73 -8.77
N LYS A 64 7.09 -2.69 -8.62
CA LYS A 64 6.48 -1.93 -7.57
C LYS A 64 5.51 -2.81 -6.85
N TRP A 65 5.35 -2.58 -5.59
CA TRP A 65 4.39 -3.29 -4.79
C TRP A 65 3.12 -2.53 -4.72
N LEU A 66 2.07 -3.19 -4.39
CA LEU A 66 0.81 -2.53 -4.30
C LEU A 66 0.49 -2.24 -2.85
N GLY A 67 0.55 -0.98 -2.52
CA GLY A 67 0.29 -0.51 -1.22
C GLY A 67 -0.95 0.34 -1.19
N ARG A 68 -1.32 0.75 -0.04
CA ARG A 68 -2.46 1.58 0.19
C ARG A 68 -2.18 2.36 1.44
N THR A 69 -2.63 3.56 1.53
CA THR A 69 -2.45 4.34 2.72
C THR A 69 -3.35 3.84 3.85
N ALA A 70 -3.26 4.46 5.01
CA ALA A 70 -4.12 4.12 6.15
C ALA A 70 -5.60 4.33 5.80
N ARG A 71 -5.87 5.34 4.97
CA ARG A 71 -7.22 5.61 4.48
C ARG A 71 -7.58 4.72 3.29
N GLY A 72 -6.65 3.89 2.89
CA GLY A 72 -6.89 2.91 1.86
C GLY A 72 -6.72 3.43 0.45
N SER A 73 -5.86 4.39 0.24
CA SER A 73 -5.62 4.87 -1.08
C SER A 73 -4.46 4.07 -1.66
N TYR A 74 -4.79 3.28 -2.64
CA TYR A 74 -3.86 2.32 -3.24
C TYR A 74 -2.94 2.94 -4.26
N GLY A 75 -1.72 2.42 -4.32
CA GLY A 75 -0.75 2.86 -5.28
C GLY A 75 0.47 1.98 -5.31
N TYR A 76 1.18 1.99 -6.43
CA TYR A 76 2.42 1.26 -6.55
C TYR A 76 3.54 1.89 -5.74
N ILE A 77 4.35 1.04 -5.18
CA ILE A 77 5.41 1.45 -4.32
C ILE A 77 6.73 0.87 -4.78
N LYS A 78 7.75 1.69 -4.92
CA LYS A 78 9.07 1.17 -5.09
C LYS A 78 9.39 0.48 -3.78
N THR A 79 10.05 -0.63 -3.80
CA THR A 79 10.29 -1.36 -2.58
C THR A 79 11.29 -0.64 -1.64
N THR A 80 11.87 0.40 -2.18
CA THR A 80 12.80 1.23 -1.48
C THR A 80 12.11 2.56 -1.08
N ALA A 81 10.90 2.77 -1.59
CA ALA A 81 10.13 3.98 -1.28
C ALA A 81 9.44 3.81 0.05
N VAL A 82 9.47 2.59 0.55
CA VAL A 82 8.90 2.27 1.84
C VAL A 82 9.83 1.46 2.65
N GLU A 83 9.60 1.52 3.91
CA GLU A 83 10.27 0.73 4.85
C GLU A 83 9.26 -0.33 5.26
N ILE A 84 9.56 -1.52 4.92
CA ILE A 84 8.71 -2.68 5.16
C ILE A 84 9.15 -3.36 6.45
N ASP A 85 8.18 -3.73 7.28
CA ASP A 85 8.50 -4.43 8.52
C ASP A 85 8.81 -5.86 8.23
N TYR A 86 9.58 -6.43 9.08
CA TYR A 86 9.83 -7.84 9.07
C TYR A 86 8.99 -8.51 10.17
N ASP A 87 8.63 -7.70 11.16
CA ASP A 87 7.98 -8.16 12.41
C ASP A 87 6.60 -8.76 12.28
N SER A 88 5.93 -8.52 11.17
CA SER A 88 4.60 -9.09 10.93
C SER A 88 4.65 -10.63 10.83
N LEU A 89 5.86 -11.17 10.59
CA LEU A 89 6.05 -12.61 10.49
C LEU A 89 5.94 -13.27 11.86
N LYS A 90 6.22 -12.50 12.90
CA LYS A 90 6.10 -13.00 14.25
C LYS A 90 4.81 -12.55 14.86
N LEU A 91 4.40 -13.24 15.86
CA LEU A 91 3.25 -12.90 16.63
C LEU A 91 3.69 -13.12 18.06
N LYS A 92 4.26 -12.10 18.64
CA LYS A 92 4.81 -12.22 19.95
C LYS A 92 4.51 -10.99 20.74
N LYS A 93 3.94 -11.20 21.87
CA LYS A 93 3.73 -10.12 22.79
C LYS A 93 5.03 -9.89 23.52
N ASP A 94 5.70 -8.83 23.19
CA ASP A 94 6.92 -8.48 23.87
C ASP A 94 6.98 -7.00 24.06
N LEU A 95 6.31 -6.58 25.07
CA LEU A 95 6.28 -5.21 25.47
C LEU A 95 7.14 -5.08 26.69
N GLU A 96 6.92 -5.97 27.62
CA GLU A 96 7.66 -6.03 28.84
C GLU A 96 8.80 -7.01 28.61
N GLU A 1 -29.48 0.14 10.27
CA GLU A 1 -28.57 0.44 11.38
C GLU A 1 -27.16 0.48 10.85
N LYS A 2 -26.22 0.76 11.71
CA LYS A 2 -24.84 0.78 11.29
C LYS A 2 -24.05 -0.29 12.02
N LYS A 3 -23.19 -0.94 11.31
CA LYS A 3 -22.31 -1.95 11.84
C LYS A 3 -20.92 -1.61 11.41
N GLU A 4 -20.24 -0.84 12.26
CA GLU A 4 -18.89 -0.34 11.99
C GLU A 4 -18.94 0.65 10.80
N GLN A 5 -17.86 1.34 10.54
CA GLN A 5 -17.81 2.15 9.37
C GLN A 5 -17.51 1.21 8.24
N LYS A 6 -18.34 1.20 7.24
CA LYS A 6 -18.20 0.25 6.18
C LYS A 6 -17.69 0.98 4.96
N GLU A 7 -16.40 0.88 4.73
CA GLU A 7 -15.79 1.51 3.60
C GLU A 7 -16.12 0.76 2.34
N LYS A 8 -16.67 1.47 1.43
CA LYS A 8 -16.98 1.00 0.12
C LYS A 8 -16.61 2.16 -0.76
N GLU A 9 -15.34 2.28 -0.94
CA GLU A 9 -14.75 3.44 -1.54
C GLU A 9 -15.02 3.55 -3.02
N LYS A 10 -15.30 4.74 -3.46
CA LYS A 10 -15.43 4.99 -4.87
C LYS A 10 -14.05 5.14 -5.49
N LYS A 11 -13.04 5.26 -4.65
CA LYS A 11 -11.67 5.25 -5.10
C LYS A 11 -11.19 3.81 -5.34
N GLU A 12 -11.78 2.85 -4.59
CA GLU A 12 -11.32 1.47 -4.69
C GLU A 12 -11.82 0.79 -5.94
N GLN A 13 -12.93 1.29 -6.48
CA GLN A 13 -13.47 0.75 -7.73
C GLN A 13 -12.45 1.04 -8.85
N GLU A 14 -11.73 2.14 -8.68
CA GLU A 14 -10.72 2.54 -9.61
C GLU A 14 -9.49 1.70 -9.41
N ILE A 15 -8.97 1.69 -8.20
CA ILE A 15 -7.73 0.97 -7.89
C ILE A 15 -7.80 -0.52 -8.22
N LYS A 16 -8.99 -1.08 -8.18
CA LYS A 16 -9.15 -2.49 -8.45
C LYS A 16 -9.15 -2.79 -9.93
N LYS A 17 -9.49 -1.81 -10.72
CA LYS A 17 -9.43 -1.93 -12.15
C LYS A 17 -8.03 -1.48 -12.59
N LYS A 18 -7.55 -0.42 -11.97
CA LYS A 18 -6.30 0.26 -12.25
C LYS A 18 -5.10 -0.64 -12.07
N PHE A 19 -5.06 -1.33 -10.95
CA PHE A 19 -3.92 -2.20 -10.65
C PHE A 19 -4.27 -3.63 -10.94
N LYS A 20 -5.52 -3.85 -11.29
CA LYS A 20 -6.09 -5.17 -11.45
C LYS A 20 -5.98 -5.89 -10.13
N LEU A 21 -6.82 -5.47 -9.24
CA LEU A 21 -6.74 -5.86 -7.86
C LEU A 21 -8.06 -6.46 -7.39
N THR A 22 -8.91 -6.81 -8.33
CA THR A 22 -10.18 -7.40 -8.01
C THR A 22 -10.04 -8.82 -7.47
N GLY A 23 -9.93 -8.90 -6.16
CA GLY A 23 -9.79 -10.15 -5.50
C GLY A 23 -9.51 -9.95 -4.04
N PRO A 24 -9.28 -11.01 -3.29
CA PRO A 24 -9.01 -10.93 -1.86
C PRO A 24 -7.56 -10.51 -1.59
N ILE A 25 -7.39 -9.45 -0.86
CA ILE A 25 -6.08 -8.99 -0.48
C ILE A 25 -5.79 -9.22 1.00
N GLN A 26 -4.56 -9.47 1.31
CA GLN A 26 -4.09 -9.67 2.67
C GLN A 26 -2.94 -8.79 2.88
N VAL A 27 -2.91 -8.18 4.02
CA VAL A 27 -1.89 -7.28 4.37
C VAL A 27 -0.63 -8.08 4.67
N ILE A 28 0.36 -7.96 3.83
CA ILE A 28 1.54 -8.78 3.94
C ILE A 28 2.52 -8.19 4.96
N HIS A 29 2.72 -6.89 4.90
CA HIS A 29 3.63 -6.20 5.81
C HIS A 29 3.16 -4.79 6.01
N LEU A 30 3.73 -4.15 6.98
CA LEU A 30 3.52 -2.76 7.20
C LEU A 30 4.66 -1.99 6.54
N ALA A 31 4.34 -1.18 5.59
CA ALA A 31 5.33 -0.34 4.94
C ALA A 31 5.21 1.06 5.48
N LYS A 32 6.19 1.82 5.24
CA LYS A 32 6.27 3.14 5.74
C LYS A 32 7.04 3.88 4.73
N ALA A 33 6.32 4.63 3.99
CA ALA A 33 6.87 5.39 2.92
C ALA A 33 7.79 6.44 3.48
N CYS A 34 9.00 6.45 2.99
CA CYS A 34 9.98 7.37 3.48
C CYS A 34 10.28 8.38 2.51
N CYS A 35 10.58 9.53 3.04
CA CYS A 35 11.23 10.56 2.32
C CYS A 35 10.29 11.12 1.23
N ASP A 36 10.76 12.06 0.48
CA ASP A 36 10.01 12.54 -0.68
C ASP A 36 10.16 11.54 -1.79
N VAL A 37 9.08 10.91 -2.14
CA VAL A 37 9.07 9.89 -3.17
C VAL A 37 8.42 10.41 -4.43
N LYS A 38 8.75 9.82 -5.56
CA LYS A 38 8.02 10.11 -6.79
C LYS A 38 6.51 9.95 -6.57
N GLY A 39 6.05 8.73 -6.31
CA GLY A 39 4.62 8.54 -6.01
C GLY A 39 3.73 8.95 -7.16
N GLY A 40 4.14 8.56 -8.36
CA GLY A 40 3.50 8.95 -9.59
C GLY A 40 2.03 8.54 -9.79
N LYS A 41 1.65 8.35 -11.03
CA LYS A 41 0.25 8.12 -11.38
C LYS A 41 -0.25 6.74 -10.99
N ASN A 42 0.57 5.74 -11.14
CA ASN A 42 0.17 4.38 -10.77
C ASN A 42 0.80 4.01 -9.45
N GLU A 43 1.56 4.92 -8.93
CA GLU A 43 2.24 4.72 -7.69
C GLU A 43 1.43 5.41 -6.62
N LEU A 44 1.68 5.09 -5.40
CA LEU A 44 0.94 5.68 -4.33
C LEU A 44 1.48 7.04 -4.07
N SER A 45 0.62 7.96 -4.05
CA SER A 45 0.96 9.31 -3.74
C SER A 45 0.93 9.49 -2.23
N PHE A 46 1.87 8.84 -1.60
CA PHE A 46 2.06 8.91 -0.18
C PHE A 46 3.16 9.89 0.12
N LYS A 47 3.62 9.87 1.32
CA LYS A 47 4.54 10.81 1.76
C LYS A 47 5.45 10.15 2.79
N GLN A 48 6.23 10.96 3.34
CA GLN A 48 7.26 10.66 4.28
C GLN A 48 6.64 10.46 5.64
N GLY A 49 6.57 9.25 6.05
CA GLY A 49 5.99 8.94 7.31
C GLY A 49 4.59 8.43 7.14
N GLU A 50 4.21 8.19 5.90
CA GLU A 50 2.92 7.62 5.62
C GLU A 50 2.90 6.15 5.92
N GLN A 51 1.91 5.77 6.67
CA GLN A 51 1.77 4.44 7.14
C GLN A 51 0.89 3.78 6.15
N ILE A 52 1.53 3.13 5.32
CA ILE A 52 0.93 2.32 4.29
C ILE A 52 1.08 0.84 4.58
N GLU A 53 0.25 0.07 4.01
CA GLU A 53 0.33 -1.35 4.18
C GLU A 53 0.31 -1.98 2.82
N ILE A 54 1.25 -2.85 2.55
CA ILE A 54 1.22 -3.53 1.25
C ILE A 54 0.44 -4.82 1.36
N ILE A 55 -0.45 -5.01 0.42
CA ILE A 55 -1.34 -6.16 0.40
C ILE A 55 -1.10 -7.00 -0.84
N ARG A 56 -0.03 -6.70 -1.52
CA ARG A 56 0.33 -7.39 -2.74
C ARG A 56 1.81 -7.31 -2.98
N ILE A 57 2.44 -8.45 -2.93
CA ILE A 57 3.84 -8.54 -3.21
C ILE A 57 3.97 -9.02 -4.64
N THR A 58 4.12 -8.11 -5.54
CA THR A 58 4.40 -8.45 -6.90
C THR A 58 5.88 -8.25 -7.28
N ASP A 59 6.39 -9.17 -8.07
CA ASP A 59 7.77 -9.15 -8.50
C ASP A 59 7.82 -8.84 -9.97
N ASN A 60 6.97 -9.51 -10.72
CA ASN A 60 6.88 -9.33 -12.15
C ASN A 60 6.04 -8.11 -12.56
N PRO A 61 4.73 -8.04 -12.17
CA PRO A 61 3.84 -6.93 -12.56
C PRO A 61 4.32 -5.57 -12.08
N GLU A 62 4.89 -4.80 -13.02
CA GLU A 62 5.34 -3.42 -12.82
C GLU A 62 6.62 -3.30 -11.94
N GLY A 63 6.85 -4.29 -11.12
CA GLY A 63 8.01 -4.29 -10.26
C GLY A 63 7.80 -3.41 -9.08
N LYS A 64 6.58 -3.28 -8.70
CA LYS A 64 6.22 -2.46 -7.58
C LYS A 64 5.31 -3.27 -6.71
N TRP A 65 5.15 -2.86 -5.52
CA TRP A 65 4.22 -3.50 -4.62
C TRP A 65 2.98 -2.69 -4.54
N LEU A 66 1.90 -3.31 -4.24
CA LEU A 66 0.68 -2.59 -4.13
C LEU A 66 0.40 -2.32 -2.68
N GLY A 67 0.47 -1.08 -2.33
CA GLY A 67 0.24 -0.64 -1.03
C GLY A 67 -1.06 0.12 -0.94
N ARG A 68 -1.37 0.51 0.22
CA ARG A 68 -2.53 1.29 0.52
C ARG A 68 -2.17 2.10 1.73
N THR A 69 -2.58 3.30 1.80
CA THR A 69 -2.33 4.06 2.98
C THR A 69 -3.33 3.67 4.04
N ALA A 70 -3.10 4.09 5.27
CA ALA A 70 -4.03 3.83 6.37
C ALA A 70 -5.37 4.52 6.10
N ARG A 71 -5.32 5.50 5.22
CA ARG A 71 -6.47 6.26 4.84
C ARG A 71 -7.26 5.53 3.73
N GLY A 72 -6.60 4.65 2.99
CA GLY A 72 -7.30 3.92 1.94
C GLY A 72 -6.87 4.28 0.52
N SER A 73 -5.71 4.88 0.37
CA SER A 73 -5.22 5.21 -0.94
C SER A 73 -4.31 4.10 -1.42
N TYR A 74 -4.76 3.37 -2.39
CA TYR A 74 -3.99 2.26 -2.94
C TYR A 74 -3.07 2.75 -4.04
N GLY A 75 -1.87 2.24 -4.06
CA GLY A 75 -0.90 2.64 -5.07
C GLY A 75 0.31 1.75 -5.12
N TYR A 76 0.98 1.72 -6.29
CA TYR A 76 2.22 0.99 -6.41
C TYR A 76 3.32 1.68 -5.62
N ILE A 77 4.15 0.89 -5.07
CA ILE A 77 5.21 1.37 -4.28
C ILE A 77 6.51 0.84 -4.79
N LYS A 78 7.49 1.70 -4.94
CA LYS A 78 8.82 1.23 -5.15
C LYS A 78 9.27 0.68 -3.83
N THR A 79 9.81 -0.49 -3.81
CA THR A 79 10.20 -1.18 -2.58
C THR A 79 11.31 -0.43 -1.78
N THR A 80 11.87 0.56 -2.42
CA THR A 80 12.91 1.37 -1.88
C THR A 80 12.33 2.70 -1.34
N ALA A 81 11.09 3.02 -1.77
CA ALA A 81 10.39 4.23 -1.33
C ALA A 81 9.81 4.02 0.05
N VAL A 82 9.77 2.77 0.46
CA VAL A 82 9.22 2.41 1.75
C VAL A 82 10.15 1.51 2.47
N GLU A 83 10.02 1.51 3.76
CA GLU A 83 10.77 0.65 4.60
C GLU A 83 9.81 -0.41 5.09
N ILE A 84 9.96 -1.56 4.56
CA ILE A 84 9.10 -2.67 4.86
C ILE A 84 9.58 -3.35 6.14
N ASP A 85 8.77 -3.32 7.18
CA ASP A 85 9.15 -3.96 8.43
C ASP A 85 8.80 -5.41 8.40
N TYR A 86 9.57 -6.16 9.12
CA TYR A 86 9.43 -7.60 9.17
C TYR A 86 8.67 -8.02 10.41
N ASP A 87 8.42 -7.06 11.27
CA ASP A 87 7.65 -7.23 12.53
C ASP A 87 6.15 -7.44 12.24
N SER A 88 5.80 -7.31 10.99
CA SER A 88 4.44 -7.35 10.50
C SER A 88 3.70 -8.68 10.76
N LEU A 89 4.40 -9.78 10.91
CA LEU A 89 3.74 -11.05 11.12
C LEU A 89 3.19 -11.13 12.53
N LYS A 90 4.03 -10.75 13.48
CA LYS A 90 3.65 -10.73 14.91
C LYS A 90 4.81 -10.17 15.71
N LEU A 91 5.97 -10.70 15.44
CA LEU A 91 7.22 -10.28 16.05
C LEU A 91 8.32 -10.77 15.15
N LYS A 92 9.48 -10.18 15.23
CA LYS A 92 10.57 -10.56 14.37
C LYS A 92 11.11 -11.93 14.71
N LYS A 93 11.08 -12.77 13.73
CA LYS A 93 11.54 -14.14 13.78
C LYS A 93 12.11 -14.49 12.41
N ASP A 94 12.79 -13.51 11.83
CA ASP A 94 13.36 -13.59 10.48
C ASP A 94 14.50 -14.56 10.44
N LEU A 95 15.41 -14.39 11.35
CA LEU A 95 16.60 -15.19 11.42
C LEU A 95 17.16 -14.97 12.82
N GLU A 96 17.80 -15.99 13.38
CA GLU A 96 18.34 -15.97 14.75
C GLU A 96 17.21 -15.90 15.76
N GLU A 1 -23.02 -0.74 -10.10
CA GLU A 1 -23.80 -0.64 -8.87
C GLU A 1 -25.06 0.15 -9.13
N LYS A 2 -26.01 0.07 -8.23
CA LYS A 2 -27.26 0.78 -8.40
C LYS A 2 -27.26 1.95 -7.42
N LYS A 3 -26.96 1.66 -6.19
CA LYS A 3 -27.01 2.62 -5.12
C LYS A 3 -25.64 3.21 -4.88
N GLU A 4 -25.63 4.29 -4.17
CA GLU A 4 -24.45 4.89 -3.65
C GLU A 4 -24.83 5.38 -2.27
N GLN A 5 -24.82 4.48 -1.36
CA GLN A 5 -25.25 4.73 -0.02
C GLN A 5 -24.17 4.21 0.89
N LYS A 6 -23.37 5.15 1.37
CA LYS A 6 -22.19 4.90 2.20
C LYS A 6 -21.01 4.50 1.28
N GLU A 7 -21.20 4.75 0.00
CA GLU A 7 -20.18 4.54 -0.99
C GLU A 7 -19.40 5.83 -1.19
N LYS A 8 -18.71 6.25 -0.16
CA LYS A 8 -17.87 7.43 -0.25
C LYS A 8 -16.45 6.95 -0.47
N GLU A 9 -16.28 5.64 -0.38
CA GLU A 9 -15.02 5.03 -0.59
C GLU A 9 -14.89 4.76 -2.08
N LYS A 10 -14.26 5.65 -2.78
CA LYS A 10 -14.02 5.44 -4.20
C LYS A 10 -12.56 5.14 -4.44
N LYS A 11 -11.79 5.21 -3.36
CA LYS A 11 -10.35 4.97 -3.34
C LYS A 11 -10.02 3.61 -3.87
N GLU A 12 -10.62 2.61 -3.26
CA GLU A 12 -10.35 1.24 -3.58
C GLU A 12 -11.18 0.78 -4.76
N GLN A 13 -12.12 1.59 -5.16
CA GLN A 13 -12.93 1.30 -6.31
C GLN A 13 -12.08 1.32 -7.56
N GLU A 14 -11.30 2.39 -7.72
CA GLU A 14 -10.47 2.54 -8.89
C GLU A 14 -9.34 1.53 -8.91
N ILE A 15 -8.74 1.30 -7.76
CA ILE A 15 -7.58 0.41 -7.65
C ILE A 15 -7.94 -1.03 -7.99
N LYS A 16 -9.20 -1.35 -7.81
CA LYS A 16 -9.71 -2.67 -8.11
C LYS A 16 -9.70 -2.94 -9.59
N LYS A 17 -9.75 -1.88 -10.38
CA LYS A 17 -9.67 -1.99 -11.81
C LYS A 17 -8.24 -1.73 -12.28
N LYS A 18 -7.66 -0.69 -11.69
CA LYS A 18 -6.34 -0.20 -12.04
C LYS A 18 -5.27 -1.26 -11.76
N PHE A 19 -5.22 -1.70 -10.53
CA PHE A 19 -4.22 -2.69 -10.12
C PHE A 19 -4.82 -4.07 -10.14
N LYS A 20 -6.15 -4.09 -10.24
CA LYS A 20 -6.94 -5.30 -10.24
C LYS A 20 -6.80 -6.03 -8.93
N LEU A 21 -7.49 -5.51 -7.96
CA LEU A 21 -7.49 -6.02 -6.61
C LEU A 21 -8.89 -6.39 -6.21
N THR A 22 -9.74 -6.52 -7.22
CA THR A 22 -11.10 -6.93 -7.03
C THR A 22 -11.14 -8.34 -6.41
N GLY A 23 -11.91 -8.49 -5.38
CA GLY A 23 -11.96 -9.72 -4.65
C GLY A 23 -11.40 -9.50 -3.26
N PRO A 24 -11.30 -10.54 -2.44
CA PRO A 24 -10.80 -10.41 -1.09
C PRO A 24 -9.27 -10.40 -1.06
N ILE A 25 -8.69 -9.30 -0.66
CA ILE A 25 -7.25 -9.16 -0.60
C ILE A 25 -6.75 -9.12 0.85
N GLN A 26 -5.58 -9.69 1.06
CA GLN A 26 -4.95 -9.74 2.37
C GLN A 26 -3.63 -9.01 2.36
N VAL A 27 -3.43 -8.13 3.31
CA VAL A 27 -2.19 -7.40 3.42
C VAL A 27 -1.06 -8.34 3.93
N ILE A 28 0.15 -8.12 3.45
CA ILE A 28 1.26 -8.98 3.81
C ILE A 28 2.06 -8.37 4.98
N HIS A 29 2.33 -7.08 4.89
CA HIS A 29 3.12 -6.34 5.89
C HIS A 29 2.72 -4.89 5.84
N LEU A 30 3.33 -4.12 6.67
CA LEU A 30 3.17 -2.72 6.65
C LEU A 30 4.45 -2.12 6.12
N ALA A 31 4.30 -1.19 5.28
CA ALA A 31 5.38 -0.43 4.79
C ALA A 31 5.29 0.95 5.39
N LYS A 32 6.23 1.76 5.13
CA LYS A 32 6.24 3.08 5.64
C LYS A 32 6.96 3.89 4.65
N ALA A 33 6.22 4.59 3.92
CA ALA A 33 6.74 5.42 2.89
C ALA A 33 7.50 6.54 3.53
N CYS A 34 8.74 6.65 3.18
CA CYS A 34 9.57 7.66 3.74
C CYS A 34 10.02 8.56 2.69
N CYS A 35 10.29 9.77 3.13
CA CYS A 35 11.05 10.69 2.41
C CYS A 35 10.26 11.21 1.17
N ASP A 36 10.82 12.11 0.41
CA ASP A 36 10.15 12.57 -0.77
C ASP A 36 10.29 11.57 -1.90
N VAL A 37 9.25 10.82 -2.07
CA VAL A 37 9.17 9.77 -3.08
C VAL A 37 8.68 10.36 -4.39
N LYS A 38 8.99 9.70 -5.48
CA LYS A 38 8.52 10.13 -6.78
C LYS A 38 7.01 10.09 -6.79
N GLY A 39 6.45 8.95 -6.43
CA GLY A 39 5.02 8.83 -6.32
C GLY A 39 4.25 9.05 -7.62
N GLY A 40 4.75 8.47 -8.70
CA GLY A 40 4.11 8.61 -10.04
C GLY A 40 2.66 8.12 -10.09
N LYS A 41 2.02 8.19 -11.25
CA LYS A 41 0.60 7.85 -11.39
C LYS A 41 0.26 6.38 -11.10
N ASN A 42 1.20 5.49 -11.31
CA ASN A 42 0.97 4.07 -10.97
C ASN A 42 1.41 3.82 -9.54
N GLU A 43 2.13 4.77 -9.01
CA GLU A 43 2.68 4.67 -7.70
C GLU A 43 1.72 5.29 -6.71
N LEU A 44 1.87 4.94 -5.46
CA LEU A 44 0.97 5.41 -4.44
C LEU A 44 1.20 6.86 -4.18
N SER A 45 0.13 7.55 -4.04
CA SER A 45 0.11 8.96 -3.76
C SER A 45 0.30 9.18 -2.24
N PHE A 46 1.22 8.45 -1.65
CA PHE A 46 1.52 8.56 -0.25
C PHE A 46 2.50 9.69 -0.01
N LYS A 47 3.13 9.67 1.11
CA LYS A 47 3.96 10.71 1.51
C LYS A 47 5.14 10.13 2.29
N GLN A 48 5.84 11.02 2.83
CA GLN A 48 7.16 10.87 3.47
C GLN A 48 7.13 10.22 4.87
N GLY A 49 5.97 10.06 5.37
CA GLY A 49 5.77 9.53 6.69
C GLY A 49 4.53 8.71 6.76
N GLU A 50 4.09 8.28 5.62
CA GLU A 50 2.86 7.55 5.50
C GLU A 50 3.01 6.09 5.85
N GLN A 51 2.13 5.64 6.70
CA GLN A 51 2.13 4.31 7.17
C GLN A 51 1.14 3.58 6.32
N ILE A 52 1.70 2.97 5.40
CA ILE A 52 1.00 2.20 4.41
C ILE A 52 1.14 0.70 4.63
N GLU A 53 0.27 -0.05 4.08
CA GLU A 53 0.37 -1.48 4.17
C GLU A 53 0.48 -2.06 2.78
N ILE A 54 1.37 -3.01 2.57
CA ILE A 54 1.47 -3.64 1.24
C ILE A 54 0.73 -4.98 1.18
N ILE A 55 -0.11 -5.11 0.20
CA ILE A 55 -0.94 -6.28 0.01
C ILE A 55 -0.35 -7.18 -1.06
N ARG A 56 0.26 -6.59 -2.05
CA ARG A 56 0.78 -7.34 -3.16
C ARG A 56 2.27 -7.24 -3.24
N ILE A 57 2.91 -8.38 -3.18
CA ILE A 57 4.33 -8.50 -3.33
C ILE A 57 4.55 -8.92 -4.75
N THR A 58 4.85 -7.98 -5.59
CA THR A 58 4.96 -8.22 -6.99
C THR A 58 6.39 -8.32 -7.48
N ASP A 59 6.59 -9.22 -8.40
CA ASP A 59 7.85 -9.36 -9.10
C ASP A 59 7.66 -8.81 -10.51
N ASN A 60 6.38 -8.69 -10.86
CA ASN A 60 5.86 -8.14 -12.14
C ASN A 60 6.67 -6.94 -12.64
N PRO A 61 6.89 -6.88 -14.00
CA PRO A 61 7.59 -5.78 -14.72
C PRO A 61 7.42 -4.34 -14.20
N GLU A 62 6.30 -4.03 -13.51
CA GLU A 62 6.13 -2.71 -12.87
C GLU A 62 7.24 -2.46 -11.85
N GLY A 63 7.75 -3.55 -11.27
CA GLY A 63 8.83 -3.49 -10.30
C GLY A 63 8.43 -2.74 -9.07
N LYS A 64 7.16 -2.80 -8.75
CA LYS A 64 6.62 -2.08 -7.63
C LYS A 64 5.74 -2.98 -6.83
N TRP A 65 5.59 -2.68 -5.57
CA TRP A 65 4.70 -3.42 -4.70
C TRP A 65 3.42 -2.67 -4.52
N LEU A 66 2.36 -3.36 -4.25
CA LEU A 66 1.09 -2.71 -4.09
C LEU A 66 0.84 -2.44 -2.63
N GLY A 67 0.76 -1.19 -2.31
CA GLY A 67 0.49 -0.75 -0.99
C GLY A 67 -0.79 0.03 -0.92
N ARG A 68 -1.14 0.45 0.25
CA ARG A 68 -2.30 1.26 0.52
C ARG A 68 -1.99 2.06 1.74
N THR A 69 -2.50 3.23 1.84
CA THR A 69 -2.29 4.04 3.03
C THR A 69 -3.27 3.59 4.12
N ALA A 70 -3.19 4.22 5.27
CA ALA A 70 -4.12 3.96 6.35
C ALA A 70 -5.49 4.56 5.99
N ARG A 71 -5.48 5.45 4.99
CA ARG A 71 -6.69 6.06 4.48
C ARG A 71 -7.35 5.08 3.51
N GLY A 72 -6.56 4.22 2.92
CA GLY A 72 -7.08 3.23 2.02
C GLY A 72 -6.83 3.56 0.57
N SER A 73 -5.85 4.39 0.29
CA SER A 73 -5.48 4.70 -1.05
C SER A 73 -4.37 3.77 -1.47
N TYR A 74 -4.68 2.89 -2.39
CA TYR A 74 -3.74 1.91 -2.90
C TYR A 74 -2.87 2.50 -3.99
N GLY A 75 -1.66 2.00 -4.08
CA GLY A 75 -0.75 2.42 -5.13
C GLY A 75 0.51 1.58 -5.18
N TYR A 76 1.22 1.62 -6.30
CA TYR A 76 2.48 0.92 -6.41
C TYR A 76 3.60 1.65 -5.69
N ILE A 77 4.46 0.91 -5.11
CA ILE A 77 5.49 1.48 -4.30
C ILE A 77 6.83 1.00 -4.78
N LYS A 78 7.81 1.88 -4.80
CA LYS A 78 9.16 1.44 -5.01
C LYS A 78 9.57 0.80 -3.69
N THR A 79 10.20 -0.32 -3.73
CA THR A 79 10.56 -1.05 -2.51
C THR A 79 11.56 -0.27 -1.62
N THR A 80 12.13 0.77 -2.21
CA THR A 80 13.08 1.63 -1.56
C THR A 80 12.35 2.89 -1.03
N ALA A 81 11.14 3.12 -1.53
CA ALA A 81 10.33 4.28 -1.13
C ALA A 81 9.73 4.03 0.25
N VAL A 82 9.72 2.77 0.62
CA VAL A 82 9.17 2.36 1.90
C VAL A 82 10.11 1.48 2.66
N GLU A 83 9.98 1.51 3.96
CA GLU A 83 10.69 0.60 4.81
C GLU A 83 9.70 -0.48 5.25
N ILE A 84 9.79 -1.60 4.62
CA ILE A 84 8.93 -2.74 4.90
C ILE A 84 9.30 -3.35 6.24
N ASP A 85 8.29 -3.62 7.06
CA ASP A 85 8.53 -4.18 8.37
C ASP A 85 8.88 -5.63 8.31
N TYR A 86 9.66 -6.03 9.24
CA TYR A 86 9.89 -7.44 9.56
C TYR A 86 9.05 -7.78 10.80
N ASP A 87 8.18 -6.86 11.15
CA ASP A 87 7.53 -6.77 12.46
C ASP A 87 6.08 -7.33 12.50
N SER A 88 5.45 -7.48 11.34
CA SER A 88 4.05 -7.99 11.24
C SER A 88 3.83 -9.35 11.95
N LEU A 89 4.89 -10.10 12.15
CA LEU A 89 4.78 -11.38 12.81
C LEU A 89 4.74 -11.15 14.32
N LYS A 90 5.81 -10.61 14.83
CA LYS A 90 5.97 -10.32 16.24
C LYS A 90 6.58 -8.94 16.40
N LEU A 91 6.03 -8.15 17.30
CA LEU A 91 6.52 -6.81 17.56
C LEU A 91 7.94 -6.86 18.09
N LYS A 92 8.89 -6.37 17.34
CA LYS A 92 10.28 -6.40 17.76
C LYS A 92 11.04 -5.19 17.20
N LYS A 93 10.33 -4.10 16.97
CA LYS A 93 10.93 -2.84 16.50
C LYS A 93 11.96 -2.30 17.50
N ASP A 94 13.06 -1.81 16.99
CA ASP A 94 14.07 -1.19 17.83
C ASP A 94 14.05 0.33 17.57
N LEU A 95 14.82 1.10 18.33
CA LEU A 95 14.79 2.57 18.29
C LEU A 95 13.41 3.05 18.66
N GLU A 96 13.18 3.00 19.91
CA GLU A 96 11.92 3.31 20.49
C GLU A 96 11.96 4.74 20.98
N GLU A 1 -23.54 12.56 -15.52
CA GLU A 1 -23.04 13.92 -15.67
C GLU A 1 -21.82 14.15 -14.77
N LYS A 2 -22.04 14.17 -13.47
CA LYS A 2 -20.97 14.47 -12.57
C LYS A 2 -20.47 13.24 -11.85
N LYS A 3 -21.37 12.60 -11.08
CA LYS A 3 -21.07 11.42 -10.25
C LYS A 3 -20.30 11.86 -9.00
N GLU A 4 -19.22 12.57 -9.23
CA GLU A 4 -18.47 13.20 -8.20
C GLU A 4 -19.13 14.53 -7.82
N GLN A 5 -20.27 14.41 -7.21
CA GLN A 5 -21.01 15.57 -6.77
C GLN A 5 -21.35 15.41 -5.28
N LYS A 6 -21.15 14.22 -4.78
CA LYS A 6 -21.45 13.92 -3.39
C LYS A 6 -20.19 13.52 -2.65
N GLU A 7 -19.07 13.51 -3.39
CA GLU A 7 -17.77 13.02 -2.91
C GLU A 7 -17.92 11.70 -2.18
N LYS A 8 -18.10 10.64 -2.92
CA LYS A 8 -18.34 9.36 -2.33
C LYS A 8 -17.13 8.46 -2.49
N GLU A 9 -17.26 7.22 -2.06
CA GLU A 9 -16.17 6.30 -2.16
C GLU A 9 -16.02 5.75 -3.56
N LYS A 10 -15.18 6.40 -4.31
CA LYS A 10 -14.78 5.92 -5.61
C LYS A 10 -13.36 5.40 -5.48
N LYS A 11 -12.78 5.72 -4.33
CA LYS A 11 -11.42 5.41 -3.92
C LYS A 11 -11.06 3.94 -4.17
N GLU A 12 -11.68 3.06 -3.44
CA GLU A 12 -11.37 1.65 -3.50
C GLU A 12 -12.04 0.97 -4.69
N GLN A 13 -12.87 1.69 -5.37
CA GLN A 13 -13.54 1.16 -6.54
C GLN A 13 -12.64 1.31 -7.74
N GLU A 14 -12.03 2.48 -7.86
CA GLU A 14 -11.14 2.80 -8.96
C GLU A 14 -9.83 2.03 -8.83
N ILE A 15 -9.32 1.89 -7.61
CA ILE A 15 -8.06 1.18 -7.37
C ILE A 15 -8.13 -0.27 -7.85
N LYS A 16 -9.32 -0.85 -7.77
CA LYS A 16 -9.52 -2.22 -8.15
C LYS A 16 -9.45 -2.40 -9.64
N LYS A 17 -9.68 -1.35 -10.38
CA LYS A 17 -9.57 -1.39 -11.83
C LYS A 17 -8.19 -0.94 -12.26
N LYS A 18 -7.69 0.07 -11.58
CA LYS A 18 -6.39 0.68 -11.86
C LYS A 18 -5.24 -0.29 -11.62
N PHE A 19 -5.31 -1.03 -10.53
CA PHE A 19 -4.24 -1.99 -10.19
C PHE A 19 -4.72 -3.41 -10.30
N LYS A 20 -5.97 -3.53 -10.70
CA LYS A 20 -6.67 -4.81 -10.80
C LYS A 20 -6.58 -5.55 -9.48
N LEU A 21 -7.31 -5.04 -8.53
CA LEU A 21 -7.28 -5.49 -7.16
C LEU A 21 -8.56 -6.15 -6.77
N THR A 22 -9.32 -6.51 -7.77
CA THR A 22 -10.55 -7.21 -7.59
C THR A 22 -10.28 -8.65 -7.17
N GLY A 23 -10.29 -8.88 -5.88
CA GLY A 23 -10.02 -10.19 -5.37
C GLY A 23 -9.64 -10.14 -3.91
N PRO A 24 -9.55 -11.31 -3.27
CA PRO A 24 -9.19 -11.41 -1.87
C PRO A 24 -7.71 -11.14 -1.66
N ILE A 25 -7.39 -10.25 -0.75
CA ILE A 25 -6.01 -9.90 -0.46
C ILE A 25 -5.76 -9.86 1.03
N GLN A 26 -4.51 -9.98 1.40
CA GLN A 26 -4.09 -9.89 2.79
C GLN A 26 -2.86 -9.05 2.84
N VAL A 27 -2.70 -8.26 3.88
CA VAL A 27 -1.51 -7.48 4.03
C VAL A 27 -0.35 -8.41 4.38
N ILE A 28 0.79 -8.20 3.77
CA ILE A 28 1.92 -9.06 3.99
C ILE A 28 2.87 -8.44 5.00
N HIS A 29 3.00 -7.13 4.91
CA HIS A 29 3.83 -6.33 5.82
C HIS A 29 3.24 -4.96 5.84
N LEU A 30 3.60 -4.17 6.78
CA LEU A 30 3.22 -2.80 6.76
C LEU A 30 4.41 -2.01 6.33
N ALA A 31 4.21 -1.13 5.41
CA ALA A 31 5.25 -0.30 4.90
C ALA A 31 5.13 1.09 5.48
N LYS A 32 6.08 1.88 5.23
CA LYS A 32 6.13 3.18 5.72
C LYS A 32 6.92 3.94 4.73
N ALA A 33 6.22 4.68 3.93
CA ALA A 33 6.83 5.44 2.87
C ALA A 33 7.76 6.48 3.43
N CYS A 34 9.02 6.29 3.17
CA CYS A 34 10.00 7.19 3.66
C CYS A 34 10.34 8.14 2.64
N CYS A 35 10.72 9.29 3.10
CA CYS A 35 11.40 10.24 2.31
C CYS A 35 10.46 10.79 1.21
N ASP A 36 10.97 11.67 0.39
CA ASP A 36 10.21 12.16 -0.74
C ASP A 36 10.28 11.12 -1.85
N VAL A 37 9.20 10.43 -2.03
CA VAL A 37 9.09 9.34 -2.99
C VAL A 37 8.67 9.86 -4.35
N LYS A 38 8.99 9.11 -5.40
CA LYS A 38 8.57 9.44 -6.77
C LYS A 38 7.07 9.67 -6.77
N GLY A 39 6.37 8.63 -6.36
CA GLY A 39 4.96 8.69 -6.25
C GLY A 39 4.29 8.93 -7.57
N GLY A 40 4.78 8.27 -8.60
CA GLY A 40 4.25 8.41 -9.96
C GLY A 40 2.75 8.15 -10.07
N LYS A 41 2.21 8.29 -11.25
CA LYS A 41 0.77 8.19 -11.44
C LYS A 41 0.24 6.78 -11.11
N ASN A 42 1.05 5.76 -11.36
CA ASN A 42 0.65 4.39 -10.99
C ASN A 42 1.07 4.08 -9.57
N GLU A 43 1.82 4.95 -8.98
CA GLU A 43 2.27 4.74 -7.64
C GLU A 43 1.30 5.39 -6.69
N LEU A 44 1.48 5.14 -5.45
CA LEU A 44 0.65 5.69 -4.44
C LEU A 44 0.95 7.16 -4.29
N SER A 45 -0.02 7.90 -3.95
CA SER A 45 0.11 9.33 -3.73
C SER A 45 0.45 9.56 -2.26
N PHE A 46 1.27 8.68 -1.78
CA PHE A 46 1.73 8.67 -0.43
C PHE A 46 2.95 9.57 -0.29
N LYS A 47 3.27 9.91 0.91
CA LYS A 47 4.42 10.73 1.19
C LYS A 47 5.25 10.17 2.34
N GLN A 48 6.20 10.95 2.72
CA GLN A 48 7.14 10.68 3.76
C GLN A 48 6.43 10.64 5.08
N GLY A 49 6.53 9.51 5.71
CA GLY A 49 5.93 9.31 6.99
C GLY A 49 4.55 8.73 6.84
N GLU A 50 4.30 8.15 5.68
CA GLU A 50 3.03 7.59 5.36
C GLU A 50 2.88 6.25 6.01
N GLN A 51 1.74 6.00 6.54
CA GLN A 51 1.43 4.72 7.06
C GLN A 51 0.65 4.03 5.99
N ILE A 52 1.37 3.27 5.28
CA ILE A 52 0.84 2.37 4.26
C ILE A 52 1.00 0.89 4.62
N GLU A 53 0.22 0.07 4.00
CA GLU A 53 0.32 -1.35 4.18
C GLU A 53 0.40 -2.00 2.82
N ILE A 54 1.26 -2.98 2.63
CA ILE A 54 1.26 -3.64 1.33
C ILE A 54 0.55 -4.98 1.37
N ILE A 55 -0.41 -5.12 0.51
CA ILE A 55 -1.26 -6.29 0.44
C ILE A 55 -0.97 -7.14 -0.78
N ARG A 56 -0.08 -6.67 -1.62
CA ARG A 56 0.31 -7.42 -2.79
C ARG A 56 1.81 -7.32 -3.02
N ILE A 57 2.48 -8.46 -2.89
CA ILE A 57 3.90 -8.55 -3.15
C ILE A 57 4.02 -9.02 -4.57
N THR A 58 4.26 -8.11 -5.44
CA THR A 58 4.30 -8.39 -6.81
C THR A 58 5.65 -8.87 -7.29
N ASP A 59 5.61 -9.85 -8.16
CA ASP A 59 6.79 -10.32 -8.87
C ASP A 59 6.57 -10.01 -10.34
N ASN A 60 5.44 -9.37 -10.59
CA ASN A 60 5.02 -8.95 -11.91
C ASN A 60 5.87 -7.77 -12.31
N PRO A 61 6.52 -7.82 -13.47
CA PRO A 61 7.44 -6.76 -13.92
C PRO A 61 6.81 -5.34 -13.98
N GLU A 62 7.41 -4.44 -13.21
CA GLU A 62 7.07 -3.01 -13.14
C GLU A 62 8.08 -2.41 -12.17
N GLY A 63 8.24 -3.07 -11.05
CA GLY A 63 9.17 -2.68 -10.04
C GLY A 63 8.50 -1.99 -8.89
N LYS A 64 7.25 -2.36 -8.65
CA LYS A 64 6.48 -1.76 -7.57
C LYS A 64 5.73 -2.84 -6.80
N TRP A 65 5.38 -2.53 -5.59
CA TRP A 65 4.51 -3.34 -4.76
C TRP A 65 3.19 -2.63 -4.62
N LEU A 66 2.16 -3.32 -4.24
CA LEU A 66 0.89 -2.68 -4.09
C LEU A 66 0.58 -2.45 -2.62
N GLY A 67 0.55 -1.18 -2.26
CA GLY A 67 0.29 -0.76 -0.94
C GLY A 67 -1.02 0.00 -0.86
N ARG A 68 -1.38 0.39 0.32
CA ARG A 68 -2.54 1.19 0.58
C ARG A 68 -2.25 2.01 1.79
N THR A 69 -2.75 3.19 1.85
CA THR A 69 -2.58 4.01 3.01
C THR A 69 -3.65 3.66 4.03
N ALA A 70 -3.54 4.19 5.23
CA ALA A 70 -4.54 3.99 6.27
C ALA A 70 -5.89 4.59 5.82
N ARG A 71 -5.81 5.56 4.92
CA ARG A 71 -6.97 6.21 4.34
C ARG A 71 -7.64 5.32 3.30
N GLY A 72 -6.94 4.29 2.87
CA GLY A 72 -7.50 3.37 1.93
C GLY A 72 -7.11 3.69 0.51
N SER A 73 -6.07 4.44 0.32
CA SER A 73 -5.63 4.76 -1.00
C SER A 73 -4.58 3.73 -1.39
N TYR A 74 -4.95 2.89 -2.31
CA TYR A 74 -4.07 1.84 -2.79
C TYR A 74 -3.19 2.40 -3.89
N GLY A 75 -1.95 2.01 -3.90
CA GLY A 75 -1.03 2.51 -4.90
C GLY A 75 0.23 1.71 -4.98
N TYR A 76 0.91 1.75 -6.13
CA TYR A 76 2.18 1.11 -6.26
C TYR A 76 3.23 1.82 -5.44
N ILE A 77 4.18 1.07 -5.01
CA ILE A 77 5.23 1.56 -4.20
C ILE A 77 6.52 1.00 -4.73
N LYS A 78 7.50 1.82 -4.98
CA LYS A 78 8.80 1.25 -5.23
C LYS A 78 9.27 0.65 -3.91
N THR A 79 9.93 -0.46 -3.94
CA THR A 79 10.29 -1.16 -2.69
C THR A 79 11.34 -0.36 -1.89
N THR A 80 11.96 0.56 -2.56
CA THR A 80 12.96 1.42 -2.00
C THR A 80 12.29 2.69 -1.42
N ALA A 81 11.04 2.91 -1.81
CA ALA A 81 10.29 4.08 -1.38
C ALA A 81 9.77 3.89 0.01
N VAL A 82 9.76 2.67 0.46
CA VAL A 82 9.24 2.36 1.77
C VAL A 82 10.17 1.53 2.56
N GLU A 83 10.00 1.63 3.83
CA GLU A 83 10.71 0.84 4.78
C GLU A 83 9.77 -0.31 5.14
N ILE A 84 10.01 -1.44 4.56
CA ILE A 84 9.20 -2.62 4.82
C ILE A 84 9.70 -3.30 6.08
N ASP A 85 8.91 -3.23 7.12
CA ASP A 85 9.26 -3.86 8.37
C ASP A 85 8.68 -5.23 8.49
N TYR A 86 9.32 -6.01 9.29
CA TYR A 86 8.89 -7.35 9.64
C TYR A 86 8.07 -7.20 10.92
N ASP A 87 8.35 -6.07 11.58
CA ASP A 87 7.70 -5.58 12.82
C ASP A 87 6.19 -5.72 12.79
N SER A 88 5.62 -5.60 11.60
CA SER A 88 4.20 -5.73 11.34
C SER A 88 3.64 -7.03 11.93
N LEU A 89 4.35 -8.11 11.74
CA LEU A 89 3.96 -9.39 12.25
C LEU A 89 4.78 -9.67 13.49
N LYS A 90 5.99 -9.13 13.47
CA LYS A 90 6.99 -9.25 14.50
C LYS A 90 7.44 -10.68 14.65
N LEU A 91 8.51 -10.98 13.98
CA LEU A 91 9.10 -12.28 13.99
C LEU A 91 10.19 -12.28 15.03
N LYS A 92 10.94 -13.34 15.14
CA LYS A 92 12.05 -13.34 16.04
C LYS A 92 13.26 -12.79 15.31
N LYS A 93 13.24 -11.49 15.14
CA LYS A 93 14.26 -10.79 14.43
C LYS A 93 14.70 -9.58 15.20
N ASP A 94 15.76 -9.74 15.92
CA ASP A 94 16.35 -8.64 16.61
C ASP A 94 17.66 -8.37 15.95
N LEU A 95 17.72 -7.23 15.30
CA LEU A 95 18.81 -6.82 14.41
C LEU A 95 18.67 -7.54 13.07
N GLU A 96 17.89 -6.94 12.23
CA GLU A 96 17.56 -7.45 10.92
C GLU A 96 17.30 -6.25 10.04
N GLU A 1 -21.98 27.57 -12.24
CA GLU A 1 -23.23 27.28 -11.57
C GLU A 1 -23.27 25.81 -11.22
N LYS A 2 -23.50 25.51 -9.96
CA LYS A 2 -23.55 24.15 -9.45
C LYS A 2 -22.28 23.36 -9.74
N LYS A 3 -21.30 23.56 -8.92
CA LYS A 3 -20.06 22.88 -9.04
C LYS A 3 -20.03 21.73 -8.05
N GLU A 4 -20.34 20.55 -8.52
CA GLU A 4 -20.30 19.41 -7.67
C GLU A 4 -19.13 18.52 -8.04
N GLN A 5 -18.32 18.22 -7.09
CA GLN A 5 -17.20 17.36 -7.28
C GLN A 5 -17.46 16.07 -6.58
N LYS A 6 -17.56 15.01 -7.32
CA LYS A 6 -17.83 13.73 -6.74
C LYS A 6 -16.71 12.77 -6.98
N GLU A 7 -15.67 12.95 -6.23
CA GLU A 7 -14.52 12.09 -6.22
C GLU A 7 -14.25 11.80 -4.76
N LYS A 8 -15.33 11.81 -4.02
CA LYS A 8 -15.28 11.69 -2.59
C LYS A 8 -15.09 10.25 -2.19
N GLU A 9 -13.85 9.93 -1.83
CA GLU A 9 -13.45 8.59 -1.36
C GLU A 9 -13.80 7.55 -2.42
N LYS A 10 -13.55 7.92 -3.65
CA LYS A 10 -13.86 7.09 -4.80
C LYS A 10 -12.57 6.52 -5.41
N LYS A 11 -11.47 6.72 -4.73
CA LYS A 11 -10.15 6.33 -5.22
C LYS A 11 -10.04 4.79 -5.31
N GLU A 12 -10.81 4.08 -4.48
CA GLU A 12 -10.75 2.63 -4.50
C GLU A 12 -11.42 2.05 -5.74
N GLN A 13 -12.32 2.83 -6.35
CA GLN A 13 -12.99 2.44 -7.59
C GLN A 13 -11.93 2.29 -8.68
N GLU A 14 -10.95 3.17 -8.61
CA GLU A 14 -9.87 3.20 -9.55
C GLU A 14 -8.94 2.03 -9.31
N ILE A 15 -8.41 1.97 -8.11
CA ILE A 15 -7.37 1.01 -7.74
C ILE A 15 -7.78 -0.44 -7.98
N LYS A 16 -9.06 -0.69 -7.96
CA LYS A 16 -9.54 -2.05 -8.11
C LYS A 16 -9.37 -2.53 -9.54
N LYS A 17 -9.54 -1.64 -10.48
CA LYS A 17 -9.39 -1.99 -11.88
C LYS A 17 -7.95 -1.73 -12.30
N LYS A 18 -7.37 -0.73 -11.69
CA LYS A 18 -6.03 -0.26 -11.95
C LYS A 18 -4.99 -1.30 -11.52
N PHE A 19 -5.16 -1.86 -10.34
CA PHE A 19 -4.19 -2.80 -9.81
C PHE A 19 -4.71 -4.22 -9.82
N LYS A 20 -5.96 -4.38 -10.22
CA LYS A 20 -6.65 -5.67 -10.24
C LYS A 20 -6.73 -6.24 -8.86
N LEU A 21 -7.62 -5.67 -8.09
CA LEU A 21 -7.75 -6.04 -6.71
C LEU A 21 -8.76 -7.18 -6.56
N THR A 22 -9.66 -7.28 -7.52
CA THR A 22 -10.79 -8.24 -7.54
C THR A 22 -11.79 -8.00 -6.41
N GLY A 23 -11.39 -8.26 -5.20
CA GLY A 23 -12.23 -8.08 -4.06
C GLY A 23 -11.39 -8.11 -2.82
N PRO A 24 -11.49 -9.19 -2.02
CA PRO A 24 -10.65 -9.36 -0.84
C PRO A 24 -9.20 -9.58 -1.26
N ILE A 25 -8.27 -9.08 -0.48
CA ILE A 25 -6.86 -9.17 -0.86
C ILE A 25 -5.91 -9.52 0.28
N GLN A 26 -6.05 -8.84 1.42
CA GLN A 26 -5.23 -9.09 2.62
C GLN A 26 -3.79 -8.65 2.49
N VAL A 27 -3.43 -7.82 3.42
CA VAL A 27 -2.11 -7.25 3.59
C VAL A 27 -1.06 -8.35 3.83
N ILE A 28 0.11 -8.20 3.24
CA ILE A 28 1.17 -9.18 3.38
C ILE A 28 2.22 -8.73 4.41
N HIS A 29 2.62 -7.47 4.35
CA HIS A 29 3.64 -6.94 5.25
C HIS A 29 3.28 -5.51 5.62
N LEU A 30 4.06 -4.89 6.48
CA LEU A 30 3.83 -3.52 6.87
C LEU A 30 4.89 -2.59 6.32
N ALA A 31 4.46 -1.66 5.52
CA ALA A 31 5.32 -0.66 4.97
C ALA A 31 5.08 0.66 5.68
N LYS A 32 5.96 1.54 5.46
CA LYS A 32 5.89 2.86 5.92
C LYS A 32 6.67 3.67 4.98
N ALA A 33 5.97 4.34 4.15
CA ALA A 33 6.58 5.15 3.13
C ALA A 33 7.45 6.20 3.77
N CYS A 34 8.57 6.43 3.17
CA CYS A 34 9.50 7.36 3.68
C CYS A 34 9.88 8.30 2.65
N CYS A 35 10.29 9.45 3.11
CA CYS A 35 11.04 10.37 2.35
C CYS A 35 10.16 11.01 1.24
N ASP A 36 10.73 11.95 0.53
CA ASP A 36 10.06 12.51 -0.62
C ASP A 36 10.19 11.57 -1.79
N VAL A 37 9.09 11.02 -2.20
CA VAL A 37 9.06 10.06 -3.27
C VAL A 37 8.36 10.65 -4.46
N LYS A 38 8.66 10.14 -5.64
CA LYS A 38 7.96 10.59 -6.83
C LYS A 38 6.46 10.36 -6.67
N GLY A 39 6.07 9.14 -6.20
CA GLY A 39 4.66 8.84 -5.91
C GLY A 39 3.72 9.18 -7.04
N GLY A 40 4.12 8.86 -8.25
CA GLY A 40 3.42 9.25 -9.47
C GLY A 40 2.00 8.71 -9.61
N LYS A 41 1.58 8.57 -10.85
CA LYS A 41 0.20 8.24 -11.15
C LYS A 41 -0.14 6.79 -10.79
N ASN A 42 0.65 5.83 -11.25
CA ASN A 42 0.34 4.43 -10.93
C ASN A 42 0.90 4.07 -9.57
N GLU A 43 1.64 4.97 -9.00
CA GLU A 43 2.22 4.79 -7.71
C GLU A 43 1.28 5.36 -6.68
N LEU A 44 1.58 5.14 -5.45
CA LEU A 44 0.76 5.66 -4.40
C LEU A 44 1.15 7.08 -4.16
N SER A 45 0.17 7.85 -3.91
CA SER A 45 0.31 9.26 -3.60
C SER A 45 0.68 9.39 -2.10
N PHE A 46 1.62 8.57 -1.65
CA PHE A 46 2.00 8.55 -0.28
C PHE A 46 3.06 9.58 0.04
N LYS A 47 3.43 9.61 1.26
CA LYS A 47 4.30 10.60 1.79
C LYS A 47 5.39 9.97 2.64
N GLN A 48 6.11 10.80 3.29
CA GLN A 48 7.36 10.53 3.98
C GLN A 48 7.16 9.82 5.33
N GLY A 49 5.97 9.79 5.76
CA GLY A 49 5.64 9.26 7.07
C GLY A 49 4.34 8.53 7.02
N GLU A 50 3.97 8.16 5.83
CA GLU A 50 2.71 7.52 5.57
C GLU A 50 2.69 6.06 5.97
N GLN A 51 1.74 5.73 6.78
CA GLN A 51 1.52 4.42 7.25
C GLN A 51 0.70 3.73 6.22
N ILE A 52 1.39 3.03 5.46
CA ILE A 52 0.84 2.23 4.41
C ILE A 52 1.02 0.74 4.67
N GLU A 53 0.21 -0.06 4.03
CA GLU A 53 0.33 -1.49 4.13
C GLU A 53 0.43 -2.04 2.73
N ILE A 54 1.29 -3.01 2.50
CA ILE A 54 1.36 -3.59 1.16
C ILE A 54 0.66 -4.93 1.11
N ILE A 55 -0.11 -5.09 0.08
CA ILE A 55 -0.95 -6.25 -0.10
C ILE A 55 -0.37 -7.17 -1.16
N ARG A 56 0.41 -6.63 -2.04
CA ARG A 56 0.91 -7.40 -3.13
C ARG A 56 2.39 -7.28 -3.22
N ILE A 57 3.05 -8.41 -3.16
CA ILE A 57 4.45 -8.46 -3.36
C ILE A 57 4.64 -9.02 -4.75
N THR A 58 4.83 -8.15 -5.67
CA THR A 58 5.04 -8.52 -7.04
C THR A 58 6.45 -9.03 -7.29
N ASP A 59 6.54 -10.05 -8.11
CA ASP A 59 7.82 -10.57 -8.58
C ASP A 59 7.89 -10.31 -10.08
N ASN A 60 6.72 -10.15 -10.66
CA ASN A 60 6.52 -9.83 -12.07
C ASN A 60 7.13 -8.45 -12.33
N PRO A 61 7.66 -8.17 -13.54
CA PRO A 61 8.30 -6.87 -13.91
C PRO A 61 7.34 -5.64 -13.89
N GLU A 62 6.57 -5.49 -12.83
CA GLU A 62 5.75 -4.30 -12.64
C GLU A 62 6.66 -3.20 -12.12
N GLY A 63 7.66 -3.62 -11.36
CA GLY A 63 8.68 -2.74 -10.85
C GLY A 63 8.36 -2.19 -9.49
N LYS A 64 7.12 -2.23 -9.13
CA LYS A 64 6.65 -1.64 -7.91
C LYS A 64 5.76 -2.62 -7.16
N TRP A 65 5.65 -2.43 -5.86
CA TRP A 65 4.75 -3.22 -5.02
C TRP A 65 3.43 -2.53 -4.87
N LEU A 66 2.41 -3.24 -4.46
CA LEU A 66 1.11 -2.64 -4.29
C LEU A 66 0.82 -2.40 -2.82
N GLY A 67 0.71 -1.14 -2.48
CA GLY A 67 0.43 -0.72 -1.14
C GLY A 67 -0.85 0.05 -1.06
N ARG A 68 -1.19 0.48 0.11
CA ARG A 68 -2.36 1.28 0.37
C ARG A 68 -2.05 2.13 1.56
N THR A 69 -2.55 3.31 1.60
CA THR A 69 -2.39 4.14 2.75
C THR A 69 -3.36 3.71 3.84
N ALA A 70 -3.20 4.24 5.04
CA ALA A 70 -4.12 3.99 6.14
C ALA A 70 -5.51 4.56 5.81
N ARG A 71 -5.53 5.40 4.79
CA ARG A 71 -6.74 6.00 4.29
C ARG A 71 -7.38 5.13 3.19
N GLY A 72 -6.75 4.01 2.89
CA GLY A 72 -7.32 3.04 1.97
C GLY A 72 -7.06 3.35 0.51
N SER A 73 -6.12 4.19 0.23
CA SER A 73 -5.82 4.53 -1.11
C SER A 73 -4.62 3.70 -1.55
N TYR A 74 -4.86 2.81 -2.47
CA TYR A 74 -3.86 1.89 -2.98
C TYR A 74 -2.98 2.52 -4.04
N GLY A 75 -1.75 2.05 -4.14
CA GLY A 75 -0.84 2.57 -5.14
C GLY A 75 0.43 1.75 -5.23
N TYR A 76 1.13 1.87 -6.35
CA TYR A 76 2.41 1.22 -6.52
C TYR A 76 3.48 1.90 -5.70
N ILE A 77 4.41 1.12 -5.26
CA ILE A 77 5.44 1.59 -4.39
C ILE A 77 6.79 1.12 -4.87
N LYS A 78 7.75 2.01 -4.90
CA LYS A 78 9.11 1.59 -5.07
C LYS A 78 9.49 0.90 -3.78
N THR A 79 10.13 -0.22 -3.86
CA THR A 79 10.45 -0.99 -2.66
C THR A 79 11.46 -0.24 -1.75
N THR A 80 11.98 0.85 -2.27
CA THR A 80 12.94 1.68 -1.61
C THR A 80 12.25 2.98 -1.14
N ALA A 81 11.00 3.17 -1.54
CA ALA A 81 10.23 4.36 -1.14
C ALA A 81 9.58 4.10 0.18
N VAL A 82 9.58 2.85 0.58
CA VAL A 82 8.98 2.47 1.83
C VAL A 82 9.89 1.64 2.62
N GLU A 83 9.71 1.72 3.89
CA GLU A 83 10.43 0.94 4.79
C GLU A 83 9.58 -0.30 5.08
N ILE A 84 9.92 -1.36 4.44
CA ILE A 84 9.29 -2.63 4.65
C ILE A 84 10.09 -3.30 5.73
N ASP A 85 9.54 -3.36 6.91
CA ASP A 85 10.28 -3.88 8.02
C ASP A 85 9.57 -5.01 8.62
N TYR A 86 10.28 -6.04 8.89
CA TYR A 86 9.75 -7.18 9.58
C TYR A 86 9.61 -6.81 11.04
N ASP A 87 10.48 -5.88 11.47
CA ASP A 87 10.53 -5.33 12.83
C ASP A 87 9.15 -4.87 13.29
N SER A 88 8.40 -4.32 12.35
CA SER A 88 7.06 -3.81 12.60
C SER A 88 6.07 -4.92 12.99
N LEU A 89 6.41 -6.16 12.69
CA LEU A 89 5.58 -7.30 13.03
C LEU A 89 6.16 -8.04 14.22
N LYS A 90 7.45 -8.30 14.14
CA LYS A 90 8.18 -8.99 15.18
C LYS A 90 9.63 -8.65 15.02
N LEU A 91 10.37 -8.65 16.10
CA LEU A 91 11.77 -8.33 16.04
C LEU A 91 12.53 -9.31 15.16
N LYS A 92 13.48 -8.80 14.42
CA LYS A 92 14.25 -9.60 13.52
C LYS A 92 15.06 -10.63 14.26
N LYS A 93 14.86 -11.89 13.90
CA LYS A 93 15.60 -13.03 14.45
C LYS A 93 15.19 -13.27 15.92
N ASP A 94 14.01 -12.77 16.28
CA ASP A 94 13.51 -12.96 17.64
C ASP A 94 12.96 -14.36 17.77
N LEU A 95 13.20 -14.96 18.90
CA LEU A 95 12.77 -16.32 19.14
C LEU A 95 11.37 -16.30 19.74
N GLU A 96 10.57 -17.24 19.30
CA GLU A 96 9.18 -17.38 19.75
C GLU A 96 9.08 -17.50 21.26
N GLU A 1 2.96 14.56 -2.51
CA GLU A 1 1.86 15.51 -2.42
C GLU A 1 1.21 15.65 -3.77
N LYS A 2 0.00 15.14 -3.88
CA LYS A 2 -0.76 15.25 -5.10
C LYS A 2 -1.77 16.35 -5.01
N LYS A 3 -1.54 17.37 -5.76
CA LYS A 3 -2.44 18.47 -5.89
C LYS A 3 -2.99 18.48 -7.31
N GLU A 4 -2.81 17.35 -7.98
CA GLU A 4 -3.29 17.16 -9.33
C GLU A 4 -4.81 17.25 -9.36
N GLN A 5 -5.46 16.26 -8.78
CA GLN A 5 -6.89 16.27 -8.64
C GLN A 5 -7.21 16.07 -7.18
N LYS A 6 -6.91 14.85 -6.72
CA LYS A 6 -7.19 14.36 -5.38
C LYS A 6 -8.63 14.63 -4.95
N GLU A 7 -9.52 13.93 -5.60
CA GLU A 7 -10.94 14.04 -5.40
C GLU A 7 -11.35 13.25 -4.18
N LYS A 8 -10.53 12.24 -3.88
CA LYS A 8 -10.77 11.28 -2.81
C LYS A 8 -12.10 10.56 -3.05
N GLU A 9 -12.07 9.69 -4.05
CA GLU A 9 -13.22 8.91 -4.51
C GLU A 9 -12.83 8.15 -5.76
N LYS A 10 -12.50 8.92 -6.79
CA LYS A 10 -12.25 8.44 -8.14
C LYS A 10 -11.06 7.49 -8.22
N LYS A 11 -9.99 7.82 -7.53
CA LYS A 11 -8.78 7.04 -7.60
C LYS A 11 -8.96 5.65 -7.03
N GLU A 12 -9.55 5.54 -5.85
CA GLU A 12 -9.70 4.23 -5.24
C GLU A 12 -10.83 3.42 -5.85
N GLN A 13 -11.66 4.03 -6.66
CA GLN A 13 -12.65 3.29 -7.40
C GLN A 13 -11.98 2.71 -8.64
N GLU A 14 -10.92 3.33 -9.03
CA GLU A 14 -10.20 2.95 -10.22
C GLU A 14 -9.11 1.92 -9.85
N ILE A 15 -8.54 2.04 -8.63
CA ILE A 15 -7.42 1.18 -8.16
C ILE A 15 -7.74 -0.32 -8.22
N LYS A 16 -9.00 -0.67 -8.04
CA LYS A 16 -9.37 -2.07 -8.02
C LYS A 16 -9.35 -2.72 -9.38
N LYS A 17 -9.51 -1.93 -10.41
CA LYS A 17 -9.41 -2.42 -11.76
C LYS A 17 -8.00 -2.14 -12.26
N LYS A 18 -7.41 -1.09 -11.73
CA LYS A 18 -6.08 -0.61 -12.05
C LYS A 18 -5.04 -1.67 -11.73
N PHE A 19 -5.09 -2.16 -10.52
CA PHE A 19 -4.12 -3.11 -10.04
C PHE A 19 -4.66 -4.53 -10.13
N LYS A 20 -5.93 -4.64 -10.49
CA LYS A 20 -6.66 -5.91 -10.43
C LYS A 20 -6.68 -6.38 -8.99
N LEU A 21 -7.53 -5.74 -8.24
CA LEU A 21 -7.58 -5.94 -6.83
C LEU A 21 -8.93 -6.53 -6.42
N THR A 22 -9.63 -7.04 -7.40
CA THR A 22 -10.90 -7.65 -7.19
C THR A 22 -10.73 -9.03 -6.57
N GLY A 23 -11.33 -9.22 -5.44
CA GLY A 23 -11.24 -10.49 -4.76
C GLY A 23 -10.44 -10.34 -3.49
N PRO A 24 -10.46 -11.36 -2.61
CA PRO A 24 -9.73 -11.33 -1.32
C PRO A 24 -8.26 -10.94 -1.49
N ILE A 25 -7.84 -9.88 -0.82
CA ILE A 25 -6.48 -9.42 -0.94
C ILE A 25 -5.65 -9.71 0.30
N GLN A 26 -5.85 -8.93 1.34
CA GLN A 26 -5.13 -9.01 2.60
C GLN A 26 -3.72 -8.53 2.54
N VAL A 27 -3.37 -7.88 3.58
CA VAL A 27 -2.11 -7.23 3.73
C VAL A 27 -1.06 -8.26 4.15
N ILE A 28 0.11 -8.19 3.56
CA ILE A 28 1.16 -9.15 3.87
C ILE A 28 2.16 -8.60 4.92
N HIS A 29 2.56 -7.33 4.78
CA HIS A 29 3.51 -6.72 5.74
C HIS A 29 3.10 -5.28 5.97
N LEU A 30 3.80 -4.56 6.80
CA LEU A 30 3.49 -3.17 7.02
C LEU A 30 4.65 -2.32 6.53
N ALA A 31 4.36 -1.39 5.67
CA ALA A 31 5.34 -0.49 5.13
C ALA A 31 5.19 0.89 5.76
N LYS A 32 6.10 1.72 5.48
CA LYS A 32 6.10 3.06 5.91
C LYS A 32 6.85 3.77 4.86
N ALA A 33 6.15 4.49 4.10
CA ALA A 33 6.72 5.22 3.02
C ALA A 33 7.55 6.34 3.55
N CYS A 34 8.74 6.46 3.07
CA CYS A 34 9.62 7.48 3.53
C CYS A 34 9.89 8.38 2.41
N CYS A 35 10.45 9.51 2.75
CA CYS A 35 11.08 10.40 1.82
C CYS A 35 10.12 11.00 0.76
N ASP A 36 10.59 12.03 0.10
CA ASP A 36 9.92 12.55 -1.08
C ASP A 36 10.10 11.54 -2.19
N VAL A 37 9.04 10.91 -2.57
CA VAL A 37 9.07 9.88 -3.59
C VAL A 37 8.36 10.35 -4.81
N LYS A 38 8.70 9.75 -5.93
CA LYS A 38 8.01 10.03 -7.18
C LYS A 38 6.53 9.76 -6.97
N GLY A 39 6.21 8.51 -6.64
CA GLY A 39 4.82 8.09 -6.45
C GLY A 39 3.91 8.51 -7.59
N GLY A 40 4.42 8.35 -8.80
CA GLY A 40 3.83 8.91 -10.04
C GLY A 40 2.31 8.75 -10.27
N LYS A 41 1.96 7.93 -11.24
CA LYS A 41 0.58 7.74 -11.64
C LYS A 41 -0.01 6.50 -11.02
N ASN A 42 0.65 5.37 -11.21
CA ASN A 42 0.17 4.11 -10.66
C ASN A 42 0.82 3.82 -9.34
N GLU A 43 1.64 4.72 -8.92
CA GLU A 43 2.30 4.57 -7.67
C GLU A 43 1.47 5.26 -6.60
N LEU A 44 1.67 4.85 -5.38
CA LEU A 44 0.86 5.32 -4.29
C LEU A 44 1.12 6.77 -4.00
N SER A 45 0.07 7.45 -3.73
CA SER A 45 0.12 8.81 -3.32
C SER A 45 0.37 8.87 -1.81
N PHE A 46 1.56 8.50 -1.43
CA PHE A 46 1.96 8.52 -0.06
C PHE A 46 3.01 9.56 0.16
N LYS A 47 3.51 9.60 1.36
CA LYS A 47 4.43 10.61 1.79
C LYS A 47 5.43 9.98 2.76
N GLN A 48 6.23 10.82 3.33
CA GLN A 48 7.30 10.48 4.22
C GLN A 48 6.77 10.33 5.63
N GLY A 49 6.70 9.13 6.08
CA GLY A 49 6.18 8.86 7.39
C GLY A 49 4.77 8.35 7.27
N GLU A 50 4.40 7.97 6.07
CA GLU A 50 3.09 7.46 5.80
C GLU A 50 3.02 5.98 6.05
N GLN A 51 2.07 5.62 6.84
CA GLN A 51 1.88 4.28 7.27
C GLN A 51 1.00 3.61 6.29
N ILE A 52 1.64 2.98 5.42
CA ILE A 52 1.01 2.21 4.38
C ILE A 52 1.17 0.72 4.58
N GLU A 53 0.32 -0.03 3.97
CA GLU A 53 0.40 -1.45 4.09
C GLU A 53 0.54 -2.04 2.72
N ILE A 54 1.44 -2.98 2.56
CA ILE A 54 1.55 -3.64 1.26
C ILE A 54 0.78 -4.97 1.25
N ILE A 55 -0.03 -5.10 0.27
CA ILE A 55 -0.88 -6.25 0.08
C ILE A 55 -0.26 -7.21 -0.92
N ARG A 56 0.31 -6.67 -1.96
CA ARG A 56 0.80 -7.51 -3.01
C ARG A 56 2.29 -7.33 -3.25
N ILE A 57 3.01 -8.41 -3.08
CA ILE A 57 4.42 -8.49 -3.37
C ILE A 57 4.49 -8.95 -4.82
N THR A 58 4.69 -8.05 -5.73
CA THR A 58 4.68 -8.41 -7.13
C THR A 58 5.95 -8.00 -7.84
N ASP A 59 6.34 -8.81 -8.79
CA ASP A 59 7.53 -8.60 -9.59
C ASP A 59 7.17 -8.34 -11.03
N ASN A 60 5.87 -8.15 -11.28
CA ASN A 60 5.32 -7.86 -12.61
C ASN A 60 5.89 -6.54 -13.17
N PRO A 61 5.64 -6.21 -14.50
CA PRO A 61 6.12 -5.00 -15.24
C PRO A 61 6.59 -3.80 -14.40
N GLU A 62 5.77 -3.32 -13.48
CA GLU A 62 6.14 -2.20 -12.65
C GLU A 62 7.33 -2.47 -11.72
N GLY A 63 7.42 -3.67 -11.20
CA GLY A 63 8.46 -3.99 -10.25
C GLY A 63 8.25 -3.26 -8.95
N LYS A 64 6.99 -3.05 -8.64
CA LYS A 64 6.60 -2.28 -7.49
C LYS A 64 5.71 -3.15 -6.65
N TRP A 65 5.58 -2.81 -5.41
CA TRP A 65 4.67 -3.51 -4.53
C TRP A 65 3.36 -2.79 -4.45
N LEU A 66 2.30 -3.49 -4.20
CA LEU A 66 1.01 -2.86 -4.08
C LEU A 66 0.74 -2.54 -2.63
N GLY A 67 0.68 -1.27 -2.34
CA GLY A 67 0.45 -0.79 -1.02
C GLY A 67 -0.83 0.01 -0.93
N ARG A 68 -1.14 0.48 0.24
CA ARG A 68 -2.28 1.32 0.52
C ARG A 68 -1.94 2.17 1.70
N THR A 69 -2.32 3.41 1.69
CA THR A 69 -2.09 4.28 2.82
C THR A 69 -3.09 3.97 3.92
N ALA A 70 -2.89 4.57 5.07
CA ALA A 70 -3.85 4.48 6.15
C ALA A 70 -5.01 5.39 5.79
N ARG A 71 -4.73 6.27 4.83
CA ARG A 71 -5.67 7.20 4.27
C ARG A 71 -6.67 6.41 3.38
N GLY A 72 -6.28 5.20 3.01
CA GLY A 72 -7.17 4.33 2.25
C GLY A 72 -6.98 4.40 0.75
N SER A 73 -5.81 4.82 0.31
CA SER A 73 -5.54 4.91 -1.09
C SER A 73 -4.47 3.89 -1.44
N TYR A 74 -4.74 3.11 -2.43
CA TYR A 74 -3.84 2.07 -2.91
C TYR A 74 -2.90 2.59 -3.98
N GLY A 75 -1.72 2.00 -4.07
CA GLY A 75 -0.79 2.39 -5.09
C GLY A 75 0.45 1.52 -5.11
N TYR A 76 1.15 1.54 -6.24
CA TYR A 76 2.41 0.83 -6.35
C TYR A 76 3.51 1.55 -5.61
N ILE A 77 4.40 0.80 -5.07
CA ILE A 77 5.46 1.29 -4.26
C ILE A 77 6.79 0.77 -4.75
N LYS A 78 7.73 1.65 -4.94
CA LYS A 78 9.10 1.22 -5.10
C LYS A 78 9.52 0.70 -3.75
N THR A 79 10.11 -0.45 -3.70
CA THR A 79 10.48 -1.09 -2.43
C THR A 79 11.50 -0.28 -1.61
N THR A 80 12.06 0.73 -2.26
CA THR A 80 13.03 1.60 -1.66
C THR A 80 12.31 2.84 -1.09
N ALA A 81 11.11 3.10 -1.59
CA ALA A 81 10.33 4.25 -1.16
C ALA A 81 9.73 3.99 0.19
N VAL A 82 9.73 2.74 0.61
CA VAL A 82 9.18 2.38 1.90
C VAL A 82 10.15 1.59 2.71
N GLU A 83 9.93 1.62 3.98
CA GLU A 83 10.67 0.86 4.90
C GLU A 83 9.72 -0.17 5.48
N ILE A 84 9.82 -1.36 4.99
CA ILE A 84 8.96 -2.45 5.41
C ILE A 84 9.36 -2.94 6.80
N ASP A 85 8.39 -3.11 7.67
CA ASP A 85 8.64 -3.64 8.99
C ASP A 85 8.06 -5.01 9.09
N TYR A 86 8.71 -5.83 9.84
CA TYR A 86 8.24 -7.14 10.14
C TYR A 86 7.57 -7.15 11.50
N ASP A 87 8.16 -6.38 12.43
CA ASP A 87 7.69 -6.26 13.82
C ASP A 87 6.31 -5.66 13.88
N SER A 88 6.04 -4.77 12.95
CA SER A 88 4.80 -4.02 12.89
C SER A 88 3.59 -4.87 12.45
N LEU A 89 3.79 -6.17 12.21
CA LEU A 89 2.68 -7.07 11.90
C LEU A 89 2.02 -7.52 13.20
N LYS A 90 2.60 -7.08 14.27
CA LYS A 90 2.09 -7.22 15.60
C LYS A 90 1.72 -5.82 16.04
N LEU A 91 0.79 -5.68 16.94
CA LEU A 91 0.44 -4.36 17.43
C LEU A 91 1.54 -3.92 18.39
N LYS A 92 2.58 -3.38 17.83
CA LYS A 92 3.74 -2.96 18.52
C LYS A 92 4.56 -2.12 17.57
N LYS A 93 4.96 -0.97 18.01
CA LYS A 93 5.82 -0.08 17.25
C LYS A 93 6.46 0.89 18.20
N ASP A 94 7.76 0.75 18.35
CA ASP A 94 8.56 1.57 19.24
C ASP A 94 8.42 3.04 18.89
N LEU A 95 8.21 3.86 19.90
CA LEU A 95 7.98 5.29 19.74
C LEU A 95 9.22 5.98 19.20
N GLU A 96 9.02 6.77 18.18
CA GLU A 96 10.08 7.48 17.53
C GLU A 96 9.74 8.94 17.47
N GLU A 1 -25.33 6.75 10.38
CA GLU A 1 -24.98 5.43 10.86
C GLU A 1 -24.53 4.58 9.69
N LYS A 2 -24.00 3.42 9.98
CA LYS A 2 -23.58 2.52 8.95
C LYS A 2 -24.76 1.66 8.57
N LYS A 3 -25.03 1.56 7.30
CA LYS A 3 -26.14 0.73 6.84
C LYS A 3 -25.62 -0.41 6.02
N GLU A 4 -24.99 -1.37 6.71
CA GLU A 4 -24.34 -2.54 6.07
C GLU A 4 -23.26 -2.04 5.09
N GLN A 5 -22.74 -0.86 5.40
CA GLN A 5 -21.81 -0.12 4.59
C GLN A 5 -22.42 0.16 3.21
N LYS A 6 -23.17 1.25 3.17
CA LYS A 6 -23.90 1.67 1.97
C LYS A 6 -22.99 2.30 0.94
N GLU A 7 -21.80 2.65 1.34
CA GLU A 7 -20.82 3.19 0.46
C GLU A 7 -19.91 2.07 0.01
N LYS A 8 -19.68 1.96 -1.27
CA LYS A 8 -18.86 0.89 -1.77
C LYS A 8 -17.42 1.38 -1.94
N GLU A 9 -17.27 2.70 -1.82
CA GLU A 9 -15.97 3.38 -1.84
C GLU A 9 -15.32 3.35 -3.23
N LYS A 10 -15.46 4.44 -3.94
CA LYS A 10 -14.94 4.58 -5.29
C LYS A 10 -13.42 4.52 -5.35
N LYS A 11 -12.76 4.88 -4.25
CA LYS A 11 -11.30 4.87 -4.20
C LYS A 11 -10.76 3.47 -4.45
N GLU A 12 -11.39 2.50 -3.83
CA GLU A 12 -10.96 1.14 -3.97
C GLU A 12 -11.56 0.51 -5.21
N GLN A 13 -12.72 1.00 -5.63
CA GLN A 13 -13.31 0.51 -6.86
C GLN A 13 -12.39 0.75 -8.02
N GLU A 14 -11.79 1.93 -8.04
CA GLU A 14 -10.91 2.27 -9.12
C GLU A 14 -9.60 1.51 -9.04
N ILE A 15 -9.04 1.37 -7.84
CA ILE A 15 -7.77 0.67 -7.67
C ILE A 15 -7.88 -0.81 -8.04
N LYS A 16 -9.06 -1.36 -7.84
CA LYS A 16 -9.27 -2.77 -8.13
C LYS A 16 -9.40 -3.01 -9.62
N LYS A 17 -9.81 -2.00 -10.33
CA LYS A 17 -9.88 -2.05 -11.78
C LYS A 17 -8.50 -1.74 -12.36
N LYS A 18 -7.85 -0.79 -11.71
CA LYS A 18 -6.55 -0.27 -12.10
C LYS A 18 -5.43 -1.29 -11.93
N PHE A 19 -5.38 -1.92 -10.79
CA PHE A 19 -4.30 -2.85 -10.50
C PHE A 19 -4.75 -4.29 -10.63
N LYS A 20 -6.05 -4.48 -10.90
CA LYS A 20 -6.68 -5.81 -10.93
C LYS A 20 -6.45 -6.46 -9.60
N LEU A 21 -7.20 -5.99 -8.64
CA LEU A 21 -6.98 -6.33 -7.27
C LEU A 21 -8.27 -6.83 -6.69
N THR A 22 -9.16 -7.13 -7.60
CA THR A 22 -10.51 -7.47 -7.33
C THR A 22 -10.60 -8.71 -6.40
N GLY A 23 -11.17 -8.50 -5.23
CA GLY A 23 -11.29 -9.54 -4.25
C GLY A 23 -10.96 -8.99 -2.88
N PRO A 24 -11.21 -9.74 -1.80
CA PRO A 24 -10.88 -9.29 -0.44
C PRO A 24 -9.36 -9.32 -0.23
N ILE A 25 -8.79 -8.18 0.08
CA ILE A 25 -7.36 -8.08 0.21
C ILE A 25 -6.91 -8.01 1.67
N GLN A 26 -5.70 -8.49 1.92
CA GLN A 26 -5.06 -8.48 3.24
C GLN A 26 -3.59 -8.22 3.04
N VAL A 27 -2.91 -7.77 4.07
CA VAL A 27 -1.49 -7.43 3.94
C VAL A 27 -0.60 -8.63 3.89
N ILE A 28 0.53 -8.44 3.28
CA ILE A 28 1.58 -9.43 3.37
C ILE A 28 2.66 -8.91 4.33
N HIS A 29 2.86 -7.60 4.36
CA HIS A 29 3.81 -6.95 5.26
C HIS A 29 3.30 -5.55 5.53
N LEU A 30 4.02 -4.77 6.30
CA LEU A 30 3.64 -3.41 6.57
C LEU A 30 4.72 -2.49 6.06
N ALA A 31 4.34 -1.47 5.35
CA ALA A 31 5.31 -0.53 4.82
C ALA A 31 5.14 0.83 5.47
N LYS A 32 6.05 1.68 5.23
CA LYS A 32 6.03 3.01 5.68
C LYS A 32 6.82 3.79 4.70
N ALA A 33 6.13 4.49 3.86
CA ALA A 33 6.79 5.28 2.84
C ALA A 33 7.70 6.29 3.48
N CYS A 34 8.92 6.27 3.08
CA CYS A 34 9.87 7.17 3.65
C CYS A 34 10.23 8.12 2.60
N CYS A 35 10.87 9.18 3.01
CA CYS A 35 11.51 10.08 2.10
C CYS A 35 10.50 10.74 1.11
N ASP A 36 10.98 11.66 0.32
CA ASP A 36 10.14 12.22 -0.74
C ASP A 36 10.11 11.27 -1.90
N VAL A 37 9.03 10.57 -2.01
CA VAL A 37 8.87 9.61 -3.04
C VAL A 37 8.22 10.25 -4.23
N LYS A 38 8.47 9.68 -5.40
CA LYS A 38 7.83 10.15 -6.61
C LYS A 38 6.35 10.04 -6.44
N GLY A 39 5.90 8.83 -6.18
CA GLY A 39 4.51 8.61 -5.92
C GLY A 39 3.59 9.09 -7.04
N GLY A 40 3.99 8.84 -8.26
CA GLY A 40 3.25 9.28 -9.43
C GLY A 40 1.88 8.59 -9.61
N LYS A 41 1.45 8.51 -10.86
CA LYS A 41 0.13 8.01 -11.23
C LYS A 41 -0.07 6.54 -10.86
N ASN A 42 0.85 5.67 -11.23
CA ASN A 42 0.71 4.24 -10.90
C ASN A 42 1.19 3.97 -9.50
N GLU A 43 1.80 4.96 -8.91
CA GLU A 43 2.35 4.82 -7.60
C GLU A 43 1.32 5.24 -6.59
N LEU A 44 1.68 5.16 -5.36
CA LEU A 44 0.78 5.49 -4.30
C LEU A 44 0.90 6.97 -4.02
N SER A 45 -0.16 7.52 -3.61
CA SER A 45 -0.19 8.88 -3.17
C SER A 45 0.06 8.85 -1.68
N PHE A 46 1.31 8.92 -1.32
CA PHE A 46 1.76 8.80 0.03
C PHE A 46 2.93 9.70 0.25
N LYS A 47 3.40 9.75 1.47
CA LYS A 47 4.42 10.67 1.85
C LYS A 47 5.45 10.03 2.77
N GLN A 48 6.32 10.87 3.24
CA GLN A 48 7.44 10.55 4.08
C GLN A 48 6.95 10.38 5.51
N GLY A 49 6.91 9.17 5.93
CA GLY A 49 6.46 8.86 7.25
C GLY A 49 5.01 8.41 7.24
N GLU A 50 4.52 8.15 6.04
CA GLU A 50 3.15 7.71 5.89
C GLU A 50 2.94 6.28 6.28
N GLN A 51 1.71 5.98 6.59
CA GLN A 51 1.36 4.70 7.09
C GLN A 51 0.63 3.97 6.02
N ILE A 52 1.37 3.19 5.35
CA ILE A 52 0.88 2.31 4.32
C ILE A 52 1.10 0.83 4.63
N GLU A 53 0.36 0.01 4.00
CA GLU A 53 0.51 -1.40 4.14
C GLU A 53 0.51 -2.04 2.76
N ILE A 54 1.37 -3.03 2.52
CA ILE A 54 1.37 -3.67 1.20
C ILE A 54 0.67 -5.01 1.23
N ILE A 55 -0.18 -5.17 0.26
CA ILE A 55 -1.01 -6.34 0.12
C ILE A 55 -0.45 -7.25 -0.98
N ARG A 56 0.16 -6.66 -1.97
CA ARG A 56 0.67 -7.43 -3.10
C ARG A 56 2.17 -7.34 -3.19
N ILE A 57 2.81 -8.49 -3.24
CA ILE A 57 4.24 -8.59 -3.43
C ILE A 57 4.47 -8.99 -4.86
N THR A 58 4.76 -8.02 -5.67
CA THR A 58 4.94 -8.23 -7.06
C THR A 58 6.40 -8.36 -7.47
N ASP A 59 6.65 -9.24 -8.39
CA ASP A 59 7.97 -9.44 -8.97
C ASP A 59 7.94 -8.93 -10.41
N ASN A 60 6.71 -8.72 -10.88
CA ASN A 60 6.36 -8.18 -12.21
C ASN A 60 7.25 -6.99 -12.61
N PRO A 61 7.63 -6.91 -13.93
CA PRO A 61 8.48 -5.84 -14.53
C PRO A 61 8.17 -4.40 -14.09
N GLU A 62 6.96 -4.15 -13.56
CA GLU A 62 6.61 -2.85 -13.01
C GLU A 62 7.63 -2.49 -11.90
N GLY A 63 8.08 -3.52 -11.18
CA GLY A 63 9.05 -3.33 -10.13
C GLY A 63 8.51 -2.55 -8.98
N LYS A 64 7.24 -2.71 -8.76
CA LYS A 64 6.56 -1.99 -7.71
C LYS A 64 5.70 -2.95 -6.93
N TRP A 65 5.41 -2.61 -5.71
CA TRP A 65 4.54 -3.40 -4.84
C TRP A 65 3.23 -2.70 -4.64
N LEU A 66 2.18 -3.43 -4.39
CA LEU A 66 0.90 -2.80 -4.20
C LEU A 66 0.68 -2.54 -2.73
N GLY A 67 0.70 -1.29 -2.41
CA GLY A 67 0.46 -0.85 -1.08
C GLY A 67 -0.79 0.00 -1.03
N ARG A 68 -1.16 0.41 0.12
CA ARG A 68 -2.30 1.26 0.35
C ARG A 68 -2.05 2.07 1.60
N THR A 69 -2.47 3.29 1.60
CA THR A 69 -2.37 4.11 2.77
C THR A 69 -3.46 3.73 3.75
N ALA A 70 -3.35 4.18 4.98
CA ALA A 70 -4.39 3.98 5.97
C ALA A 70 -5.65 4.74 5.53
N ARG A 71 -5.42 5.74 4.66
CA ARG A 71 -6.47 6.56 4.06
C ARG A 71 -7.33 5.70 3.13
N GLY A 72 -6.72 4.64 2.59
CA GLY A 72 -7.43 3.80 1.66
C GLY A 72 -7.03 4.02 0.20
N SER A 73 -5.88 4.62 -0.03
CA SER A 73 -5.41 4.83 -1.37
C SER A 73 -4.34 3.83 -1.68
N TYR A 74 -4.57 3.05 -2.67
CA TYR A 74 -3.67 1.99 -3.09
C TYR A 74 -2.73 2.51 -4.15
N GLY A 75 -1.54 1.97 -4.20
CA GLY A 75 -0.60 2.39 -5.21
C GLY A 75 0.57 1.46 -5.33
N TYR A 76 1.20 1.47 -6.50
CA TYR A 76 2.42 0.73 -6.72
C TYR A 76 3.60 1.47 -6.14
N ILE A 77 4.21 0.88 -5.17
CA ILE A 77 5.26 1.47 -4.42
C ILE A 77 6.59 0.95 -4.90
N LYS A 78 7.58 1.82 -4.99
CA LYS A 78 8.92 1.32 -5.21
C LYS A 78 9.34 0.66 -3.91
N THR A 79 10.00 -0.45 -3.97
CA THR A 79 10.31 -1.21 -2.76
C THR A 79 11.35 -0.48 -1.89
N THR A 80 11.95 0.52 -2.48
CA THR A 80 12.94 1.35 -1.84
C THR A 80 12.27 2.66 -1.35
N ALA A 81 11.06 2.89 -1.82
CA ALA A 81 10.30 4.08 -1.44
C ALA A 81 9.73 3.88 -0.05
N VAL A 82 9.73 2.63 0.39
CA VAL A 82 9.17 2.30 1.68
C VAL A 82 10.08 1.47 2.51
N GLU A 83 9.90 1.58 3.78
CA GLU A 83 10.59 0.79 4.74
C GLU A 83 9.62 -0.29 5.15
N ILE A 84 9.81 -1.46 4.64
CA ILE A 84 8.96 -2.58 4.95
C ILE A 84 9.36 -3.16 6.30
N ASP A 85 8.45 -3.14 7.25
CA ASP A 85 8.74 -3.70 8.55
C ASP A 85 8.25 -5.08 8.67
N TYR A 86 9.02 -5.87 9.30
CA TYR A 86 8.64 -7.19 9.69
C TYR A 86 8.21 -7.11 11.13
N ASP A 87 8.89 -6.22 11.85
CA ASP A 87 8.69 -5.98 13.28
C ASP A 87 7.26 -5.58 13.59
N SER A 88 6.71 -4.75 12.73
CA SER A 88 5.36 -4.22 12.92
C SER A 88 4.25 -5.27 12.74
N LEU A 89 4.60 -6.46 12.28
CA LEU A 89 3.63 -7.55 12.16
C LEU A 89 3.81 -8.50 13.32
N LYS A 90 4.81 -8.23 14.12
CA LYS A 90 5.15 -9.02 15.26
C LYS A 90 4.74 -8.24 16.50
N LEU A 91 5.48 -7.16 16.77
CA LEU A 91 5.24 -6.25 17.87
C LEU A 91 5.11 -6.96 19.22
N LYS A 92 6.23 -7.12 19.88
CA LYS A 92 6.24 -7.80 21.15
C LYS A 92 6.64 -6.80 22.22
N LYS A 93 7.83 -6.28 22.09
CA LYS A 93 8.33 -5.25 22.96
C LYS A 93 9.25 -4.42 22.11
N ASP A 94 8.65 -3.66 21.27
CA ASP A 94 9.32 -2.88 20.25
C ASP A 94 8.31 -1.97 19.60
N LEU A 95 7.29 -1.63 20.35
CA LEU A 95 6.21 -0.85 19.83
C LEU A 95 6.42 0.62 20.09
N GLU A 96 7.09 1.27 19.18
CA GLU A 96 7.27 2.69 19.23
C GLU A 96 6.33 3.30 18.22
N GLU A 1 -31.42 9.80 1.45
CA GLU A 1 -31.41 9.01 2.67
C GLU A 1 -32.79 8.44 3.02
N LYS A 2 -33.13 7.37 2.37
CA LYS A 2 -34.33 6.61 2.65
C LYS A 2 -33.87 5.25 3.14
N LYS A 3 -32.88 4.75 2.44
CA LYS A 3 -32.21 3.50 2.72
C LYS A 3 -30.73 3.70 2.29
N GLU A 4 -30.33 4.95 2.31
CA GLU A 4 -29.02 5.35 1.81
C GLU A 4 -28.01 5.56 2.95
N GLN A 5 -27.09 6.52 2.72
CA GLN A 5 -25.95 6.82 3.59
C GLN A 5 -24.95 5.69 3.43
N LYS A 6 -24.92 5.21 2.22
CA LYS A 6 -24.04 4.17 1.76
C LYS A 6 -22.64 4.76 1.66
N GLU A 7 -21.60 3.93 1.77
CA GLU A 7 -20.22 4.39 1.69
C GLU A 7 -19.99 5.17 0.43
N LYS A 8 -19.12 6.14 0.52
CA LYS A 8 -18.82 6.98 -0.60
C LYS A 8 -17.53 6.48 -1.22
N GLU A 9 -17.18 5.28 -0.84
CA GLU A 9 -16.02 4.60 -1.32
C GLU A 9 -16.27 4.12 -2.72
N LYS A 10 -15.85 4.92 -3.67
CA LYS A 10 -15.91 4.55 -5.06
C LYS A 10 -14.49 4.27 -5.55
N LYS A 11 -13.54 5.01 -5.00
CA LYS A 11 -12.14 4.93 -5.40
C LYS A 11 -11.51 3.58 -5.12
N GLU A 12 -12.04 2.83 -4.19
CA GLU A 12 -11.48 1.54 -3.90
C GLU A 12 -11.95 0.46 -4.87
N GLN A 13 -13.00 0.74 -5.59
CA GLN A 13 -13.41 -0.14 -6.67
C GLN A 13 -12.52 0.20 -7.86
N GLU A 14 -12.22 1.48 -7.97
CA GLU A 14 -11.39 2.03 -9.02
C GLU A 14 -9.99 1.42 -8.93
N ILE A 15 -9.43 1.36 -7.72
CA ILE A 15 -8.11 0.76 -7.51
C ILE A 15 -8.11 -0.73 -7.86
N LYS A 16 -9.27 -1.36 -7.71
CA LYS A 16 -9.41 -2.77 -7.97
C LYS A 16 -9.42 -3.05 -9.46
N LYS A 17 -9.67 -2.03 -10.22
CA LYS A 17 -9.60 -2.11 -11.66
C LYS A 17 -8.25 -1.58 -12.14
N LYS A 18 -7.81 -0.49 -11.52
CA LYS A 18 -6.56 0.21 -11.85
C LYS A 18 -5.36 -0.71 -11.68
N PHE A 19 -5.30 -1.37 -10.54
CA PHE A 19 -4.19 -2.24 -10.22
C PHE A 19 -4.55 -3.68 -10.46
N LYS A 20 -5.79 -3.90 -10.88
CA LYS A 20 -6.37 -5.24 -11.00
C LYS A 20 -6.27 -5.93 -9.65
N LEU A 21 -7.11 -5.52 -8.76
CA LEU A 21 -7.05 -5.98 -7.40
C LEU A 21 -8.37 -6.62 -7.02
N THR A 22 -9.15 -6.92 -8.02
CA THR A 22 -10.42 -7.54 -7.87
C THR A 22 -10.31 -8.96 -7.29
N GLY A 23 -10.89 -9.15 -6.14
CA GLY A 23 -10.82 -10.41 -5.46
C GLY A 23 -10.36 -10.20 -4.05
N PRO A 24 -9.94 -11.25 -3.34
CA PRO A 24 -9.40 -11.12 -1.99
C PRO A 24 -8.11 -10.36 -2.03
N ILE A 25 -7.94 -9.51 -1.09
CA ILE A 25 -6.83 -8.63 -1.09
C ILE A 25 -5.82 -8.95 0.01
N GLN A 26 -6.21 -8.77 1.29
CA GLN A 26 -5.37 -9.17 2.46
C GLN A 26 -4.17 -8.29 2.66
N VAL A 27 -3.63 -8.36 3.82
CA VAL A 27 -2.52 -7.55 4.19
C VAL A 27 -1.30 -8.45 4.31
N ILE A 28 -0.21 -8.11 3.64
CA ILE A 28 0.97 -8.94 3.72
C ILE A 28 2.01 -8.44 4.72
N HIS A 29 2.31 -7.15 4.71
CA HIS A 29 3.32 -6.58 5.65
C HIS A 29 3.00 -5.14 5.90
N LEU A 30 3.69 -4.57 6.84
CA LEU A 30 3.52 -3.18 7.12
C LEU A 30 4.67 -2.39 6.52
N ALA A 31 4.36 -1.41 5.73
CA ALA A 31 5.34 -0.51 5.20
C ALA A 31 5.22 0.84 5.90
N LYS A 32 6.09 1.72 5.60
CA LYS A 32 6.07 3.04 6.08
C LYS A 32 6.80 3.81 5.03
N ALA A 33 6.08 4.54 4.28
CA ALA A 33 6.69 5.28 3.20
C ALA A 33 7.62 6.32 3.73
N CYS A 34 8.74 6.45 3.12
CA CYS A 34 9.70 7.43 3.53
C CYS A 34 10.08 8.27 2.42
N CYS A 35 10.44 9.46 2.79
CA CYS A 35 11.17 10.35 1.97
C CYS A 35 10.30 10.90 0.81
N ASP A 36 10.79 11.91 0.14
CA ASP A 36 10.14 12.42 -1.07
C ASP A 36 10.34 11.47 -2.23
N VAL A 37 9.28 10.77 -2.55
CA VAL A 37 9.27 9.73 -3.56
C VAL A 37 8.50 10.19 -4.78
N LYS A 38 8.77 9.58 -5.92
CA LYS A 38 8.08 9.91 -7.13
C LYS A 38 6.57 9.69 -6.98
N GLY A 39 6.16 8.47 -6.56
CA GLY A 39 4.71 8.18 -6.33
C GLY A 39 3.80 8.66 -7.46
N GLY A 40 4.23 8.44 -8.68
CA GLY A 40 3.59 9.02 -9.86
C GLY A 40 2.19 8.52 -10.24
N LYS A 41 2.11 7.80 -11.36
CA LYS A 41 0.82 7.47 -12.00
C LYS A 41 0.07 6.33 -11.31
N ASN A 42 0.74 5.24 -11.15
CA ASN A 42 0.12 4.09 -10.50
C ASN A 42 0.80 3.85 -9.19
N GLU A 43 1.71 4.72 -8.89
CA GLU A 43 2.47 4.62 -7.69
C GLU A 43 1.75 5.41 -6.63
N LEU A 44 1.84 5.00 -5.40
CA LEU A 44 1.12 5.65 -4.34
C LEU A 44 1.70 6.99 -4.09
N SER A 45 0.86 7.93 -4.12
CA SER A 45 1.24 9.27 -3.84
C SER A 45 1.19 9.44 -2.33
N PHE A 46 2.26 9.03 -1.70
CA PHE A 46 2.39 9.08 -0.28
C PHE A 46 3.53 9.98 0.13
N LYS A 47 3.76 10.04 1.39
CA LYS A 47 4.74 10.90 1.96
C LYS A 47 5.70 10.12 2.84
N GLN A 48 6.54 10.86 3.47
CA GLN A 48 7.71 10.42 4.25
C GLN A 48 7.35 9.77 5.60
N GLY A 49 6.16 9.87 5.94
CA GLY A 49 5.70 9.41 7.21
C GLY A 49 4.35 8.80 7.09
N GLU A 50 4.02 8.45 5.87
CA GLU A 50 2.75 7.90 5.56
C GLU A 50 2.69 6.43 5.91
N GLN A 51 1.67 6.10 6.66
CA GLN A 51 1.47 4.81 7.15
C GLN A 51 0.69 4.04 6.17
N ILE A 52 1.41 3.34 5.44
CA ILE A 52 0.90 2.43 4.45
C ILE A 52 1.21 0.99 4.80
N GLU A 53 0.47 0.11 4.25
CA GLU A 53 0.69 -1.30 4.40
C GLU A 53 0.62 -1.94 3.04
N ILE A 54 1.46 -2.91 2.75
CA ILE A 54 1.46 -3.50 1.41
C ILE A 54 0.72 -4.80 1.36
N ILE A 55 0.12 -5.01 0.24
CA ILE A 55 -0.69 -6.15 -0.04
C ILE A 55 -0.02 -7.01 -1.09
N ARG A 56 0.27 -6.43 -2.23
CA ARG A 56 0.82 -7.18 -3.32
C ARG A 56 2.33 -7.13 -3.31
N ILE A 57 2.93 -8.31 -3.33
CA ILE A 57 4.35 -8.48 -3.39
C ILE A 57 4.68 -8.93 -4.81
N THR A 58 5.14 -8.02 -5.63
CA THR A 58 5.42 -8.33 -7.01
C THR A 58 6.74 -7.76 -7.51
N ASP A 59 7.35 -8.47 -8.43
CA ASP A 59 8.56 -8.06 -9.09
C ASP A 59 8.30 -7.81 -10.54
N ASN A 60 7.47 -8.66 -11.12
CA ASN A 60 7.17 -8.52 -12.53
C ASN A 60 6.17 -7.38 -12.80
N PRO A 61 4.90 -7.45 -12.28
CA PRO A 61 3.90 -6.38 -12.50
C PRO A 61 4.38 -5.04 -11.94
N GLU A 62 4.80 -4.16 -12.87
CA GLU A 62 5.26 -2.79 -12.59
C GLU A 62 6.60 -2.72 -11.86
N GLY A 63 7.05 -3.85 -11.35
CA GLY A 63 8.26 -3.91 -10.55
C GLY A 63 8.06 -3.17 -9.25
N LYS A 64 6.82 -3.18 -8.78
CA LYS A 64 6.44 -2.44 -7.60
C LYS A 64 5.61 -3.33 -6.69
N TRP A 65 5.45 -2.89 -5.47
CA TRP A 65 4.58 -3.52 -4.52
C TRP A 65 3.33 -2.71 -4.39
N LEU A 66 2.22 -3.33 -4.16
CA LEU A 66 0.97 -2.60 -4.03
C LEU A 66 0.70 -2.33 -2.57
N GLY A 67 0.69 -1.08 -2.22
CA GLY A 67 0.44 -0.64 -0.87
C GLY A 67 -0.86 0.13 -0.80
N ARG A 68 -1.20 0.55 0.37
CA ARG A 68 -2.38 1.35 0.63
C ARG A 68 -2.12 2.19 1.84
N THR A 69 -2.54 3.43 1.80
CA THR A 69 -2.37 4.33 2.92
C THR A 69 -3.42 4.03 3.99
N ALA A 70 -3.32 4.75 5.11
CA ALA A 70 -4.30 4.62 6.18
C ALA A 70 -5.63 5.24 5.73
N ARG A 71 -5.54 6.06 4.69
CA ARG A 71 -6.67 6.71 4.07
C ARG A 71 -7.41 5.74 3.16
N GLY A 72 -6.76 4.63 2.84
CA GLY A 72 -7.36 3.63 1.99
C GLY A 72 -7.05 3.84 0.53
N SER A 73 -6.00 4.60 0.25
CA SER A 73 -5.61 4.87 -1.10
C SER A 73 -4.48 3.93 -1.46
N TYR A 74 -4.76 3.06 -2.39
CA TYR A 74 -3.81 2.05 -2.84
C TYR A 74 -2.87 2.62 -3.88
N GLY A 75 -1.67 2.10 -3.93
CA GLY A 75 -0.71 2.54 -4.93
C GLY A 75 0.51 1.67 -4.97
N TYR A 76 1.16 1.63 -6.11
CA TYR A 76 2.39 0.90 -6.26
C TYR A 76 3.53 1.63 -5.58
N ILE A 77 4.39 0.88 -5.01
CA ILE A 77 5.48 1.40 -4.25
C ILE A 77 6.75 0.78 -4.72
N LYS A 78 7.79 1.58 -4.87
CA LYS A 78 9.10 1.01 -5.05
C LYS A 78 9.46 0.41 -3.72
N THR A 79 10.08 -0.72 -3.72
CA THR A 79 10.38 -1.43 -2.47
C THR A 79 11.37 -0.68 -1.57
N THR A 80 11.90 0.39 -2.08
CA THR A 80 12.85 1.21 -1.42
C THR A 80 12.20 2.53 -0.96
N ALA A 81 10.99 2.81 -1.46
CA ALA A 81 10.26 4.04 -1.10
C ALA A 81 9.66 3.89 0.28
N VAL A 82 9.69 2.68 0.77
CA VAL A 82 9.12 2.36 2.06
C VAL A 82 10.04 1.53 2.88
N GLU A 83 9.89 1.63 4.15
CA GLU A 83 10.59 0.81 5.06
C GLU A 83 9.66 -0.33 5.40
N ILE A 84 9.87 -1.44 4.78
CA ILE A 84 9.05 -2.59 5.00
C ILE A 84 9.41 -3.24 6.32
N ASP A 85 8.42 -3.53 7.11
CA ASP A 85 8.64 -4.16 8.37
C ASP A 85 8.78 -5.63 8.21
N TYR A 86 9.92 -6.01 8.52
CA TYR A 86 10.35 -7.36 8.59
C TYR A 86 10.36 -7.83 10.03
N ASP A 87 10.39 -6.85 10.94
CA ASP A 87 10.55 -7.10 12.38
C ASP A 87 9.38 -7.85 12.99
N SER A 88 8.17 -7.46 12.64
CA SER A 88 6.97 -8.04 13.24
C SER A 88 6.69 -9.47 12.73
N LEU A 89 7.46 -9.93 11.77
CA LEU A 89 7.31 -11.29 11.27
C LEU A 89 7.95 -12.27 12.22
N LYS A 90 8.83 -11.77 13.04
CA LYS A 90 9.48 -12.57 14.02
C LYS A 90 9.27 -11.93 15.37
N LEU A 91 8.11 -12.19 15.92
CA LEU A 91 7.65 -11.67 17.20
C LEU A 91 7.36 -10.17 17.13
N LYS A 92 8.41 -9.36 17.13
CA LYS A 92 8.28 -7.92 17.12
C LYS A 92 9.62 -7.25 16.90
N LYS A 93 10.64 -7.75 17.58
CA LYS A 93 12.01 -7.22 17.49
C LYS A 93 12.16 -5.78 17.98
N ASP A 94 12.47 -5.61 19.26
CA ASP A 94 12.87 -4.29 19.77
C ASP A 94 14.36 -4.15 19.50
N LEU A 95 14.93 -5.29 19.16
CA LEU A 95 16.31 -5.47 18.77
C LEU A 95 16.41 -6.86 18.20
N GLU A 96 15.86 -7.82 18.92
CA GLU A 96 15.82 -9.19 18.51
C GLU A 96 14.43 -9.75 18.77
N GLU A 1 -15.71 15.07 8.18
CA GLU A 1 -14.73 14.14 8.69
C GLU A 1 -15.35 13.25 9.77
N LYS A 2 -15.53 11.99 9.40
CA LYS A 2 -16.05 10.91 10.25
C LYS A 2 -17.55 11.08 10.49
N LYS A 3 -18.19 11.82 9.63
CA LYS A 3 -19.62 11.98 9.68
C LYS A 3 -20.18 11.64 8.31
N GLU A 4 -19.33 11.04 7.52
CA GLU A 4 -19.63 10.67 6.18
C GLU A 4 -20.27 9.30 6.19
N GLN A 5 -21.52 9.25 5.77
CA GLN A 5 -22.29 8.02 5.75
C GLN A 5 -21.60 7.00 4.82
N LYS A 6 -21.52 7.35 3.56
CA LYS A 6 -20.97 6.46 2.56
C LYS A 6 -19.47 6.71 2.42
N GLU A 7 -18.69 5.65 2.58
CA GLU A 7 -17.23 5.67 2.52
C GLU A 7 -16.78 5.92 1.05
N LYS A 8 -15.50 6.19 0.82
CA LYS A 8 -15.00 6.49 -0.52
C LYS A 8 -14.85 5.28 -1.43
N GLU A 9 -15.81 5.13 -2.30
CA GLU A 9 -15.93 3.98 -3.18
C GLU A 9 -15.20 4.20 -4.49
N LYS A 10 -15.18 5.43 -4.97
CA LYS A 10 -14.60 5.70 -6.29
C LYS A 10 -13.11 5.52 -6.24
N LYS A 11 -12.52 5.93 -5.13
CA LYS A 11 -11.09 5.78 -4.86
C LYS A 11 -10.67 4.32 -5.03
N GLU A 12 -11.41 3.41 -4.40
CA GLU A 12 -11.10 2.00 -4.47
C GLU A 12 -11.57 1.38 -5.78
N GLN A 13 -12.57 1.96 -6.40
CA GLN A 13 -13.01 1.52 -7.70
C GLN A 13 -11.90 1.76 -8.72
N GLU A 14 -11.26 2.91 -8.59
CA GLU A 14 -10.15 3.30 -9.43
C GLU A 14 -8.97 2.37 -9.26
N ILE A 15 -8.62 2.07 -8.01
CA ILE A 15 -7.47 1.22 -7.73
C ILE A 15 -7.71 -0.20 -8.25
N LYS A 16 -8.97 -0.56 -8.34
CA LYS A 16 -9.37 -1.85 -8.83
C LYS A 16 -9.12 -1.95 -10.31
N LYS A 17 -9.46 -0.92 -11.03
CA LYS A 17 -9.27 -0.93 -12.47
C LYS A 17 -7.83 -0.54 -12.84
N LYS A 18 -7.09 -0.11 -11.84
CA LYS A 18 -5.72 0.31 -12.03
C LYS A 18 -4.72 -0.79 -11.63
N PHE A 19 -4.89 -1.35 -10.46
CA PHE A 19 -3.95 -2.32 -9.91
C PHE A 19 -4.47 -3.74 -10.01
N LYS A 20 -5.76 -3.86 -10.31
CA LYS A 20 -6.46 -5.12 -10.42
C LYS A 20 -6.40 -5.90 -9.13
N LEU A 21 -7.25 -5.51 -8.23
CA LEU A 21 -7.31 -6.11 -6.93
C LEU A 21 -8.17 -7.36 -7.00
N THR A 22 -9.21 -7.26 -7.82
CA THR A 22 -10.20 -8.31 -8.15
C THR A 22 -11.03 -8.85 -6.96
N GLY A 23 -10.39 -9.19 -5.88
CA GLY A 23 -11.07 -9.73 -4.75
C GLY A 23 -10.54 -9.16 -3.47
N PRO A 24 -10.92 -9.72 -2.32
CA PRO A 24 -10.45 -9.25 -1.03
C PRO A 24 -8.97 -9.53 -0.84
N ILE A 25 -8.29 -8.61 -0.22
CA ILE A 25 -6.87 -8.71 0.03
C ILE A 25 -6.60 -8.70 1.53
N GLN A 26 -5.44 -9.17 1.95
CA GLN A 26 -5.11 -9.16 3.37
C GLN A 26 -3.99 -8.17 3.66
N VAL A 27 -2.74 -8.67 3.66
CA VAL A 27 -1.47 -7.94 3.93
C VAL A 27 -0.35 -8.93 4.05
N ILE A 28 0.82 -8.50 3.67
CA ILE A 28 2.01 -9.30 3.88
C ILE A 28 2.88 -8.63 4.95
N HIS A 29 3.00 -7.32 4.88
CA HIS A 29 3.79 -6.52 5.84
C HIS A 29 3.22 -5.13 5.90
N LEU A 30 3.79 -4.34 6.76
CA LEU A 30 3.49 -2.94 6.81
C LEU A 30 4.65 -2.22 6.23
N ALA A 31 4.36 -1.25 5.45
CA ALA A 31 5.36 -0.39 4.91
C ALA A 31 5.17 1.00 5.50
N LYS A 32 6.09 1.82 5.29
CA LYS A 32 6.00 3.15 5.71
C LYS A 32 6.81 3.91 4.76
N ALA A 33 6.12 4.55 3.91
CA ALA A 33 6.70 5.32 2.87
C ALA A 33 7.58 6.38 3.48
N CYS A 34 8.77 6.51 2.96
CA CYS A 34 9.69 7.48 3.47
C CYS A 34 9.98 8.48 2.47
N CYS A 35 10.28 9.64 2.99
CA CYS A 35 10.92 10.66 2.25
C CYS A 35 9.97 11.23 1.18
N ASP A 36 10.41 12.20 0.44
CA ASP A 36 9.62 12.70 -0.67
C ASP A 36 9.84 11.82 -1.88
N VAL A 37 8.83 11.06 -2.21
CA VAL A 37 8.90 10.10 -3.30
C VAL A 37 8.26 10.69 -4.52
N LYS A 38 8.65 10.24 -5.69
CA LYS A 38 8.00 10.68 -6.91
C LYS A 38 6.51 10.41 -6.85
N GLY A 39 6.12 9.16 -6.51
CA GLY A 39 4.70 8.81 -6.44
C GLY A 39 3.98 9.16 -7.74
N GLY A 40 4.67 8.85 -8.83
CA GLY A 40 4.26 9.28 -10.16
C GLY A 40 2.92 8.77 -10.66
N LYS A 41 2.95 7.79 -11.52
CA LYS A 41 1.75 7.36 -12.19
C LYS A 41 1.12 6.15 -11.54
N ASN A 42 1.89 5.11 -11.37
CA ASN A 42 1.34 3.89 -10.78
C ASN A 42 1.59 3.83 -9.31
N GLU A 43 2.22 4.85 -8.81
CA GLU A 43 2.62 4.87 -7.43
C GLU A 43 1.55 5.47 -6.56
N LEU A 44 1.53 5.03 -5.33
CA LEU A 44 0.58 5.47 -4.35
C LEU A 44 0.84 6.91 -4.03
N SER A 45 -0.19 7.62 -3.75
CA SER A 45 -0.10 8.99 -3.35
C SER A 45 0.21 9.02 -1.85
N PHE A 46 1.40 8.62 -1.51
CA PHE A 46 1.81 8.58 -0.15
C PHE A 46 2.88 9.59 0.14
N LYS A 47 3.31 9.62 1.35
CA LYS A 47 4.21 10.60 1.85
C LYS A 47 5.29 9.95 2.70
N GLN A 48 6.06 10.78 3.29
CA GLN A 48 7.31 10.54 4.01
C GLN A 48 7.13 9.84 5.37
N GLY A 49 5.95 9.78 5.80
CA GLY A 49 5.63 9.24 7.10
C GLY A 49 4.34 8.48 7.06
N GLU A 50 3.97 8.12 5.87
CA GLU A 50 2.75 7.44 5.60
C GLU A 50 2.84 5.98 5.94
N GLN A 51 1.91 5.54 6.74
CA GLN A 51 1.87 4.22 7.23
C GLN A 51 0.94 3.46 6.37
N ILE A 52 1.53 2.84 5.48
CA ILE A 52 0.87 2.02 4.48
C ILE A 52 1.09 0.53 4.72
N GLU A 53 0.25 -0.29 4.19
CA GLU A 53 0.48 -1.71 4.31
C GLU A 53 0.52 -2.32 2.94
N ILE A 54 1.50 -3.17 2.67
CA ILE A 54 1.56 -3.84 1.37
C ILE A 54 0.93 -5.22 1.45
N ILE A 55 0.19 -5.54 0.44
CA ILE A 55 -0.50 -6.81 0.38
C ILE A 55 0.11 -7.68 -0.73
N ARG A 56 0.53 -7.05 -1.79
CA ARG A 56 1.04 -7.79 -2.92
C ARG A 56 2.54 -7.61 -3.05
N ILE A 57 3.24 -8.72 -3.10
CA ILE A 57 4.66 -8.74 -3.32
C ILE A 57 4.79 -9.14 -4.76
N THR A 58 5.09 -8.21 -5.58
CA THR A 58 5.03 -8.42 -6.98
C THR A 58 6.41 -8.55 -7.64
N ASP A 59 6.47 -9.45 -8.60
CA ASP A 59 7.63 -9.65 -9.44
C ASP A 59 7.27 -9.23 -10.86
N ASN A 60 5.96 -9.30 -11.14
CA ASN A 60 5.35 -8.88 -12.42
C ASN A 60 5.80 -7.45 -12.78
N PRO A 61 5.98 -7.17 -14.13
CA PRO A 61 6.35 -5.86 -14.72
C PRO A 61 6.06 -4.65 -13.84
N GLU A 62 7.03 -3.73 -13.80
CA GLU A 62 7.07 -2.56 -12.92
C GLU A 62 7.71 -2.86 -11.58
N GLY A 63 7.47 -4.07 -11.08
CA GLY A 63 8.07 -4.51 -9.85
C GLY A 63 7.62 -3.71 -8.66
N LYS A 64 6.42 -3.25 -8.70
CA LYS A 64 5.92 -2.43 -7.66
C LYS A 64 5.03 -3.22 -6.76
N TRP A 65 5.05 -2.91 -5.51
CA TRP A 65 4.24 -3.63 -4.55
C TRP A 65 2.93 -2.94 -4.31
N LEU A 66 1.90 -3.70 -4.10
CA LEU A 66 0.61 -3.11 -3.87
C LEU A 66 0.45 -2.80 -2.41
N GLY A 67 0.47 -1.53 -2.13
CA GLY A 67 0.30 -1.03 -0.81
C GLY A 67 -0.99 -0.28 -0.71
N ARG A 68 -1.29 0.20 0.45
CA ARG A 68 -2.48 0.95 0.72
C ARG A 68 -2.18 1.90 1.88
N THR A 69 -2.59 3.14 1.79
CA THR A 69 -2.40 4.07 2.88
C THR A 69 -3.34 3.76 4.02
N ALA A 70 -3.12 4.40 5.15
CA ALA A 70 -3.96 4.25 6.32
C ALA A 70 -5.27 5.00 6.10
N ARG A 71 -5.32 5.75 5.00
CA ARG A 71 -6.50 6.52 4.65
C ARG A 71 -7.38 5.69 3.70
N GLY A 72 -6.76 4.75 2.99
CA GLY A 72 -7.52 3.88 2.12
C GLY A 72 -7.23 4.05 0.64
N SER A 73 -6.01 4.41 0.32
CA SER A 73 -5.62 4.53 -1.06
C SER A 73 -4.62 3.45 -1.39
N TYR A 74 -4.97 2.57 -2.28
CA TYR A 74 -4.06 1.52 -2.72
C TYR A 74 -3.13 2.08 -3.79
N GLY A 75 -1.93 1.59 -3.85
CA GLY A 75 -1.00 2.06 -4.85
C GLY A 75 0.19 1.17 -5.02
N TYR A 76 0.82 1.25 -6.18
CA TYR A 76 2.03 0.53 -6.42
C TYR A 76 3.17 1.28 -5.82
N ILE A 77 3.91 0.61 -5.05
CA ILE A 77 4.97 1.16 -4.31
C ILE A 77 6.29 0.76 -4.88
N LYS A 78 7.18 1.72 -5.03
CA LYS A 78 8.55 1.40 -5.30
C LYS A 78 9.06 0.81 -4.01
N THR A 79 9.64 -0.34 -4.06
CA THR A 79 10.09 -1.05 -2.87
C THR A 79 11.12 -0.25 -2.02
N THR A 80 11.72 0.73 -2.64
CA THR A 80 12.74 1.55 -2.04
C THR A 80 12.09 2.79 -1.40
N ALA A 81 10.88 3.13 -1.87
CA ALA A 81 10.15 4.31 -1.40
C ALA A 81 9.58 4.07 -0.03
N VAL A 82 9.56 2.83 0.40
CA VAL A 82 9.00 2.49 1.69
C VAL A 82 9.95 1.69 2.50
N GLU A 83 9.77 1.79 3.77
CA GLU A 83 10.49 1.03 4.73
C GLU A 83 9.57 -0.09 5.18
N ILE A 84 9.79 -1.25 4.66
CA ILE A 84 8.99 -2.40 4.97
C ILE A 84 9.39 -2.95 6.33
N ASP A 85 8.43 -3.08 7.21
CA ASP A 85 8.70 -3.62 8.52
C ASP A 85 8.57 -5.09 8.53
N TYR A 86 9.62 -5.66 8.89
CA TYR A 86 9.76 -7.08 8.99
C TYR A 86 9.61 -7.51 10.43
N ASP A 87 10.03 -6.64 11.31
CA ASP A 87 10.12 -6.91 12.73
C ASP A 87 8.80 -7.25 13.39
N SER A 88 7.79 -6.46 13.18
CA SER A 88 6.52 -6.68 13.85
C SER A 88 5.71 -7.75 13.12
N LEU A 89 6.06 -8.00 11.86
CA LEU A 89 5.36 -9.00 11.07
C LEU A 89 5.96 -10.37 11.26
N LYS A 90 7.24 -10.40 11.66
CA LYS A 90 8.00 -11.62 11.98
C LYS A 90 8.44 -12.43 10.76
N LEU A 91 7.62 -12.43 9.72
CA LEU A 91 7.94 -13.12 8.47
C LEU A 91 9.11 -12.43 7.79
N LYS A 92 10.24 -13.07 7.81
CA LYS A 92 11.44 -12.55 7.21
C LYS A 92 12.41 -13.67 6.90
N LYS A 93 12.74 -13.83 5.64
CA LYS A 93 13.68 -14.83 5.23
C LYS A 93 14.82 -14.17 4.51
N ASP A 94 16.00 -14.38 5.01
CA ASP A 94 17.20 -13.76 4.49
C ASP A 94 18.15 -14.86 4.07
N LEU A 95 18.23 -15.09 2.77
CA LEU A 95 19.03 -16.17 2.18
C LEU A 95 18.51 -17.52 2.64
N GLU A 96 17.64 -18.07 1.84
CA GLU A 96 16.98 -19.30 2.17
C GLU A 96 17.62 -20.50 1.44
N GLU A 1 -17.07 7.17 6.73
CA GLU A 1 -18.09 8.09 7.20
C GLU A 1 -18.78 8.68 5.98
N LYS A 2 -19.86 9.39 6.17
CA LYS A 2 -20.55 9.95 5.05
C LYS A 2 -20.59 11.46 5.20
N LYS A 3 -19.44 12.07 5.04
CA LYS A 3 -19.29 13.51 5.13
C LYS A 3 -19.05 14.03 3.73
N GLU A 4 -18.04 13.49 3.11
CA GLU A 4 -17.71 13.78 1.75
C GLU A 4 -18.13 12.59 0.92
N GLN A 5 -17.92 11.41 1.52
CA GLN A 5 -18.24 10.11 0.94
C GLN A 5 -17.52 9.94 -0.40
N LYS A 6 -16.23 9.90 -0.29
CA LYS A 6 -15.35 9.76 -1.42
C LYS A 6 -14.92 8.31 -1.48
N GLU A 7 -14.94 7.68 -0.31
CA GLU A 7 -14.68 6.27 -0.17
C GLU A 7 -15.88 5.50 -0.68
N LYS A 8 -15.85 5.14 -1.93
CA LYS A 8 -16.95 4.44 -2.56
C LYS A 8 -16.47 3.16 -3.19
N GLU A 9 -17.42 2.28 -3.47
CA GLU A 9 -17.12 1.03 -4.14
C GLU A 9 -16.84 1.31 -5.59
N LYS A 10 -17.30 2.47 -6.04
CA LYS A 10 -17.01 2.97 -7.36
C LYS A 10 -15.54 3.36 -7.42
N LYS A 11 -15.01 3.80 -6.29
CA LYS A 11 -13.65 4.26 -6.24
C LYS A 11 -12.69 3.08 -6.16
N GLU A 12 -13.03 2.11 -5.33
CA GLU A 12 -12.24 0.89 -5.25
C GLU A 12 -12.37 0.07 -6.54
N GLN A 13 -13.42 0.35 -7.31
CA GLN A 13 -13.65 -0.29 -8.59
C GLN A 13 -12.49 0.05 -9.53
N GLU A 14 -11.94 1.25 -9.35
CA GLU A 14 -10.81 1.69 -10.10
C GLU A 14 -9.59 0.90 -9.71
N ILE A 15 -9.25 0.96 -8.43
CA ILE A 15 -8.04 0.34 -7.91
C ILE A 15 -8.06 -1.18 -8.12
N LYS A 16 -9.23 -1.75 -8.19
CA LYS A 16 -9.36 -3.18 -8.31
C LYS A 16 -9.13 -3.66 -9.72
N LYS A 17 -9.28 -2.79 -10.68
CA LYS A 17 -8.92 -3.16 -12.03
C LYS A 17 -7.53 -2.62 -12.35
N LYS A 18 -7.25 -1.43 -11.84
CA LYS A 18 -6.01 -0.70 -12.12
C LYS A 18 -4.79 -1.43 -11.54
N PHE A 19 -4.98 -2.04 -10.40
CA PHE A 19 -3.90 -2.78 -9.76
C PHE A 19 -4.18 -4.28 -9.79
N LYS A 20 -5.24 -4.68 -10.53
CA LYS A 20 -5.69 -6.10 -10.61
C LYS A 20 -6.00 -6.63 -9.22
N LEU A 21 -6.58 -5.78 -8.44
CA LEU A 21 -6.78 -6.03 -7.05
C LEU A 21 -8.15 -6.62 -6.77
N THR A 22 -8.81 -7.12 -7.78
CA THR A 22 -10.09 -7.74 -7.60
C THR A 22 -9.93 -8.98 -6.68
N GLY A 23 -10.65 -8.98 -5.58
CA GLY A 23 -10.57 -10.07 -4.64
C GLY A 23 -10.30 -9.54 -3.25
N PRO A 24 -10.53 -10.34 -2.22
CA PRO A 24 -10.31 -9.92 -0.84
C PRO A 24 -8.82 -9.94 -0.46
N ILE A 25 -8.36 -8.88 0.19
CA ILE A 25 -7.00 -8.81 0.65
C ILE A 25 -6.94 -8.50 2.14
N GLN A 26 -5.87 -8.90 2.77
CA GLN A 26 -5.63 -8.64 4.17
C GLN A 26 -4.49 -7.64 4.32
N VAL A 27 -3.27 -8.18 4.29
CA VAL A 27 -1.97 -7.48 4.41
C VAL A 27 -0.87 -8.49 4.27
N ILE A 28 0.14 -8.16 3.54
CA ILE A 28 1.28 -9.04 3.44
C ILE A 28 2.34 -8.54 4.40
N HIS A 29 2.51 -7.23 4.41
CA HIS A 29 3.46 -6.55 5.28
C HIS A 29 2.93 -5.18 5.56
N LEU A 30 3.52 -4.54 6.48
CA LEU A 30 3.24 -3.18 6.77
C LEU A 30 4.39 -2.38 6.21
N ALA A 31 4.08 -1.42 5.39
CA ALA A 31 5.07 -0.60 4.80
C ALA A 31 5.06 0.76 5.50
N LYS A 32 6.02 1.53 5.24
CA LYS A 32 6.14 2.82 5.79
C LYS A 32 6.94 3.61 4.83
N ALA A 33 6.28 4.43 4.11
CA ALA A 33 6.89 5.23 3.09
C ALA A 33 7.82 6.22 3.70
N CYS A 34 8.95 6.41 3.09
CA CYS A 34 9.90 7.36 3.54
C CYS A 34 10.20 8.32 2.51
N CYS A 35 10.55 9.49 2.97
CA CYS A 35 11.18 10.48 2.20
C CYS A 35 10.22 11.05 1.11
N ASP A 36 10.71 11.97 0.32
CA ASP A 36 9.93 12.53 -0.78
C ASP A 36 10.13 11.69 -2.02
N VAL A 37 9.17 10.90 -2.31
CA VAL A 37 9.21 9.95 -3.39
C VAL A 37 8.62 10.53 -4.65
N LYS A 38 9.04 9.98 -5.77
CA LYS A 38 8.49 10.31 -7.07
C LYS A 38 6.97 10.11 -7.09
N GLY A 39 6.49 8.97 -6.51
CA GLY A 39 5.05 8.74 -6.34
C GLY A 39 4.21 8.96 -7.59
N GLY A 40 4.69 8.47 -8.72
CA GLY A 40 4.04 8.70 -10.02
C GLY A 40 2.56 8.26 -10.12
N LYS A 41 1.99 8.37 -11.31
CA LYS A 41 0.57 8.10 -11.58
C LYS A 41 0.06 6.79 -10.98
N ASN A 42 0.75 5.69 -11.25
CA ASN A 42 0.30 4.38 -10.74
C ASN A 42 0.87 4.11 -9.38
N GLU A 43 1.72 4.98 -8.92
CA GLU A 43 2.34 4.83 -7.65
C GLU A 43 1.48 5.55 -6.62
N LEU A 44 1.73 5.31 -5.38
CA LEU A 44 0.95 5.91 -4.33
C LEU A 44 1.39 7.32 -4.11
N SER A 45 0.47 8.15 -3.80
CA SER A 45 0.72 9.55 -3.50
C SER A 45 1.09 9.69 -2.01
N PHE A 46 1.91 8.77 -1.53
CA PHE A 46 2.28 8.76 -0.14
C PHE A 46 3.41 9.72 0.16
N LYS A 47 3.75 9.81 1.40
CA LYS A 47 4.70 10.74 1.86
C LYS A 47 5.72 10.07 2.80
N GLN A 48 6.55 10.89 3.37
CA GLN A 48 7.77 10.55 4.13
C GLN A 48 7.53 9.79 5.44
N GLY A 49 6.36 9.80 5.88
CA GLY A 49 6.02 9.20 7.15
C GLY A 49 4.71 8.50 7.08
N GLU A 50 4.32 8.21 5.88
CA GLU A 50 3.05 7.61 5.59
C GLU A 50 3.00 6.13 5.89
N GLN A 51 2.03 5.78 6.67
CA GLN A 51 1.79 4.45 7.08
C GLN A 51 0.90 3.83 6.09
N ILE A 52 1.52 3.16 5.25
CA ILE A 52 0.88 2.39 4.22
C ILE A 52 1.05 0.90 4.46
N GLU A 53 0.22 0.11 3.89
CA GLU A 53 0.36 -1.33 4.01
C GLU A 53 0.32 -1.93 2.64
N ILE A 54 1.16 -2.89 2.39
CA ILE A 54 1.15 -3.56 1.10
C ILE A 54 0.41 -4.87 1.20
N ILE A 55 -0.41 -5.10 0.24
CA ILE A 55 -1.24 -6.27 0.19
C ILE A 55 -0.95 -7.12 -1.01
N ARG A 56 0.11 -6.77 -1.72
CA ARG A 56 0.54 -7.55 -2.84
C ARG A 56 2.02 -7.35 -3.10
N ILE A 57 2.78 -8.41 -2.98
CA ILE A 57 4.20 -8.39 -3.27
C ILE A 57 4.36 -8.81 -4.71
N THR A 58 4.47 -7.85 -5.54
CA THR A 58 4.54 -8.01 -6.94
C THR A 58 5.97 -8.06 -7.46
N ASP A 59 6.19 -8.94 -8.40
CA ASP A 59 7.44 -9.05 -9.14
C ASP A 59 7.18 -8.72 -10.59
N ASN A 60 5.96 -8.25 -10.82
CA ASN A 60 5.42 -7.84 -12.13
C ASN A 60 6.28 -6.75 -12.77
N PRO A 61 6.15 -6.51 -14.10
CA PRO A 61 6.94 -5.50 -14.86
C PRO A 61 6.69 -4.03 -14.43
N GLU A 62 6.03 -3.84 -13.30
CA GLU A 62 5.80 -2.53 -12.77
C GLU A 62 7.03 -2.14 -11.97
N GLY A 63 7.59 -3.12 -11.28
CA GLY A 63 8.74 -2.90 -10.44
C GLY A 63 8.36 -2.27 -9.14
N LYS A 64 7.10 -2.37 -8.79
CA LYS A 64 6.57 -1.72 -7.61
C LYS A 64 5.73 -2.71 -6.83
N TRP A 65 5.49 -2.42 -5.58
CA TRP A 65 4.55 -3.20 -4.76
C TRP A 65 3.24 -2.47 -4.67
N LEU A 66 2.19 -3.17 -4.35
CA LEU A 66 0.92 -2.53 -4.23
C LEU A 66 0.59 -2.26 -2.78
N GLY A 67 0.51 -1.00 -2.44
CA GLY A 67 0.23 -0.58 -1.13
C GLY A 67 -1.03 0.22 -1.06
N ARG A 68 -1.34 0.67 0.12
CA ARG A 68 -2.50 1.46 0.41
C ARG A 68 -2.13 2.31 1.61
N THR A 69 -2.60 3.51 1.68
CA THR A 69 -2.38 4.32 2.86
C THR A 69 -3.34 3.89 3.96
N ALA A 70 -3.20 4.48 5.14
CA ALA A 70 -4.12 4.19 6.24
C ALA A 70 -5.48 4.83 5.95
N ARG A 71 -5.49 5.65 4.93
CA ARG A 71 -6.67 6.33 4.44
C ARG A 71 -7.40 5.44 3.43
N GLY A 72 -6.72 4.40 2.97
CA GLY A 72 -7.31 3.49 2.02
C GLY A 72 -7.13 3.94 0.59
N SER A 73 -6.04 4.59 0.31
CA SER A 73 -5.72 5.01 -1.02
C SER A 73 -4.60 4.10 -1.52
N TYR A 74 -4.92 3.31 -2.49
CA TYR A 74 -4.00 2.33 -3.03
C TYR A 74 -3.04 2.93 -4.04
N GLY A 75 -1.85 2.40 -4.08
CA GLY A 75 -0.85 2.88 -5.02
C GLY A 75 0.35 1.99 -5.08
N TYR A 76 1.04 2.01 -6.20
CA TYR A 76 2.28 1.28 -6.32
C TYR A 76 3.38 1.96 -5.55
N ILE A 77 4.28 1.19 -5.08
CA ILE A 77 5.33 1.65 -4.25
C ILE A 77 6.65 1.15 -4.77
N LYS A 78 7.64 2.02 -4.85
CA LYS A 78 8.97 1.54 -5.11
C LYS A 78 9.36 0.76 -3.86
N THR A 79 10.01 -0.35 -4.01
CA THR A 79 10.34 -1.20 -2.88
C THR A 79 11.37 -0.52 -1.93
N THR A 80 11.93 0.55 -2.41
CA THR A 80 12.91 1.35 -1.72
C THR A 80 12.25 2.60 -1.12
N ALA A 81 11.07 2.94 -1.64
CA ALA A 81 10.31 4.12 -1.19
C ALA A 81 9.71 3.86 0.17
N VAL A 82 9.70 2.58 0.55
CA VAL A 82 9.14 2.18 1.84
C VAL A 82 10.02 1.21 2.54
N GLU A 83 9.78 1.08 3.81
CA GLU A 83 10.42 0.14 4.66
C GLU A 83 9.38 -0.89 5.06
N ILE A 84 9.54 -2.08 4.61
CA ILE A 84 8.66 -3.17 4.94
C ILE A 84 9.04 -3.81 6.27
N ASP A 85 8.03 -4.17 7.05
CA ASP A 85 8.21 -4.73 8.38
C ASP A 85 8.59 -6.21 8.33
N TYR A 86 9.24 -6.63 9.37
CA TYR A 86 9.66 -8.01 9.55
C TYR A 86 8.65 -8.73 10.48
N ASP A 87 7.90 -7.93 11.23
CA ASP A 87 6.92 -8.41 12.23
C ASP A 87 5.86 -9.33 11.60
N SER A 88 5.45 -8.98 10.40
CA SER A 88 4.51 -9.76 9.60
C SER A 88 4.97 -11.20 9.40
N LEU A 89 6.26 -11.41 9.45
CA LEU A 89 6.81 -12.71 9.25
C LEU A 89 6.99 -13.34 10.61
N LYS A 90 7.84 -12.74 11.41
CA LYS A 90 8.09 -13.24 12.72
C LYS A 90 7.41 -12.35 13.73
N LEU A 91 6.27 -12.78 14.20
CA LEU A 91 5.54 -12.05 15.21
C LEU A 91 6.17 -12.31 16.55
N LYS A 92 6.97 -11.40 16.98
CA LYS A 92 7.65 -11.53 18.23
C LYS A 92 7.40 -10.34 19.14
N LYS A 93 7.17 -10.63 20.37
CA LYS A 93 6.97 -9.62 21.38
C LYS A 93 8.32 -9.13 21.85
N ASP A 94 8.63 -7.90 21.57
CA ASP A 94 9.89 -7.34 22.01
C ASP A 94 9.71 -6.69 23.34
N LEU A 95 10.34 -7.24 24.33
CA LEU A 95 10.30 -6.68 25.66
C LEU A 95 11.60 -5.94 25.90
N GLU A 96 11.57 -4.66 25.70
CA GLU A 96 12.74 -3.84 25.84
C GLU A 96 12.28 -2.41 26.09
N GLU A 1 -26.83 9.19 -0.85
CA GLU A 1 -27.14 8.13 0.08
C GLU A 1 -26.28 6.93 -0.20
N LYS A 2 -26.28 5.99 0.70
CA LYS A 2 -25.47 4.80 0.59
C LYS A 2 -26.28 3.66 1.20
N LYS A 3 -27.52 3.59 0.77
CA LYS A 3 -28.48 2.66 1.31
C LYS A 3 -28.34 1.25 0.68
N GLU A 4 -27.36 1.09 -0.20
CA GLU A 4 -27.03 -0.25 -0.70
C GLU A 4 -26.07 -0.91 0.31
N GLN A 5 -25.72 -0.12 1.31
CA GLN A 5 -24.88 -0.48 2.44
C GLN A 5 -23.45 -0.79 2.03
N LYS A 6 -22.64 0.22 2.14
CA LYS A 6 -21.22 0.18 1.83
C LYS A 6 -20.61 1.24 2.70
N GLU A 7 -19.31 1.34 2.69
CA GLU A 7 -18.68 2.43 3.37
C GLU A 7 -18.60 3.59 2.38
N LYS A 8 -17.51 3.66 1.65
CA LYS A 8 -17.26 4.64 0.58
C LYS A 8 -16.19 4.09 -0.31
N GLU A 9 -16.60 3.41 -1.34
CA GLU A 9 -15.70 2.69 -2.22
C GLU A 9 -15.13 3.60 -3.31
N LYS A 10 -15.24 4.90 -3.12
CA LYS A 10 -14.78 5.87 -4.11
C LYS A 10 -13.30 5.68 -4.44
N LYS A 11 -12.49 5.30 -3.47
CA LYS A 11 -11.08 5.06 -3.72
C LYS A 11 -10.91 3.67 -4.33
N GLU A 12 -11.43 2.68 -3.63
CA GLU A 12 -11.20 1.30 -3.96
C GLU A 12 -11.84 0.83 -5.27
N GLN A 13 -12.95 1.44 -5.69
CA GLN A 13 -13.58 1.06 -6.95
C GLN A 13 -12.65 1.27 -8.14
N GLU A 14 -11.81 2.27 -8.05
CA GLU A 14 -10.90 2.55 -9.14
C GLU A 14 -9.65 1.69 -9.02
N ILE A 15 -9.10 1.63 -7.83
CA ILE A 15 -7.87 0.89 -7.58
C ILE A 15 -8.03 -0.60 -7.90
N LYS A 16 -9.23 -1.11 -7.73
CA LYS A 16 -9.49 -2.53 -7.92
C LYS A 16 -9.49 -2.90 -9.36
N LYS A 17 -9.88 -1.99 -10.19
CA LYS A 17 -9.94 -2.27 -11.59
C LYS A 17 -8.55 -2.02 -12.20
N LYS A 18 -7.91 -0.96 -11.74
CA LYS A 18 -6.61 -0.55 -12.24
C LYS A 18 -5.51 -1.50 -11.79
N PHE A 19 -5.51 -1.88 -10.54
CA PHE A 19 -4.46 -2.75 -10.02
C PHE A 19 -4.88 -4.21 -10.05
N LYS A 20 -6.13 -4.44 -10.43
CA LYS A 20 -6.72 -5.79 -10.51
C LYS A 20 -6.66 -6.45 -9.14
N LEU A 21 -7.50 -5.98 -8.25
CA LEU A 21 -7.44 -6.39 -6.87
C LEU A 21 -8.59 -7.32 -6.48
N THR A 22 -9.26 -7.88 -7.48
CA THR A 22 -10.41 -8.77 -7.28
C THR A 22 -10.12 -9.90 -6.25
N GLY A 23 -11.03 -10.09 -5.33
CA GLY A 23 -10.86 -11.10 -4.32
C GLY A 23 -10.49 -10.49 -2.98
N PRO A 24 -9.79 -11.23 -2.14
CA PRO A 24 -9.39 -10.76 -0.82
C PRO A 24 -8.19 -9.86 -0.87
N ILE A 25 -8.24 -8.90 -0.02
CA ILE A 25 -7.22 -7.93 0.12
C ILE A 25 -6.64 -8.10 1.52
N GLN A 26 -5.43 -8.59 1.57
CA GLN A 26 -4.75 -8.89 2.83
C GLN A 26 -3.31 -8.44 2.76
N VAL A 27 -2.77 -7.91 3.85
CA VAL A 27 -1.37 -7.44 3.86
C VAL A 27 -0.40 -8.58 3.73
N ILE A 28 0.74 -8.29 3.19
CA ILE A 28 1.78 -9.26 3.16
C ILE A 28 2.85 -8.82 4.17
N HIS A 29 2.96 -7.51 4.33
CA HIS A 29 3.87 -6.88 5.29
C HIS A 29 3.29 -5.55 5.63
N LEU A 30 3.95 -4.82 6.49
CA LEU A 30 3.54 -3.49 6.82
C LEU A 30 4.64 -2.53 6.39
N ALA A 31 4.27 -1.51 5.65
CA ALA A 31 5.21 -0.52 5.14
C ALA A 31 4.96 0.85 5.78
N LYS A 32 5.86 1.74 5.55
CA LYS A 32 5.79 3.09 5.94
C LYS A 32 6.62 3.82 4.97
N ALA A 33 5.99 4.59 4.19
CA ALA A 33 6.67 5.37 3.18
C ALA A 33 7.55 6.38 3.83
N CYS A 34 8.72 6.57 3.30
CA CYS A 34 9.60 7.57 3.80
C CYS A 34 9.92 8.52 2.77
N CYS A 35 10.14 9.71 3.22
CA CYS A 35 10.79 10.72 2.50
C CYS A 35 9.91 11.23 1.32
N ASP A 36 10.38 12.23 0.63
CA ASP A 36 9.69 12.72 -0.55
C ASP A 36 10.03 11.85 -1.72
N VAL A 37 9.04 11.19 -2.21
CA VAL A 37 9.19 10.23 -3.27
C VAL A 37 8.45 10.67 -4.49
N LYS A 38 8.88 10.15 -5.62
CA LYS A 38 8.21 10.35 -6.90
C LYS A 38 6.74 10.11 -6.73
N GLY A 39 6.41 8.87 -6.35
CA GLY A 39 5.03 8.52 -6.18
C GLY A 39 4.20 8.79 -7.43
N GLY A 40 4.77 8.42 -8.57
CA GLY A 40 4.20 8.69 -9.90
C GLY A 40 2.76 8.24 -10.12
N LYS A 41 2.29 8.34 -11.35
CA LYS A 41 0.90 8.05 -11.70
C LYS A 41 0.40 6.69 -11.25
N ASN A 42 1.16 5.65 -11.47
CA ASN A 42 0.73 4.32 -11.04
C ASN A 42 1.29 3.99 -9.68
N GLU A 43 2.11 4.85 -9.17
CA GLU A 43 2.75 4.64 -7.90
C GLU A 43 1.95 5.31 -6.82
N LEU A 44 2.23 5.02 -5.58
CA LEU A 44 1.52 5.66 -4.52
C LEU A 44 2.15 6.98 -4.28
N SER A 45 1.35 7.94 -4.30
CA SER A 45 1.74 9.31 -4.11
C SER A 45 1.74 9.62 -2.61
N PHE A 46 2.34 8.71 -1.86
CA PHE A 46 2.44 8.79 -0.43
C PHE A 46 3.48 9.81 0.01
N LYS A 47 3.60 9.95 1.29
CA LYS A 47 4.44 10.93 1.87
C LYS A 47 5.48 10.29 2.79
N GLN A 48 6.18 11.13 3.47
CA GLN A 48 7.41 10.84 4.21
C GLN A 48 7.24 9.98 5.46
N GLY A 49 6.07 9.89 5.91
CA GLY A 49 5.77 9.19 7.12
C GLY A 49 4.45 8.52 7.02
N GLU A 50 4.01 8.35 5.80
CA GLU A 50 2.73 7.80 5.51
C GLU A 50 2.61 6.34 5.84
N GLN A 51 1.55 6.02 6.51
CA GLN A 51 1.29 4.72 6.98
C GLN A 51 0.52 4.00 5.94
N ILE A 52 1.25 3.29 5.24
CA ILE A 52 0.80 2.39 4.19
C ILE A 52 1.00 0.95 4.55
N GLU A 53 0.28 0.12 3.90
CA GLU A 53 0.40 -1.28 4.06
C GLU A 53 0.36 -1.97 2.71
N ILE A 54 1.32 -2.84 2.46
CA ILE A 54 1.33 -3.52 1.17
C ILE A 54 0.58 -4.82 1.26
N ILE A 55 -0.29 -4.99 0.34
CA ILE A 55 -1.18 -6.12 0.30
C ILE A 55 -0.89 -7.02 -0.88
N ARG A 56 0.18 -6.71 -1.60
CA ARG A 56 0.60 -7.53 -2.72
C ARG A 56 2.10 -7.39 -2.99
N ILE A 57 2.80 -8.51 -2.90
CA ILE A 57 4.18 -8.59 -3.33
C ILE A 57 4.09 -8.95 -4.80
N THR A 58 4.47 -8.03 -5.62
CA THR A 58 4.27 -8.15 -7.02
C THR A 58 5.47 -8.79 -7.72
N ASP A 59 5.17 -9.53 -8.76
CA ASP A 59 6.20 -10.03 -9.65
C ASP A 59 6.00 -9.25 -10.96
N ASN A 60 5.00 -8.36 -10.89
CA ASN A 60 4.58 -7.45 -11.99
C ASN A 60 5.74 -6.64 -12.53
N PRO A 61 5.73 -6.35 -13.87
CA PRO A 61 6.80 -5.60 -14.58
C PRO A 61 7.26 -4.30 -13.90
N GLU A 62 6.36 -3.63 -13.19
CA GLU A 62 6.70 -2.42 -12.44
C GLU A 62 7.77 -2.69 -11.40
N GLY A 63 7.69 -3.84 -10.77
CA GLY A 63 8.59 -4.17 -9.69
C GLY A 63 8.24 -3.39 -8.44
N LYS A 64 7.07 -2.85 -8.43
CA LYS A 64 6.62 -2.04 -7.35
C LYS A 64 5.57 -2.79 -6.64
N TRP A 65 5.54 -2.67 -5.37
CA TRP A 65 4.58 -3.39 -4.57
C TRP A 65 3.29 -2.65 -4.51
N LEU A 66 2.22 -3.36 -4.32
CA LEU A 66 0.96 -2.70 -4.25
C LEU A 66 0.62 -2.40 -2.81
N GLY A 67 0.70 -1.14 -2.49
CA GLY A 67 0.44 -0.66 -1.19
C GLY A 67 -0.80 0.17 -1.17
N ARG A 68 -1.19 0.56 -0.02
CA ARG A 68 -2.33 1.40 0.21
C ARG A 68 -2.06 2.16 1.45
N THR A 69 -2.53 3.34 1.53
CA THR A 69 -2.40 4.09 2.72
C THR A 69 -3.53 3.67 3.66
N ALA A 70 -3.45 4.11 4.90
CA ALA A 70 -4.51 3.84 5.85
C ALA A 70 -5.73 4.72 5.54
N ARG A 71 -5.59 5.60 4.56
CA ARG A 71 -6.68 6.45 4.10
C ARG A 71 -7.32 5.84 2.84
N GLY A 72 -6.85 4.65 2.48
CA GLY A 72 -7.45 3.90 1.39
C GLY A 72 -6.91 4.25 0.02
N SER A 73 -5.77 4.88 -0.05
CA SER A 73 -5.21 5.25 -1.31
C SER A 73 -4.17 4.23 -1.71
N TYR A 74 -4.49 3.45 -2.70
CA TYR A 74 -3.62 2.38 -3.19
C TYR A 74 -2.66 2.90 -4.23
N GLY A 75 -1.48 2.34 -4.26
CA GLY A 75 -0.48 2.74 -5.22
C GLY A 75 0.71 1.81 -5.26
N TYR A 76 1.44 1.81 -6.36
CA TYR A 76 2.65 1.05 -6.46
C TYR A 76 3.78 1.69 -5.67
N ILE A 77 4.47 0.88 -4.97
CA ILE A 77 5.52 1.33 -4.12
C ILE A 77 6.84 0.83 -4.59
N LYS A 78 7.78 1.73 -4.80
CA LYS A 78 9.15 1.30 -4.95
C LYS A 78 9.55 0.83 -3.58
N THR A 79 10.08 -0.34 -3.48
CA THR A 79 10.40 -0.97 -2.20
C THR A 79 11.43 -0.16 -1.37
N THR A 80 12.04 0.82 -2.01
CA THR A 80 13.03 1.67 -1.42
C THR A 80 12.37 2.93 -0.83
N ALA A 81 11.18 3.23 -1.31
CA ALA A 81 10.46 4.41 -0.89
C ALA A 81 9.81 4.17 0.46
N VAL A 82 9.81 2.92 0.89
CA VAL A 82 9.19 2.54 2.14
C VAL A 82 10.09 1.66 2.94
N GLU A 83 9.81 1.60 4.20
CA GLU A 83 10.46 0.69 5.09
C GLU A 83 9.52 -0.45 5.34
N ILE A 84 9.80 -1.53 4.72
CA ILE A 84 9.00 -2.72 4.83
C ILE A 84 9.42 -3.50 6.07
N ASP A 85 8.49 -3.73 6.96
CA ASP A 85 8.77 -4.56 8.12
C ASP A 85 8.50 -5.98 7.78
N TYR A 86 9.22 -6.85 8.39
CA TYR A 86 9.10 -8.27 8.15
C TYR A 86 8.26 -8.90 9.25
N ASP A 87 7.81 -8.06 10.16
CA ASP A 87 7.05 -8.45 11.35
C ASP A 87 5.79 -9.22 11.03
N SER A 88 5.22 -8.97 9.87
CA SER A 88 4.03 -9.68 9.44
C SER A 88 4.32 -11.18 9.25
N LEU A 89 5.58 -11.53 9.02
CA LEU A 89 5.97 -12.92 8.87
C LEU A 89 6.67 -13.44 10.10
N LYS A 90 7.35 -12.55 10.82
CA LYS A 90 8.02 -12.92 12.07
C LYS A 90 6.99 -13.40 13.07
N LEU A 91 5.99 -12.58 13.28
CA LEU A 91 4.89 -12.92 14.12
C LEU A 91 3.64 -12.74 13.28
N LYS A 92 3.30 -13.79 12.57
CA LYS A 92 2.27 -13.72 11.58
C LYS A 92 0.86 -13.78 12.18
N LYS A 93 -0.07 -13.38 11.37
CA LYS A 93 -1.45 -13.48 11.66
C LYS A 93 -2.11 -14.03 10.40
N ASP A 94 -2.39 -13.12 9.45
CA ASP A 94 -2.95 -13.43 8.12
C ASP A 94 -4.13 -14.41 8.19
N LEU A 95 -4.95 -14.25 9.20
CA LEU A 95 -6.05 -15.14 9.45
C LEU A 95 -7.18 -14.33 10.01
N GLU A 96 -8.40 -14.68 9.68
CA GLU A 96 -9.55 -13.93 10.12
C GLU A 96 -10.18 -14.62 11.32
N GLU A 1 -19.15 9.25 17.11
CA GLU A 1 -18.11 8.27 16.91
C GLU A 1 -16.89 8.98 16.35
N LYS A 2 -15.83 8.23 16.05
CA LYS A 2 -14.66 8.84 15.46
C LYS A 2 -14.88 8.98 13.99
N LYS A 3 -15.42 7.94 13.39
CA LYS A 3 -15.71 7.96 11.99
C LYS A 3 -17.12 8.48 11.74
N GLU A 4 -17.22 9.77 11.66
CA GLU A 4 -18.47 10.45 11.38
C GLU A 4 -18.66 10.48 9.88
N GLN A 5 -17.58 10.67 9.17
CA GLN A 5 -17.61 10.66 7.73
C GLN A 5 -17.26 9.28 7.22
N LYS A 6 -18.25 8.45 7.12
CA LYS A 6 -18.09 7.12 6.62
C LYS A 6 -18.26 7.14 5.10
N GLU A 7 -17.22 6.81 4.40
CA GLU A 7 -17.24 6.93 2.96
C GLU A 7 -17.46 5.62 2.23
N LYS A 8 -17.79 5.74 0.97
CA LYS A 8 -17.98 4.62 0.12
C LYS A 8 -16.60 4.33 -0.46
N GLU A 9 -16.27 3.06 -0.61
CA GLU A 9 -14.94 2.61 -1.05
C GLU A 9 -14.68 2.88 -2.55
N LYS A 10 -15.00 4.09 -2.97
CA LYS A 10 -14.89 4.52 -4.35
C LYS A 10 -13.45 4.50 -4.81
N LYS A 11 -12.52 4.83 -3.92
CA LYS A 11 -11.12 4.89 -4.29
C LYS A 11 -10.61 3.50 -4.61
N GLU A 12 -11.02 2.54 -3.80
CA GLU A 12 -10.55 1.20 -3.97
C GLU A 12 -11.28 0.45 -5.08
N GLN A 13 -12.52 0.82 -5.37
CA GLN A 13 -13.23 0.22 -6.53
C GLN A 13 -12.43 0.53 -7.79
N GLU A 14 -11.92 1.74 -7.83
CA GLU A 14 -11.16 2.24 -8.93
C GLU A 14 -9.77 1.59 -9.00
N ILE A 15 -9.07 1.53 -7.87
CA ILE A 15 -7.73 0.92 -7.84
C ILE A 15 -7.80 -0.56 -8.15
N LYS A 16 -8.92 -1.16 -7.86
CA LYS A 16 -9.11 -2.57 -8.08
C LYS A 16 -9.28 -2.87 -9.54
N LYS A 17 -9.69 -1.88 -10.28
CA LYS A 17 -9.80 -2.01 -11.71
C LYS A 17 -8.47 -1.61 -12.33
N LYS A 18 -7.89 -0.56 -11.76
CA LYS A 18 -6.66 0.05 -12.22
C LYS A 18 -5.48 -0.91 -12.07
N PHE A 19 -5.33 -1.46 -10.88
CA PHE A 19 -4.20 -2.33 -10.59
C PHE A 19 -4.60 -3.79 -10.69
N LYS A 20 -5.85 -4.02 -11.09
CA LYS A 20 -6.46 -5.35 -11.12
C LYS A 20 -6.29 -6.03 -9.77
N LEU A 21 -7.08 -5.60 -8.85
CA LEU A 21 -6.97 -6.01 -7.48
C LEU A 21 -8.32 -6.51 -7.00
N THR A 22 -9.24 -6.79 -7.93
CA THR A 22 -10.58 -7.21 -7.57
C THR A 22 -10.55 -8.48 -6.70
N GLY A 23 -11.24 -8.42 -5.59
CA GLY A 23 -11.26 -9.50 -4.65
C GLY A 23 -10.80 -9.01 -3.29
N PRO A 24 -10.99 -9.77 -2.24
CA PRO A 24 -10.56 -9.39 -0.91
C PRO A 24 -9.06 -9.60 -0.75
N ILE A 25 -8.33 -8.53 -0.64
CA ILE A 25 -6.90 -8.61 -0.51
C ILE A 25 -6.43 -8.49 0.94
N GLN A 26 -5.41 -9.22 1.29
CA GLN A 26 -4.87 -9.18 2.64
C GLN A 26 -3.44 -8.67 2.60
N VAL A 27 -3.08 -7.89 3.58
CA VAL A 27 -1.75 -7.29 3.66
C VAL A 27 -0.67 -8.34 3.97
N ILE A 28 0.50 -8.17 3.39
CA ILE A 28 1.61 -9.07 3.62
C ILE A 28 2.64 -8.45 4.58
N HIS A 29 2.84 -7.15 4.49
CA HIS A 29 3.80 -6.47 5.40
C HIS A 29 3.32 -5.06 5.67
N LEU A 30 3.68 -4.53 6.80
CA LEU A 30 3.38 -3.17 7.11
C LEU A 30 4.56 -2.31 6.68
N ALA A 31 4.30 -1.40 5.79
CA ALA A 31 5.29 -0.47 5.30
C ALA A 31 5.06 0.90 5.94
N LYS A 32 5.93 1.79 5.68
CA LYS A 32 5.81 3.13 6.03
C LYS A 32 6.60 3.86 5.03
N ALA A 33 5.94 4.59 4.25
CA ALA A 33 6.56 5.34 3.20
C ALA A 33 7.42 6.40 3.80
N CYS A 34 8.58 6.56 3.24
CA CYS A 34 9.49 7.53 3.71
C CYS A 34 9.91 8.37 2.61
N CYS A 35 10.29 9.56 2.99
CA CYS A 35 11.06 10.41 2.18
C CYS A 35 10.21 10.98 1.01
N ASP A 36 10.79 11.85 0.25
CA ASP A 36 10.14 12.41 -0.92
C ASP A 36 10.25 11.43 -2.08
N VAL A 37 9.13 10.85 -2.44
CA VAL A 37 9.09 9.83 -3.45
C VAL A 37 8.47 10.33 -4.74
N LYS A 38 8.83 9.70 -5.84
CA LYS A 38 8.26 9.99 -7.13
C LYS A 38 6.73 9.84 -7.12
N GLY A 39 6.22 8.74 -6.55
CA GLY A 39 4.77 8.55 -6.44
C GLY A 39 4.04 8.63 -7.78
N GLY A 40 4.62 8.00 -8.79
CA GLY A 40 4.10 8.04 -10.17
C GLY A 40 2.63 7.60 -10.34
N LYS A 41 2.18 7.61 -11.60
CA LYS A 41 0.77 7.33 -11.98
C LYS A 41 0.23 5.98 -11.44
N ASN A 42 1.10 5.01 -11.28
CA ASN A 42 0.67 3.71 -10.79
C ASN A 42 1.11 3.52 -9.36
N GLU A 43 1.88 4.47 -8.89
CA GLU A 43 2.42 4.41 -7.58
C GLU A 43 1.55 5.18 -6.62
N LEU A 44 1.73 4.97 -5.36
CA LEU A 44 0.94 5.63 -4.37
C LEU A 44 1.44 7.03 -4.19
N SER A 45 0.53 7.91 -4.04
CA SER A 45 0.79 9.33 -3.84
C SER A 45 0.96 9.55 -2.32
N PHE A 46 1.70 8.65 -1.70
CA PHE A 46 1.94 8.69 -0.28
C PHE A 46 3.01 9.68 0.08
N LYS A 47 3.29 9.75 1.32
CA LYS A 47 4.21 10.68 1.83
C LYS A 47 5.24 10.04 2.74
N GLN A 48 6.10 10.87 3.19
CA GLN A 48 7.31 10.59 3.96
C GLN A 48 7.05 9.99 5.35
N GLY A 49 5.86 10.06 5.77
CA GLY A 49 5.49 9.63 7.10
C GLY A 49 4.22 8.84 7.08
N GLU A 50 3.90 8.37 5.91
CA GLU A 50 2.67 7.67 5.68
C GLU A 50 2.78 6.18 6.01
N GLN A 51 1.87 5.74 6.81
CA GLN A 51 1.83 4.40 7.28
C GLN A 51 0.92 3.67 6.35
N ILE A 52 1.53 3.05 5.46
CA ILE A 52 0.88 2.25 4.46
C ILE A 52 1.15 0.76 4.66
N GLU A 53 0.30 -0.07 4.15
CA GLU A 53 0.52 -1.50 4.25
C GLU A 53 0.53 -2.11 2.86
N ILE A 54 1.48 -3.00 2.56
CA ILE A 54 1.52 -3.57 1.20
C ILE A 54 0.92 -4.98 1.13
N ILE A 55 0.14 -5.18 0.11
CA ILE A 55 -0.56 -6.41 -0.13
C ILE A 55 0.13 -7.22 -1.23
N ARG A 56 0.43 -6.56 -2.33
CA ARG A 56 0.99 -7.26 -3.47
C ARG A 56 2.50 -7.11 -3.51
N ILE A 57 3.18 -8.22 -3.33
CA ILE A 57 4.62 -8.26 -3.41
C ILE A 57 4.99 -8.70 -4.82
N THR A 58 5.31 -7.77 -5.69
CA THR A 58 5.65 -8.14 -7.05
C THR A 58 6.88 -7.43 -7.55
N ASP A 59 7.68 -8.14 -8.30
CA ASP A 59 8.82 -7.56 -8.97
C ASP A 59 8.61 -7.63 -10.47
N ASN A 60 7.86 -8.63 -10.90
CA ASN A 60 7.66 -8.86 -12.33
C ASN A 60 6.71 -7.83 -12.97
N PRO A 61 5.39 -7.74 -12.57
CA PRO A 61 4.41 -6.87 -13.25
C PRO A 61 4.82 -5.40 -13.34
N GLU A 62 4.64 -4.69 -12.26
CA GLU A 62 4.95 -3.27 -12.23
C GLU A 62 6.31 -3.03 -11.60
N GLY A 63 6.87 -4.07 -11.00
CA GLY A 63 8.15 -3.96 -10.31
C GLY A 63 8.01 -3.15 -9.05
N LYS A 64 6.81 -3.09 -8.55
CA LYS A 64 6.49 -2.32 -7.38
C LYS A 64 5.64 -3.18 -6.47
N TRP A 65 5.46 -2.72 -5.27
CA TRP A 65 4.58 -3.37 -4.33
C TRP A 65 3.31 -2.59 -4.21
N LEU A 66 2.21 -3.27 -4.12
CA LEU A 66 0.94 -2.59 -3.99
C LEU A 66 0.66 -2.32 -2.53
N GLY A 67 0.68 -1.07 -2.19
CA GLY A 67 0.42 -0.62 -0.85
C GLY A 67 -0.90 0.08 -0.76
N ARG A 68 -1.23 0.53 0.41
CA ARG A 68 -2.45 1.24 0.67
C ARG A 68 -2.17 2.16 1.83
N THR A 69 -2.65 3.36 1.79
CA THR A 69 -2.49 4.26 2.89
C THR A 69 -3.48 3.91 3.98
N ALA A 70 -3.34 4.54 5.12
CA ALA A 70 -4.23 4.33 6.24
C ALA A 70 -5.55 5.06 5.98
N ARG A 71 -5.64 5.71 4.84
CA ARG A 71 -6.83 6.42 4.42
C ARG A 71 -7.61 5.58 3.41
N GLY A 72 -6.96 4.56 2.86
CA GLY A 72 -7.62 3.68 1.91
C GLY A 72 -7.23 3.93 0.46
N SER A 73 -6.08 4.53 0.24
CA SER A 73 -5.62 4.78 -1.10
C SER A 73 -4.53 3.79 -1.44
N TYR A 74 -4.82 2.94 -2.38
CA TYR A 74 -3.89 1.94 -2.84
C TYR A 74 -2.98 2.47 -3.91
N GLY A 75 -1.77 2.03 -3.91
CA GLY A 75 -0.82 2.48 -4.92
C GLY A 75 0.42 1.64 -4.93
N TYR A 76 1.09 1.56 -6.05
CA TYR A 76 2.34 0.84 -6.13
C TYR A 76 3.46 1.61 -5.45
N ILE A 77 4.44 0.91 -5.02
CA ILE A 77 5.50 1.48 -4.25
C ILE A 77 6.82 0.93 -4.72
N LYS A 78 7.82 1.79 -4.85
CA LYS A 78 9.15 1.31 -5.04
C LYS A 78 9.54 0.67 -3.72
N THR A 79 10.24 -0.40 -3.71
CA THR A 79 10.55 -1.10 -2.46
C THR A 79 11.54 -0.30 -1.57
N THR A 80 12.04 0.77 -2.13
CA THR A 80 12.96 1.67 -1.47
C THR A 80 12.19 2.85 -0.88
N ALA A 81 11.00 3.11 -1.42
CA ALA A 81 10.17 4.24 -1.00
C ALA A 81 9.56 4.01 0.36
N VAL A 82 9.58 2.77 0.80
CA VAL A 82 8.99 2.43 2.08
C VAL A 82 9.92 1.61 2.92
N GLU A 83 9.75 1.74 4.19
CA GLU A 83 10.46 0.99 5.14
C GLU A 83 9.61 -0.24 5.45
N ILE A 84 9.97 -1.32 4.87
CA ILE A 84 9.26 -2.57 4.99
C ILE A 84 9.84 -3.39 6.12
N ASP A 85 9.00 -3.80 7.03
CA ASP A 85 9.44 -4.68 8.07
C ASP A 85 8.96 -6.06 7.77
N TYR A 86 9.79 -7.02 8.02
CA TYR A 86 9.47 -8.41 7.77
C TYR A 86 8.62 -8.94 8.88
N ASP A 87 8.73 -8.28 10.03
CA ASP A 87 8.05 -8.63 11.29
C ASP A 87 6.55 -8.84 11.16
N SER A 88 5.95 -8.32 10.12
CA SER A 88 4.52 -8.45 9.92
C SER A 88 4.12 -9.93 9.76
N LEU A 89 4.66 -10.61 8.73
CA LEU A 89 4.36 -12.03 8.55
C LEU A 89 5.51 -12.94 8.92
N LYS A 90 6.70 -12.39 8.95
CA LYS A 90 7.87 -13.13 9.30
C LYS A 90 8.20 -12.79 10.74
N LEU A 91 7.72 -13.61 11.63
CA LEU A 91 7.82 -13.33 13.03
C LEU A 91 9.16 -13.72 13.58
N LYS A 92 9.88 -12.74 13.98
CA LYS A 92 11.15 -12.91 14.62
C LYS A 92 10.91 -12.79 16.10
N LYS A 93 9.97 -11.96 16.43
CA LYS A 93 9.59 -11.72 17.78
C LYS A 93 8.27 -12.39 18.05
N ASP A 94 8.33 -13.52 18.70
CA ASP A 94 7.15 -14.20 19.16
C ASP A 94 6.87 -13.69 20.55
N LEU A 95 5.92 -12.81 20.66
CA LEU A 95 5.62 -12.22 21.93
C LEU A 95 4.22 -12.60 22.37
N GLU A 96 4.15 -13.68 23.11
CA GLU A 96 2.92 -14.20 23.66
C GLU A 96 3.28 -15.33 24.59
N GLU A 1 -13.00 18.02 10.68
CA GLU A 1 -11.90 17.06 10.72
C GLU A 1 -10.70 17.71 11.38
N LYS A 2 -9.90 16.92 12.07
CA LYS A 2 -8.70 17.41 12.72
C LYS A 2 -7.50 16.74 12.09
N LYS A 3 -7.61 15.43 11.86
CA LYS A 3 -6.57 14.64 11.25
C LYS A 3 -7.14 13.92 10.02
N GLU A 4 -8.26 14.45 9.53
CA GLU A 4 -8.98 13.92 8.36
C GLU A 4 -9.77 12.62 8.67
N GLN A 5 -9.05 11.54 8.99
CA GLN A 5 -9.63 10.23 9.41
C GLN A 5 -10.51 9.48 8.39
N LYS A 6 -11.59 10.08 7.96
CA LYS A 6 -12.62 9.37 7.21
C LYS A 6 -12.81 9.85 5.78
N GLU A 7 -11.90 10.63 5.29
CA GLU A 7 -12.00 11.09 3.92
C GLU A 7 -11.41 10.06 2.98
N LYS A 8 -12.20 9.08 2.66
CA LYS A 8 -11.83 8.03 1.74
C LYS A 8 -11.99 8.55 0.34
N GLU A 9 -10.95 8.44 -0.45
CA GLU A 9 -10.94 9.00 -1.77
C GLU A 9 -11.65 8.10 -2.74
N LYS A 10 -11.92 8.63 -3.91
CA LYS A 10 -12.61 7.90 -4.96
C LYS A 10 -11.66 6.97 -5.70
N LYS A 11 -10.45 6.88 -5.20
CA LYS A 11 -9.46 6.03 -5.77
C LYS A 11 -9.74 4.57 -5.46
N GLU A 12 -10.37 4.30 -4.33
CA GLU A 12 -10.51 2.92 -3.88
C GLU A 12 -11.44 2.00 -4.68
N GLN A 13 -12.33 2.55 -5.45
CA GLN A 13 -13.09 1.72 -6.37
C GLN A 13 -12.44 1.70 -7.74
N GLU A 14 -11.51 2.60 -7.94
CA GLU A 14 -10.79 2.69 -9.21
C GLU A 14 -9.62 1.71 -9.17
N ILE A 15 -8.92 1.70 -8.03
CA ILE A 15 -7.75 0.85 -7.78
C ILE A 15 -8.08 -0.63 -7.98
N LYS A 16 -9.32 -0.99 -7.76
CA LYS A 16 -9.76 -2.36 -7.87
C LYS A 16 -9.83 -2.83 -9.31
N LYS A 17 -9.95 -1.89 -10.22
CA LYS A 17 -9.90 -2.15 -11.64
C LYS A 17 -8.50 -1.90 -12.14
N LYS A 18 -7.95 -0.77 -11.72
CA LYS A 18 -6.63 -0.26 -12.13
C LYS A 18 -5.51 -1.24 -11.80
N PHE A 19 -5.53 -1.75 -10.60
CA PHE A 19 -4.47 -2.65 -10.15
C PHE A 19 -4.98 -4.07 -10.01
N LYS A 20 -6.26 -4.25 -10.30
CA LYS A 20 -6.94 -5.53 -10.09
C LYS A 20 -6.86 -5.98 -8.65
N LEU A 21 -7.64 -5.33 -7.85
CA LEU A 21 -7.67 -5.57 -6.42
C LEU A 21 -9.07 -5.85 -5.97
N THR A 22 -9.90 -6.19 -6.93
CA THR A 22 -11.27 -6.46 -6.68
C THR A 22 -11.42 -7.83 -5.97
N GLY A 23 -11.66 -7.77 -4.69
CA GLY A 23 -11.83 -8.94 -3.89
C GLY A 23 -11.30 -8.70 -2.50
N PRO A 24 -10.90 -9.73 -1.78
CA PRO A 24 -10.37 -9.62 -0.45
C PRO A 24 -8.85 -9.53 -0.46
N ILE A 25 -8.33 -8.46 0.08
CA ILE A 25 -6.91 -8.27 0.14
C ILE A 25 -6.43 -8.33 1.58
N GLN A 26 -5.28 -8.92 1.79
CA GLN A 26 -4.74 -9.06 3.12
C GLN A 26 -3.30 -8.63 3.12
N VAL A 27 -2.90 -7.91 4.16
CA VAL A 27 -1.54 -7.42 4.25
C VAL A 27 -0.53 -8.55 4.25
N ILE A 28 0.48 -8.38 3.47
CA ILE A 28 1.56 -9.32 3.46
C ILE A 28 2.65 -8.79 4.37
N HIS A 29 2.77 -7.48 4.40
CA HIS A 29 3.67 -6.77 5.29
C HIS A 29 3.11 -5.39 5.46
N LEU A 30 3.71 -4.64 6.32
CA LEU A 30 3.38 -3.27 6.47
C LEU A 30 4.54 -2.45 6.01
N ALA A 31 4.24 -1.40 5.33
CA ALA A 31 5.23 -0.49 4.87
C ALA A 31 5.06 0.83 5.60
N LYS A 32 5.97 1.69 5.40
CA LYS A 32 5.94 2.99 5.94
C LYS A 32 6.72 3.82 5.00
N ALA A 33 6.02 4.53 4.22
CA ALA A 33 6.61 5.31 3.18
C ALA A 33 7.39 6.46 3.76
N CYS A 34 8.53 6.70 3.21
CA CYS A 34 9.37 7.75 3.67
C CYS A 34 9.70 8.64 2.60
N CYS A 35 9.90 9.86 2.98
CA CYS A 35 10.54 10.84 2.21
C CYS A 35 9.65 11.30 1.03
N ASP A 36 10.01 12.41 0.44
CA ASP A 36 9.36 12.86 -0.78
C ASP A 36 9.69 11.87 -1.89
N VAL A 37 8.72 11.09 -2.24
CA VAL A 37 8.89 10.00 -3.18
C VAL A 37 8.46 10.36 -4.56
N LYS A 38 9.01 9.62 -5.50
CA LYS A 38 8.64 9.68 -6.90
C LYS A 38 7.11 9.77 -7.05
N GLY A 39 6.40 8.72 -6.66
CA GLY A 39 4.95 8.81 -6.60
C GLY A 39 4.27 8.97 -7.93
N GLY A 40 4.72 8.21 -8.91
CA GLY A 40 4.16 8.25 -10.28
C GLY A 40 2.64 7.98 -10.38
N LYS A 41 2.15 7.87 -11.60
CA LYS A 41 0.71 7.74 -11.91
C LYS A 41 0.08 6.44 -11.37
N ASN A 42 0.81 5.35 -11.43
CA ASN A 42 0.32 4.08 -10.91
C ASN A 42 0.95 3.78 -9.57
N GLU A 43 1.75 4.71 -9.12
CA GLU A 43 2.42 4.59 -7.87
C GLU A 43 1.59 5.24 -6.81
N LEU A 44 1.86 4.96 -5.58
CA LEU A 44 1.13 5.55 -4.51
C LEU A 44 1.75 6.87 -4.22
N SER A 45 0.95 7.83 -4.21
CA SER A 45 1.39 9.13 -3.89
C SER A 45 1.25 9.32 -2.39
N PHE A 46 2.15 8.69 -1.70
CA PHE A 46 2.23 8.73 -0.27
C PHE A 46 3.26 9.73 0.18
N LYS A 47 3.45 9.80 1.45
CA LYS A 47 4.30 10.77 2.05
C LYS A 47 5.23 10.09 3.02
N GLN A 48 5.94 10.90 3.72
CA GLN A 48 6.92 10.50 4.67
C GLN A 48 6.22 10.33 5.99
N GLY A 49 6.20 9.13 6.46
CA GLY A 49 5.55 8.84 7.70
C GLY A 49 4.21 8.21 7.45
N GLU A 50 3.87 8.08 6.17
CA GLU A 50 2.64 7.48 5.77
C GLU A 50 2.67 5.99 5.98
N GLN A 51 1.69 5.55 6.70
CA GLN A 51 1.56 4.20 7.08
C GLN A 51 0.73 3.52 6.08
N ILE A 52 1.41 2.95 5.22
CA ILE A 52 0.86 2.15 4.18
C ILE A 52 1.10 0.69 4.43
N GLU A 53 0.34 -0.10 3.84
CA GLU A 53 0.46 -1.50 4.01
C GLU A 53 0.37 -2.17 2.67
N ILE A 54 1.32 -3.05 2.39
CA ILE A 54 1.32 -3.72 1.09
C ILE A 54 0.60 -5.05 1.13
N ILE A 55 -0.19 -5.24 0.13
CA ILE A 55 -1.01 -6.42 -0.02
C ILE A 55 -0.62 -7.21 -1.27
N ARG A 56 0.46 -6.79 -1.91
CA ARG A 56 0.99 -7.45 -3.09
C ARG A 56 2.50 -7.29 -3.15
N ILE A 57 3.20 -8.42 -3.23
CA ILE A 57 4.65 -8.45 -3.32
C ILE A 57 5.00 -8.90 -4.72
N THR A 58 5.34 -7.99 -5.59
CA THR A 58 5.62 -8.35 -6.95
C THR A 58 6.95 -7.83 -7.47
N ASP A 59 7.60 -8.67 -8.24
CA ASP A 59 8.79 -8.31 -8.99
C ASP A 59 8.39 -8.28 -10.45
N ASN A 60 7.19 -8.86 -10.70
CA ASN A 60 6.54 -8.94 -12.01
C ASN A 60 6.58 -7.57 -12.70
N PRO A 61 6.91 -7.55 -14.04
CA PRO A 61 7.07 -6.35 -14.88
C PRO A 61 6.27 -5.13 -14.40
N GLU A 62 6.95 -4.31 -13.63
CA GLU A 62 6.42 -3.14 -12.98
C GLU A 62 7.54 -2.64 -12.10
N GLY A 63 8.06 -3.57 -11.31
CA GLY A 63 9.15 -3.29 -10.42
C GLY A 63 8.71 -2.62 -9.17
N LYS A 64 7.45 -2.76 -8.87
CA LYS A 64 6.87 -2.12 -7.72
C LYS A 64 6.02 -3.11 -6.95
N TRP A 65 5.77 -2.78 -5.72
CA TRP A 65 4.86 -3.53 -4.87
C TRP A 65 3.57 -2.77 -4.78
N LEU A 66 2.51 -3.42 -4.40
CA LEU A 66 1.25 -2.74 -4.32
C LEU A 66 0.89 -2.50 -2.87
N GLY A 67 0.84 -1.24 -2.53
CA GLY A 67 0.51 -0.82 -1.22
C GLY A 67 -0.76 -0.05 -1.20
N ARG A 68 -1.14 0.37 -0.05
CA ARG A 68 -2.30 1.16 0.16
C ARG A 68 -2.04 1.96 1.39
N THR A 69 -2.50 3.17 1.43
CA THR A 69 -2.37 3.96 2.61
C THR A 69 -3.35 3.48 3.66
N ALA A 70 -3.22 3.98 4.87
CA ALA A 70 -4.13 3.63 5.95
C ALA A 70 -5.51 4.22 5.66
N ARG A 71 -5.51 5.19 4.75
CA ARG A 71 -6.70 5.87 4.30
C ARG A 71 -7.47 5.01 3.29
N GLY A 72 -6.76 4.10 2.64
CA GLY A 72 -7.39 3.23 1.66
C GLY A 72 -7.10 3.65 0.22
N SER A 73 -5.99 4.29 -0.01
CA SER A 73 -5.61 4.64 -1.34
C SER A 73 -4.43 3.78 -1.75
N TYR A 74 -4.68 2.90 -2.68
CA TYR A 74 -3.73 1.90 -3.13
C TYR A 74 -2.83 2.45 -4.23
N GLY A 75 -1.61 1.99 -4.29
CA GLY A 75 -0.68 2.45 -5.29
C GLY A 75 0.59 1.63 -5.30
N TYR A 76 1.27 1.57 -6.44
CA TYR A 76 2.52 0.89 -6.54
C TYR A 76 3.62 1.63 -5.80
N ILE A 77 4.47 0.89 -5.19
CA ILE A 77 5.48 1.42 -4.34
C ILE A 77 6.83 0.94 -4.78
N LYS A 78 7.80 1.84 -4.80
CA LYS A 78 9.16 1.41 -4.92
C LYS A 78 9.50 0.79 -3.58
N THR A 79 10.14 -0.31 -3.56
CA THR A 79 10.48 -0.98 -2.31
C THR A 79 11.47 -0.16 -1.44
N THR A 80 12.01 0.89 -2.05
CA THR A 80 12.94 1.78 -1.43
C THR A 80 12.21 3.05 -0.95
N ALA A 81 11.01 3.27 -1.48
CA ALA A 81 10.20 4.43 -1.10
C ALA A 81 9.56 4.19 0.26
N VAL A 82 9.61 2.94 0.70
CA VAL A 82 9.03 2.54 1.95
C VAL A 82 9.94 1.67 2.73
N GLU A 83 9.75 1.67 4.01
CA GLU A 83 10.43 0.78 4.89
C GLU A 83 9.48 -0.37 5.19
N ILE A 84 9.69 -1.46 4.51
CA ILE A 84 8.89 -2.65 4.69
C ILE A 84 9.35 -3.38 5.94
N ASP A 85 8.45 -3.70 6.82
CA ASP A 85 8.84 -4.43 8.00
C ASP A 85 8.31 -5.84 7.96
N TYR A 86 9.05 -6.70 8.55
CA TYR A 86 8.70 -8.08 8.68
C TYR A 86 8.11 -8.29 10.07
N ASP A 87 8.56 -7.43 10.98
CA ASP A 87 8.29 -7.48 12.43
C ASP A 87 6.83 -7.63 12.78
N SER A 88 5.98 -6.85 12.13
CA SER A 88 4.54 -6.87 12.42
C SER A 88 3.90 -8.20 12.00
N LEU A 89 4.60 -8.98 11.21
CA LEU A 89 4.11 -10.23 10.72
C LEU A 89 4.77 -11.36 11.48
N LYS A 90 6.07 -11.47 11.32
CA LYS A 90 6.87 -12.52 11.92
C LYS A 90 8.20 -11.92 12.35
N LEU A 91 9.03 -12.67 13.00
CA LEU A 91 10.32 -12.17 13.40
C LEU A 91 11.41 -13.01 12.78
N LYS A 92 12.55 -12.40 12.58
CA LYS A 92 13.75 -13.11 12.12
C LYS A 92 14.67 -13.37 13.30
N LYS A 93 14.23 -12.90 14.44
CA LYS A 93 14.94 -13.03 15.69
C LYS A 93 15.02 -14.50 16.08
N ASP A 94 16.15 -14.88 16.62
CA ASP A 94 16.36 -16.24 17.09
C ASP A 94 15.48 -16.48 18.32
N LEU A 95 14.83 -17.62 18.37
CA LEU A 95 13.91 -17.90 19.46
C LEU A 95 14.64 -18.60 20.59
N GLU A 96 14.91 -19.86 20.40
CA GLU A 96 15.55 -20.67 21.39
C GLU A 96 16.59 -21.53 20.72
N GLU A 1 -13.78 9.86 17.22
CA GLU A 1 -15.15 9.52 17.57
C GLU A 1 -15.94 9.45 16.29
N LYS A 2 -17.11 8.88 16.34
CA LYS A 2 -17.90 8.77 15.14
C LYS A 2 -18.71 10.04 14.91
N LYS A 3 -18.16 10.92 14.15
CA LYS A 3 -18.83 12.15 13.78
C LYS A 3 -19.27 12.00 12.35
N GLU A 4 -18.39 11.45 11.57
CA GLU A 4 -18.61 11.23 10.19
C GLU A 4 -18.31 9.78 9.88
N GLN A 5 -19.32 9.04 9.57
CA GLN A 5 -19.14 7.69 9.19
C GLN A 5 -19.44 7.53 7.72
N LYS A 6 -18.45 7.79 6.93
CA LYS A 6 -18.51 7.55 5.53
C LYS A 6 -17.74 6.30 5.29
N GLU A 7 -16.44 6.38 5.64
CA GLU A 7 -15.46 5.33 5.48
C GLU A 7 -15.63 4.61 4.15
N LYS A 8 -15.28 5.28 3.10
CA LYS A 8 -15.39 4.75 1.78
C LYS A 8 -14.58 5.58 0.85
N GLU A 9 -13.51 5.05 0.42
CA GLU A 9 -12.69 5.71 -0.51
C GLU A 9 -13.10 5.33 -1.89
N LYS A 10 -13.01 6.25 -2.79
CA LYS A 10 -13.37 5.99 -4.16
C LYS A 10 -12.14 5.57 -4.93
N LYS A 11 -11.01 5.59 -4.22
CA LYS A 11 -9.76 5.11 -4.76
C LYS A 11 -9.88 3.64 -5.08
N GLU A 12 -10.60 2.89 -4.23
CA GLU A 12 -10.72 1.46 -4.40
C GLU A 12 -11.43 1.06 -5.67
N GLN A 13 -12.36 1.89 -6.14
CA GLN A 13 -13.06 1.66 -7.40
C GLN A 13 -12.00 1.62 -8.51
N GLU A 14 -11.05 2.51 -8.40
CA GLU A 14 -9.95 2.60 -9.32
C GLU A 14 -8.97 1.48 -9.12
N ILE A 15 -8.49 1.34 -7.93
CA ILE A 15 -7.40 0.41 -7.62
C ILE A 15 -7.75 -1.03 -7.93
N LYS A 16 -9.02 -1.36 -7.84
CA LYS A 16 -9.43 -2.73 -8.01
C LYS A 16 -9.51 -3.09 -9.47
N LYS A 17 -9.75 -2.09 -10.27
CA LYS A 17 -9.81 -2.26 -11.69
C LYS A 17 -8.41 -2.05 -12.30
N LYS A 18 -7.72 -1.04 -11.79
CA LYS A 18 -6.44 -0.62 -12.31
C LYS A 18 -5.36 -1.64 -12.01
N PHE A 19 -5.23 -2.01 -10.75
CA PHE A 19 -4.15 -2.88 -10.33
C PHE A 19 -4.64 -4.30 -10.33
N LYS A 20 -5.91 -4.46 -10.68
CA LYS A 20 -6.63 -5.71 -10.63
C LYS A 20 -6.52 -6.30 -9.24
N LEU A 21 -7.25 -5.69 -8.35
CA LEU A 21 -7.19 -6.04 -6.97
C LEU A 21 -8.60 -6.32 -6.44
N THR A 22 -9.55 -6.54 -7.33
CA THR A 22 -10.90 -6.76 -6.87
C THR A 22 -11.06 -8.19 -6.32
N GLY A 23 -11.53 -8.26 -5.11
CA GLY A 23 -11.70 -9.53 -4.45
C GLY A 23 -10.89 -9.58 -3.18
N PRO A 24 -10.53 -10.76 -2.70
CA PRO A 24 -9.72 -10.94 -1.50
C PRO A 24 -8.29 -10.47 -1.74
N ILE A 25 -7.72 -9.77 -0.79
CA ILE A 25 -6.38 -9.25 -0.95
C ILE A 25 -5.46 -9.64 0.21
N GLN A 26 -5.71 -9.03 1.36
CA GLN A 26 -4.97 -9.22 2.61
C GLN A 26 -3.58 -8.65 2.58
N VAL A 27 -3.31 -7.91 3.61
CA VAL A 27 -2.08 -7.22 3.81
C VAL A 27 -0.99 -8.21 4.25
N ILE A 28 0.19 -8.09 3.67
CA ILE A 28 1.27 -9.02 4.01
C ILE A 28 2.26 -8.41 5.03
N HIS A 29 2.64 -7.15 4.83
CA HIS A 29 3.58 -6.46 5.74
C HIS A 29 3.12 -5.03 5.94
N LEU A 30 3.78 -4.31 6.80
CA LEU A 30 3.49 -2.92 7.01
C LEU A 30 4.63 -2.10 6.46
N ALA A 31 4.31 -1.19 5.59
CA ALA A 31 5.28 -0.30 5.02
C ALA A 31 5.18 1.08 5.65
N LYS A 32 6.08 1.91 5.33
CA LYS A 32 6.14 3.25 5.76
C LYS A 32 6.86 3.94 4.67
N ALA A 33 6.16 4.66 3.93
CA ALA A 33 6.71 5.37 2.83
C ALA A 33 7.67 6.44 3.32
N CYS A 34 8.90 6.35 2.91
CA CYS A 34 9.90 7.28 3.33
C CYS A 34 10.01 8.37 2.37
N CYS A 35 10.50 9.48 2.88
CA CYS A 35 11.01 10.54 2.09
C CYS A 35 9.92 11.14 1.19
N ASP A 36 10.29 12.04 0.35
CA ASP A 36 9.40 12.43 -0.72
C ASP A 36 9.72 11.52 -1.89
N VAL A 37 8.76 10.76 -2.29
CA VAL A 37 8.94 9.77 -3.33
C VAL A 37 8.49 10.28 -4.66
N LYS A 38 9.03 9.67 -5.71
CA LYS A 38 8.64 9.97 -7.08
C LYS A 38 7.13 9.88 -7.18
N GLY A 39 6.59 8.79 -6.64
CA GLY A 39 5.16 8.64 -6.54
C GLY A 39 4.46 8.72 -7.86
N GLY A 40 5.01 8.06 -8.86
CA GLY A 40 4.53 8.11 -10.23
C GLY A 40 3.04 7.78 -10.41
N LYS A 41 2.62 7.85 -11.65
CA LYS A 41 1.23 7.67 -12.07
C LYS A 41 0.58 6.40 -11.49
N ASN A 42 1.29 5.29 -11.50
CA ASN A 42 0.73 4.04 -10.98
C ASN A 42 1.11 3.82 -9.52
N GLU A 43 1.88 4.74 -8.97
CA GLU A 43 2.34 4.62 -7.62
C GLU A 43 1.41 5.33 -6.68
N LEU A 44 1.58 5.07 -5.41
CA LEU A 44 0.74 5.61 -4.40
C LEU A 44 1.14 7.03 -4.09
N SER A 45 0.17 7.81 -3.86
CA SER A 45 0.37 9.17 -3.47
C SER A 45 0.50 9.20 -1.94
N PHE A 46 1.69 8.97 -1.46
CA PHE A 46 1.99 8.97 -0.05
C PHE A 46 3.10 9.92 0.28
N LYS A 47 3.39 10.03 1.54
CA LYS A 47 4.34 10.96 2.06
C LYS A 47 5.35 10.26 2.95
N GLN A 48 6.16 11.05 3.58
CA GLN A 48 7.26 10.61 4.40
C GLN A 48 6.77 10.28 5.79
N GLY A 49 6.80 9.02 6.08
CA GLY A 49 6.33 8.53 7.33
C GLY A 49 4.89 8.16 7.23
N GLU A 50 4.42 8.00 6.01
CA GLU A 50 3.07 7.59 5.76
C GLU A 50 2.91 6.12 6.00
N GLN A 51 1.92 5.82 6.75
CA GLN A 51 1.61 4.52 7.17
C GLN A 51 0.77 3.89 6.15
N ILE A 52 1.43 3.19 5.39
CA ILE A 52 0.85 2.37 4.38
C ILE A 52 1.06 0.90 4.67
N GLU A 53 0.25 0.10 4.12
CA GLU A 53 0.39 -1.33 4.28
C GLU A 53 0.43 -1.94 2.91
N ILE A 54 1.31 -2.89 2.67
CA ILE A 54 1.35 -3.52 1.35
C ILE A 54 0.66 -4.87 1.36
N ILE A 55 -0.07 -5.10 0.32
CA ILE A 55 -0.87 -6.29 0.16
C ILE A 55 -0.20 -7.25 -0.80
N ARG A 56 0.24 -6.75 -1.91
CA ARG A 56 0.74 -7.62 -2.94
C ARG A 56 2.23 -7.48 -3.10
N ILE A 57 2.92 -8.57 -2.93
CA ILE A 57 4.34 -8.60 -3.13
C ILE A 57 4.58 -9.15 -4.55
N THR A 58 4.74 -8.25 -5.49
CA THR A 58 5.07 -8.62 -6.83
C THR A 58 6.16 -7.71 -7.41
N ASP A 59 6.98 -8.23 -8.28
CA ASP A 59 7.93 -7.39 -9.01
C ASP A 59 7.49 -7.28 -10.44
N ASN A 60 6.38 -7.92 -10.74
CA ASN A 60 5.82 -8.00 -12.10
C ASN A 60 5.47 -6.64 -12.71
N PRO A 61 4.66 -5.76 -12.05
CA PRO A 61 4.31 -4.47 -12.61
C PRO A 61 5.47 -3.46 -12.51
N GLU A 62 6.53 -3.77 -13.25
CA GLU A 62 7.73 -2.97 -13.35
C GLU A 62 8.37 -2.70 -11.98
N GLY A 63 8.33 -3.71 -11.13
CA GLY A 63 9.02 -3.66 -9.87
C GLY A 63 8.31 -2.93 -8.78
N LYS A 64 7.01 -2.94 -8.77
CA LYS A 64 6.30 -2.24 -7.72
C LYS A 64 5.42 -3.15 -6.93
N TRP A 65 5.33 -2.88 -5.66
CA TRP A 65 4.46 -3.59 -4.75
C TRP A 65 3.16 -2.83 -4.64
N LEU A 66 2.15 -3.47 -4.17
CA LEU A 66 0.88 -2.80 -4.01
C LEU A 66 0.67 -2.45 -2.56
N GLY A 67 0.59 -1.18 -2.29
CA GLY A 67 0.36 -0.69 -0.97
C GLY A 67 -0.90 0.12 -0.92
N ARG A 68 -1.25 0.57 0.25
CA ARG A 68 -2.40 1.41 0.49
C ARG A 68 -2.13 2.26 1.70
N THR A 69 -2.57 3.48 1.67
CA THR A 69 -2.44 4.34 2.81
C THR A 69 -3.49 3.98 3.84
N ALA A 70 -3.36 4.52 5.03
CA ALA A 70 -4.29 4.25 6.10
C ALA A 70 -5.66 4.82 5.78
N ARG A 71 -5.71 5.79 4.87
CA ARG A 71 -6.96 6.37 4.45
C ARG A 71 -7.67 5.45 3.46
N GLY A 72 -6.89 4.66 2.74
CA GLY A 72 -7.49 3.78 1.76
C GLY A 72 -7.10 4.10 0.31
N SER A 73 -5.97 4.73 0.11
CA SER A 73 -5.51 5.02 -1.22
C SER A 73 -4.48 3.97 -1.58
N TYR A 74 -4.80 3.13 -2.53
CA TYR A 74 -3.90 2.05 -2.95
C TYR A 74 -3.03 2.52 -4.10
N GLY A 75 -1.81 2.06 -4.10
CA GLY A 75 -0.90 2.43 -5.17
C GLY A 75 0.31 1.55 -5.20
N TYR A 76 0.98 1.52 -6.35
CA TYR A 76 2.21 0.80 -6.47
C TYR A 76 3.30 1.52 -5.72
N ILE A 77 4.25 0.79 -5.25
CA ILE A 77 5.30 1.33 -4.47
C ILE A 77 6.62 0.77 -4.93
N LYS A 78 7.60 1.64 -5.15
CA LYS A 78 8.95 1.16 -5.29
C LYS A 78 9.33 0.57 -3.93
N THR A 79 9.96 -0.56 -3.91
CA THR A 79 10.26 -1.24 -2.65
C THR A 79 11.29 -0.47 -1.81
N THR A 80 11.91 0.50 -2.44
CA THR A 80 12.90 1.31 -1.84
C THR A 80 12.24 2.62 -1.32
N ALA A 81 11.01 2.87 -1.77
CA ALA A 81 10.28 4.06 -1.36
C ALA A 81 9.74 3.86 0.03
N VAL A 82 9.63 2.61 0.44
CA VAL A 82 9.06 2.29 1.72
C VAL A 82 9.94 1.38 2.52
N GLU A 83 9.86 1.53 3.81
CA GLU A 83 10.53 0.68 4.72
C GLU A 83 9.55 -0.40 5.19
N ILE A 84 9.71 -1.54 4.63
CA ILE A 84 8.88 -2.68 4.93
C ILE A 84 9.35 -3.36 6.21
N ASP A 85 8.43 -3.71 7.08
CA ASP A 85 8.77 -4.34 8.34
C ASP A 85 8.92 -5.83 8.17
N TYR A 86 9.69 -6.42 9.02
CA TYR A 86 9.87 -7.84 8.99
C TYR A 86 8.99 -8.51 10.06
N ASP A 87 8.69 -7.72 11.11
CA ASP A 87 7.94 -8.19 12.29
C ASP A 87 6.59 -8.81 11.98
N SER A 88 5.99 -8.38 10.90
CA SER A 88 4.74 -8.94 10.40
C SER A 88 4.78 -10.46 10.26
N LEU A 89 5.94 -10.98 9.90
CA LEU A 89 6.07 -12.39 9.66
C LEU A 89 6.24 -13.14 10.95
N LYS A 90 7.01 -12.55 11.89
CA LYS A 90 7.34 -13.14 13.20
C LYS A 90 8.23 -14.38 13.06
N LEU A 91 9.32 -14.42 13.83
CA LEU A 91 10.29 -15.53 13.82
C LEU A 91 11.07 -15.55 12.50
N LYS A 92 12.34 -15.22 12.57
CA LYS A 92 13.17 -15.11 11.37
C LYS A 92 13.94 -16.38 11.03
N LYS A 93 13.42 -17.50 11.46
CA LYS A 93 13.97 -18.79 11.11
C LYS A 93 12.81 -19.76 11.02
N ASP A 94 12.83 -20.63 10.05
CA ASP A 94 11.79 -21.61 9.94
C ASP A 94 12.10 -22.78 10.84
N LEU A 95 11.11 -23.19 11.58
CA LEU A 95 11.21 -24.34 12.46
C LEU A 95 10.32 -25.43 11.90
N GLU A 96 9.19 -25.05 11.38
CA GLU A 96 8.28 -25.97 10.78
C GLU A 96 8.51 -25.94 9.29
N GLU A 1 -6.97 10.26 17.71
CA GLU A 1 -6.75 10.18 16.28
C GLU A 1 -7.94 10.77 15.57
N LYS A 2 -7.70 11.54 14.54
CA LYS A 2 -8.77 12.21 13.84
C LYS A 2 -9.04 11.56 12.51
N LYS A 3 -7.97 11.36 11.74
CA LYS A 3 -8.03 10.85 10.37
C LYS A 3 -8.76 11.87 9.47
N GLU A 4 -8.93 11.53 8.23
CA GLU A 4 -9.71 12.36 7.34
C GLU A 4 -11.18 12.06 7.55
N GLN A 5 -11.96 13.10 7.71
CA GLN A 5 -13.36 12.99 8.06
C GLN A 5 -14.20 12.29 6.99
N LYS A 6 -13.89 12.52 5.74
CA LYS A 6 -14.62 11.90 4.66
C LYS A 6 -13.83 10.75 4.07
N GLU A 7 -14.07 9.56 4.54
CA GLU A 7 -13.42 8.40 4.01
C GLU A 7 -14.29 7.85 2.90
N LYS A 8 -14.08 8.42 1.75
CA LYS A 8 -14.74 8.05 0.52
C LYS A 8 -13.88 8.59 -0.59
N GLU A 9 -12.97 7.80 -1.02
CA GLU A 9 -12.04 8.20 -2.02
C GLU A 9 -12.34 7.45 -3.29
N LYS A 10 -12.31 8.13 -4.41
CA LYS A 10 -12.62 7.49 -5.68
C LYS A 10 -11.47 6.63 -6.17
N LYS A 11 -10.32 6.78 -5.51
CA LYS A 11 -9.16 5.97 -5.81
C LYS A 11 -9.45 4.51 -5.60
N GLU A 12 -10.14 4.16 -4.50
CA GLU A 12 -10.33 2.75 -4.16
C GLU A 12 -11.28 2.01 -5.09
N GLN A 13 -11.97 2.75 -5.93
CA GLN A 13 -12.78 2.16 -6.96
C GLN A 13 -11.88 1.89 -8.16
N GLU A 14 -11.10 2.90 -8.50
CA GLU A 14 -10.22 2.85 -9.64
C GLU A 14 -9.13 1.80 -9.45
N ILE A 15 -8.53 1.78 -8.26
CA ILE A 15 -7.40 0.87 -7.94
C ILE A 15 -7.75 -0.60 -8.17
N LYS A 16 -9.02 -0.92 -8.01
CA LYS A 16 -9.48 -2.29 -8.14
C LYS A 16 -9.52 -2.71 -9.59
N LYS A 17 -9.60 -1.74 -10.47
CA LYS A 17 -9.59 -1.96 -11.90
C LYS A 17 -8.16 -1.73 -12.40
N LYS A 18 -7.57 -0.68 -11.89
CA LYS A 18 -6.27 -0.17 -12.27
C LYS A 18 -5.18 -1.18 -11.98
N PHE A 19 -5.19 -1.70 -10.78
CA PHE A 19 -4.17 -2.62 -10.36
C PHE A 19 -4.69 -4.03 -10.41
N LYS A 20 -5.97 -4.16 -10.77
CA LYS A 20 -6.68 -5.43 -10.71
C LYS A 20 -6.66 -5.94 -9.30
N LEU A 21 -7.46 -5.36 -8.47
CA LEU A 21 -7.43 -5.68 -7.08
C LEU A 21 -8.80 -6.13 -6.60
N THR A 22 -9.65 -6.48 -7.52
CA THR A 22 -10.96 -6.90 -7.15
C THR A 22 -10.95 -8.38 -6.74
N GLY A 23 -11.24 -8.62 -5.49
CA GLY A 23 -11.22 -9.95 -4.95
C GLY A 23 -10.64 -9.95 -3.55
N PRO A 24 -10.37 -11.11 -2.98
CA PRO A 24 -9.82 -11.22 -1.62
C PRO A 24 -8.33 -10.89 -1.58
N ILE A 25 -7.97 -9.85 -0.86
CA ILE A 25 -6.58 -9.45 -0.72
C ILE A 25 -6.24 -9.18 0.75
N GLN A 26 -5.07 -9.62 1.17
CA GLN A 26 -4.61 -9.47 2.55
C GLN A 26 -3.21 -8.90 2.58
N VAL A 27 -2.97 -8.00 3.53
CA VAL A 27 -1.68 -7.36 3.68
C VAL A 27 -0.58 -8.39 4.04
N ILE A 28 0.59 -8.21 3.49
CA ILE A 28 1.70 -9.11 3.73
C ILE A 28 2.74 -8.54 4.72
N HIS A 29 2.91 -7.21 4.68
CA HIS A 29 3.82 -6.49 5.60
C HIS A 29 3.31 -5.08 5.69
N LEU A 30 3.79 -4.34 6.63
CA LEU A 30 3.45 -2.96 6.67
C LEU A 30 4.63 -2.15 6.22
N ALA A 31 4.36 -1.17 5.43
CA ALA A 31 5.37 -0.28 4.94
C ALA A 31 5.21 1.11 5.54
N LYS A 32 6.14 1.94 5.30
CA LYS A 32 6.10 3.27 5.71
C LYS A 32 6.88 4.02 4.73
N ALA A 33 6.19 4.72 3.94
CA ALA A 33 6.77 5.51 2.90
C ALA A 33 7.66 6.57 3.51
N CYS A 34 8.94 6.40 3.33
CA CYS A 34 9.89 7.30 3.89
C CYS A 34 10.26 8.27 2.92
N CYS A 35 10.60 9.42 3.45
CA CYS A 35 11.27 10.40 2.72
C CYS A 35 10.35 10.94 1.60
N ASP A 36 10.84 11.81 0.77
CA ASP A 36 10.06 12.21 -0.39
C ASP A 36 10.07 11.05 -1.34
N VAL A 37 8.91 10.56 -1.65
CA VAL A 37 8.80 9.45 -2.54
C VAL A 37 8.45 9.96 -3.90
N LYS A 38 8.80 9.22 -4.91
CA LYS A 38 8.51 9.61 -6.29
C LYS A 38 7.01 9.77 -6.46
N GLY A 39 6.29 8.67 -6.41
CA GLY A 39 4.86 8.75 -6.41
C GLY A 39 4.29 9.24 -7.71
N GLY A 40 4.83 8.75 -8.81
CA GLY A 40 4.43 9.15 -10.15
C GLY A 40 2.96 8.91 -10.50
N LYS A 41 2.70 8.07 -11.46
CA LYS A 41 1.36 7.90 -11.94
C LYS A 41 0.68 6.65 -11.35
N ASN A 42 1.34 5.51 -11.47
CA ASN A 42 0.76 4.24 -10.96
C ASN A 42 1.19 4.01 -9.52
N GLU A 43 1.92 4.96 -8.99
CA GLU A 43 2.41 4.86 -7.66
C GLU A 43 1.42 5.47 -6.72
N LEU A 44 1.52 5.10 -5.47
CA LEU A 44 0.60 5.51 -4.45
C LEU A 44 0.70 7.01 -4.23
N SER A 45 -0.39 7.59 -3.87
CA SER A 45 -0.38 8.95 -3.43
C SER A 45 -0.12 8.92 -1.93
N PHE A 46 1.12 8.77 -1.61
CA PHE A 46 1.59 8.66 -0.27
C PHE A 46 2.79 9.54 -0.11
N LYS A 47 3.20 9.75 1.10
CA LYS A 47 4.27 10.64 1.42
C LYS A 47 5.12 10.12 2.58
N GLN A 48 6.00 10.94 3.00
CA GLN A 48 6.93 10.72 4.06
C GLN A 48 6.20 10.61 5.36
N GLY A 49 6.37 9.50 5.97
CA GLY A 49 5.78 9.25 7.24
C GLY A 49 4.43 8.62 7.10
N GLU A 50 4.07 8.31 5.86
CA GLU A 50 2.83 7.67 5.59
C GLU A 50 2.88 6.21 5.93
N GLN A 51 1.94 5.81 6.72
CA GLN A 51 1.86 4.51 7.22
C GLN A 51 0.94 3.75 6.33
N ILE A 52 1.56 3.10 5.47
CA ILE A 52 0.95 2.27 4.48
C ILE A 52 1.13 0.77 4.74
N GLU A 53 0.31 -0.02 4.15
CA GLU A 53 0.47 -1.46 4.24
C GLU A 53 0.62 -2.01 2.84
N ILE A 54 1.51 -2.98 2.63
CA ILE A 54 1.59 -3.59 1.28
C ILE A 54 0.95 -5.00 1.25
N ILE A 55 0.13 -5.19 0.26
CA ILE A 55 -0.67 -6.41 0.11
C ILE A 55 -0.10 -7.28 -1.01
N ARG A 56 0.43 -6.67 -2.02
CA ARG A 56 0.94 -7.42 -3.15
C ARG A 56 2.43 -7.27 -3.27
N ILE A 57 3.12 -8.38 -3.18
CA ILE A 57 4.56 -8.44 -3.30
C ILE A 57 4.87 -8.94 -4.72
N THR A 58 5.15 -8.03 -5.62
CA THR A 58 5.35 -8.40 -7.01
C THR A 58 6.53 -7.73 -7.70
N ASP A 59 7.20 -8.50 -8.53
CA ASP A 59 8.31 -8.00 -9.35
C ASP A 59 7.94 -8.09 -10.82
N ASN A 60 7.11 -9.07 -11.15
CA ASN A 60 6.72 -9.37 -12.54
C ASN A 60 5.89 -8.26 -13.21
N PRO A 61 4.72 -7.82 -12.62
CA PRO A 61 3.85 -6.83 -13.27
C PRO A 61 4.56 -5.50 -13.59
N GLU A 62 4.67 -4.65 -12.60
CA GLU A 62 5.27 -3.34 -12.77
C GLU A 62 6.53 -3.20 -11.93
N GLY A 63 6.94 -4.29 -11.31
CA GLY A 63 8.11 -4.27 -10.43
C GLY A 63 7.87 -3.42 -9.21
N LYS A 64 6.63 -3.38 -8.77
CA LYS A 64 6.24 -2.57 -7.65
C LYS A 64 5.39 -3.38 -6.73
N TRP A 65 5.30 -2.92 -5.52
CA TRP A 65 4.46 -3.55 -4.53
C TRP A 65 3.20 -2.77 -4.38
N LEU A 66 2.11 -3.46 -4.20
CA LEU A 66 0.85 -2.80 -4.04
C LEU A 66 0.63 -2.50 -2.58
N GLY A 67 0.61 -1.23 -2.28
CA GLY A 67 0.43 -0.77 -0.96
C GLY A 67 -0.87 0.01 -0.84
N ARG A 68 -1.16 0.45 0.34
CA ARG A 68 -2.32 1.24 0.64
C ARG A 68 -2.01 2.12 1.82
N THR A 69 -2.38 3.38 1.77
CA THR A 69 -2.20 4.26 2.88
C THR A 69 -3.18 3.92 3.98
N ALA A 70 -2.99 4.49 5.16
CA ALA A 70 -3.91 4.30 6.26
C ALA A 70 -5.21 5.04 5.95
N ARG A 71 -5.09 5.96 4.99
CA ARG A 71 -6.19 6.71 4.43
C ARG A 71 -7.02 5.83 3.50
N GLY A 72 -6.40 4.80 2.94
CA GLY A 72 -7.10 3.87 2.09
C GLY A 72 -6.76 3.97 0.60
N SER A 73 -5.71 4.68 0.26
CA SER A 73 -5.33 4.80 -1.12
C SER A 73 -4.37 3.71 -1.46
N TYR A 74 -4.75 2.91 -2.38
CA TYR A 74 -3.89 1.87 -2.88
C TYR A 74 -2.99 2.42 -3.96
N GLY A 75 -1.79 1.94 -4.01
CA GLY A 75 -0.86 2.39 -5.02
C GLY A 75 0.34 1.52 -5.13
N TYR A 76 0.99 1.53 -6.28
CA TYR A 76 2.22 0.81 -6.42
C TYR A 76 3.34 1.57 -5.77
N ILE A 77 4.12 0.87 -5.05
CA ILE A 77 5.17 1.43 -4.30
C ILE A 77 6.48 0.95 -4.83
N LYS A 78 7.43 1.83 -4.91
CA LYS A 78 8.77 1.38 -5.18
C LYS A 78 9.28 0.91 -3.86
N THR A 79 9.92 -0.21 -3.83
CA THR A 79 10.32 -0.86 -2.59
C THR A 79 11.33 -0.02 -1.81
N THR A 80 11.95 0.89 -2.49
CA THR A 80 12.94 1.76 -1.94
C THR A 80 12.27 3.01 -1.34
N ALA A 81 11.05 3.27 -1.76
CA ALA A 81 10.28 4.40 -1.28
C ALA A 81 9.74 4.13 0.11
N VAL A 82 9.72 2.86 0.50
CA VAL A 82 9.16 2.51 1.79
C VAL A 82 10.05 1.65 2.63
N GLU A 83 9.88 1.77 3.92
CA GLU A 83 10.54 0.97 4.88
C GLU A 83 9.57 -0.12 5.30
N ILE A 84 9.83 -1.27 4.82
CA ILE A 84 9.02 -2.44 5.05
C ILE A 84 9.39 -3.07 6.39
N ASP A 85 8.43 -3.23 7.27
CA ASP A 85 8.75 -3.80 8.55
C ASP A 85 8.51 -5.28 8.57
N TYR A 86 9.35 -5.92 9.30
CA TYR A 86 9.24 -7.31 9.58
C TYR A 86 8.62 -7.47 10.95
N ASP A 87 8.59 -6.36 11.67
CA ASP A 87 8.10 -6.25 13.04
C ASP A 87 6.69 -6.80 13.21
N SER A 88 5.81 -6.40 12.34
CA SER A 88 4.41 -6.80 12.42
C SER A 88 4.21 -8.29 12.12
N LEU A 89 5.22 -8.91 11.55
CA LEU A 89 5.16 -10.32 11.19
C LEU A 89 5.92 -11.13 12.22
N LYS A 90 6.76 -10.43 12.97
CA LYS A 90 7.60 -10.98 14.01
C LYS A 90 8.45 -12.12 13.56
N LEU A 91 9.55 -11.79 12.93
CA LEU A 91 10.52 -12.78 12.58
C LEU A 91 11.45 -12.89 13.74
N LYS A 92 11.09 -13.73 14.65
CA LYS A 92 11.79 -13.91 15.88
C LYS A 92 12.79 -15.01 15.70
N LYS A 93 12.28 -16.15 15.27
CA LYS A 93 13.05 -17.35 15.04
C LYS A 93 12.16 -18.40 14.42
N ASP A 94 12.45 -18.76 13.21
CA ASP A 94 11.72 -19.81 12.54
C ASP A 94 12.51 -21.10 12.66
N LEU A 95 12.40 -21.69 13.84
CA LEU A 95 13.11 -22.90 14.22
C LEU A 95 12.63 -23.23 15.64
N GLU A 96 11.75 -24.21 15.74
CA GLU A 96 11.19 -24.66 17.01
C GLU A 96 10.42 -23.53 17.71
N GLU A 1 -12.99 -6.01 8.00
CA GLU A 1 -14.37 -6.06 8.45
C GLU A 1 -14.45 -6.74 9.79
N LYS A 2 -14.82 -5.99 10.79
CA LYS A 2 -15.00 -6.52 12.13
C LYS A 2 -16.43 -7.03 12.16
N LYS A 3 -17.32 -6.10 11.93
CA LYS A 3 -18.74 -6.34 11.70
C LYS A 3 -19.07 -5.42 10.56
N GLU A 4 -18.66 -4.19 10.76
CA GLU A 4 -18.63 -3.17 9.77
C GLU A 4 -17.19 -3.09 9.32
N GLN A 5 -16.90 -2.34 8.31
CA GLN A 5 -15.52 -2.22 7.92
C GLN A 5 -14.87 -1.07 8.64
N LYS A 6 -15.53 0.08 8.67
CA LYS A 6 -15.02 1.31 9.33
C LYS A 6 -13.68 1.75 8.72
N GLU A 7 -13.47 1.32 7.49
CA GLU A 7 -12.30 1.61 6.70
C GLU A 7 -12.75 1.76 5.25
N LYS A 8 -14.02 2.12 5.11
CA LYS A 8 -14.67 2.22 3.83
C LYS A 8 -14.34 3.53 3.12
N GLU A 9 -13.91 3.38 1.91
CA GLU A 9 -13.65 4.45 1.01
C GLU A 9 -14.25 4.02 -0.33
N LYS A 10 -14.56 4.94 -1.18
CA LYS A 10 -15.21 4.63 -2.46
C LYS A 10 -14.15 4.43 -3.54
N LYS A 11 -12.92 4.54 -3.14
CA LYS A 11 -11.80 4.54 -4.06
C LYS A 11 -11.41 3.13 -4.52
N GLU A 12 -11.93 2.08 -3.86
CA GLU A 12 -11.51 0.74 -4.26
C GLU A 12 -12.06 0.38 -5.63
N GLN A 13 -13.11 1.09 -6.04
CA GLN A 13 -13.71 0.93 -7.35
C GLN A 13 -12.64 1.10 -8.43
N GLU A 14 -11.82 2.10 -8.26
CA GLU A 14 -10.82 2.44 -9.23
C GLU A 14 -9.59 1.56 -9.09
N ILE A 15 -9.16 1.34 -7.86
CA ILE A 15 -7.93 0.59 -7.60
C ILE A 15 -8.03 -0.86 -8.05
N LYS A 16 -9.25 -1.39 -8.07
CA LYS A 16 -9.46 -2.77 -8.44
C LYS A 16 -9.33 -2.96 -9.94
N LYS A 17 -9.42 -1.88 -10.65
CA LYS A 17 -9.25 -1.88 -12.09
C LYS A 17 -7.82 -1.47 -12.42
N LYS A 18 -7.36 -0.48 -11.68
CA LYS A 18 -6.06 0.14 -11.87
C LYS A 18 -4.93 -0.84 -11.53
N PHE A 19 -5.03 -1.49 -10.40
CA PHE A 19 -3.97 -2.38 -9.95
C PHE A 19 -4.41 -3.82 -10.08
N LYS A 20 -5.68 -4.01 -10.50
CA LYS A 20 -6.29 -5.33 -10.61
C LYS A 20 -6.23 -6.05 -9.27
N LEU A 21 -7.02 -5.55 -8.34
CA LEU A 21 -6.98 -6.03 -6.97
C LEU A 21 -8.30 -6.66 -6.60
N THR A 22 -9.09 -6.99 -7.60
CA THR A 22 -10.42 -7.55 -7.44
C THR A 22 -10.44 -8.78 -6.52
N GLY A 23 -11.16 -8.68 -5.42
CA GLY A 23 -11.29 -9.80 -4.51
C GLY A 23 -10.82 -9.46 -3.11
N PRO A 24 -10.91 -10.42 -2.18
CA PRO A 24 -10.41 -10.26 -0.81
C PRO A 24 -8.89 -10.38 -0.78
N ILE A 25 -8.25 -9.35 -0.30
CA ILE A 25 -6.80 -9.29 -0.28
C ILE A 25 -6.25 -9.15 1.14
N GLN A 26 -4.96 -9.42 1.33
CA GLN A 26 -4.35 -9.38 2.67
C GLN A 26 -3.15 -8.51 2.68
N VAL A 27 -2.87 -8.03 3.84
CA VAL A 27 -1.79 -7.15 4.07
C VAL A 27 -0.55 -7.99 4.40
N ILE A 28 0.37 -8.05 3.47
CA ILE A 28 1.55 -8.91 3.61
C ILE A 28 2.61 -8.32 4.57
N HIS A 29 2.79 -7.02 4.53
CA HIS A 29 3.75 -6.35 5.40
C HIS A 29 3.31 -4.96 5.68
N LEU A 30 3.96 -4.36 6.62
CA LEU A 30 3.72 -3.00 6.95
C LEU A 30 4.80 -2.17 6.33
N ALA A 31 4.40 -1.29 5.49
CA ALA A 31 5.31 -0.42 4.83
C ALA A 31 5.21 0.97 5.46
N LYS A 32 6.16 1.77 5.21
CA LYS A 32 6.18 3.08 5.66
C LYS A 32 6.98 3.84 4.69
N ALA A 33 6.31 4.61 3.93
CA ALA A 33 6.93 5.47 2.96
C ALA A 33 7.85 6.41 3.73
N CYS A 34 9.11 6.48 3.35
CA CYS A 34 10.09 7.12 4.22
C CYS A 34 10.49 8.49 3.79
N CYS A 35 10.12 8.83 2.63
CA CYS A 35 10.82 9.85 1.97
C CYS A 35 9.99 10.50 0.88
N ASP A 36 10.55 11.54 0.27
CA ASP A 36 9.92 12.20 -0.85
C ASP A 36 10.02 11.29 -2.04
N VAL A 37 8.93 10.73 -2.40
CA VAL A 37 8.88 9.76 -3.45
C VAL A 37 8.32 10.36 -4.70
N LYS A 38 8.66 9.77 -5.83
CA LYS A 38 8.09 10.17 -7.10
C LYS A 38 6.60 10.03 -7.01
N GLY A 39 6.16 8.86 -6.52
CA GLY A 39 4.75 8.64 -6.30
C GLY A 39 3.89 8.92 -7.52
N GLY A 40 4.37 8.49 -8.67
CA GLY A 40 3.73 8.76 -9.95
C GLY A 40 2.27 8.27 -10.09
N LYS A 41 1.77 8.34 -11.30
CA LYS A 41 0.37 8.03 -11.64
C LYS A 41 -0.10 6.66 -11.13
N ASN A 42 0.74 5.65 -11.19
CA ASN A 42 0.33 4.32 -10.73
C ASN A 42 0.87 4.06 -9.34
N GLU A 43 1.59 5.00 -8.81
CA GLU A 43 2.18 4.85 -7.52
C GLU A 43 1.29 5.46 -6.45
N LEU A 44 1.57 5.17 -5.22
CA LEU A 44 0.75 5.63 -4.13
C LEU A 44 0.97 7.07 -3.84
N SER A 45 -0.10 7.72 -3.57
CA SER A 45 -0.11 9.07 -3.14
C SER A 45 0.15 9.08 -1.63
N PHE A 46 1.39 8.86 -1.27
CA PHE A 46 1.80 8.85 0.11
C PHE A 46 2.92 9.82 0.33
N LYS A 47 3.38 9.88 1.54
CA LYS A 47 4.37 10.82 1.95
C LYS A 47 5.39 10.15 2.91
N GLN A 48 6.25 10.94 3.45
CA GLN A 48 7.47 10.54 4.19
C GLN A 48 7.21 9.84 5.55
N GLY A 49 6.05 9.91 6.02
CA GLY A 49 5.75 9.33 7.29
C GLY A 49 4.51 8.54 7.21
N GLU A 50 4.13 8.26 6.00
CA GLU A 50 2.93 7.58 5.71
C GLU A 50 3.00 6.12 6.05
N GLN A 51 2.08 5.73 6.87
CA GLN A 51 1.97 4.42 7.33
C GLN A 51 1.03 3.73 6.43
N ILE A 52 1.62 3.10 5.53
CA ILE A 52 0.98 2.33 4.51
C ILE A 52 1.08 0.85 4.75
N GLU A 53 0.23 0.11 4.16
CA GLU A 53 0.27 -1.32 4.27
C GLU A 53 0.34 -1.89 2.88
N ILE A 54 1.24 -2.83 2.62
CA ILE A 54 1.25 -3.41 1.28
C ILE A 54 0.56 -4.77 1.22
N ILE A 55 -0.10 -4.99 0.12
CA ILE A 55 -0.93 -6.16 -0.11
C ILE A 55 -0.31 -7.06 -1.17
N ARG A 56 0.54 -6.50 -1.99
CA ARG A 56 1.12 -7.28 -3.07
C ARG A 56 2.64 -7.20 -3.10
N ILE A 57 3.25 -8.35 -2.99
CA ILE A 57 4.68 -8.52 -3.13
C ILE A 57 4.83 -9.33 -4.41
N THR A 58 5.19 -8.70 -5.46
CA THR A 58 5.16 -9.36 -6.72
C THR A 58 6.48 -9.26 -7.45
N ASP A 59 6.71 -10.17 -8.36
CA ASP A 59 7.88 -10.15 -9.22
C ASP A 59 7.45 -9.80 -10.62
N ASN A 60 6.13 -9.59 -10.77
CA ASN A 60 5.53 -9.15 -12.02
C ASN A 60 6.18 -7.83 -12.39
N PRO A 61 6.81 -7.76 -13.58
CA PRO A 61 7.56 -6.59 -14.01
C PRO A 61 6.74 -5.32 -14.19
N GLU A 62 6.53 -4.64 -13.10
CA GLU A 62 5.96 -3.31 -13.08
C GLU A 62 6.92 -2.38 -12.32
N GLY A 63 7.82 -3.02 -11.57
CA GLY A 63 8.87 -2.32 -10.86
C GLY A 63 8.44 -1.86 -9.49
N LYS A 64 7.28 -2.30 -9.04
CA LYS A 64 6.74 -1.82 -7.77
C LYS A 64 6.18 -2.96 -6.90
N TRP A 65 5.65 -2.56 -5.76
CA TRP A 65 4.82 -3.36 -4.88
C TRP A 65 3.49 -2.66 -4.77
N LEU A 66 2.46 -3.32 -4.33
CA LEU A 66 1.16 -2.67 -4.21
C LEU A 66 0.85 -2.40 -2.75
N GLY A 67 0.66 -1.15 -2.44
CA GLY A 67 0.36 -0.75 -1.11
C GLY A 67 -0.92 0.05 -1.03
N ARG A 68 -1.23 0.50 0.15
CA ARG A 68 -2.40 1.28 0.43
C ARG A 68 -2.04 2.18 1.60
N THR A 69 -2.57 3.36 1.65
CA THR A 69 -2.41 4.19 2.80
C THR A 69 -3.48 3.84 3.80
N ALA A 70 -3.34 4.31 5.01
CA ALA A 70 -4.33 4.05 6.04
C ALA A 70 -5.48 5.05 5.86
N ARG A 71 -5.37 5.85 4.82
CA ARG A 71 -6.35 6.85 4.45
C ARG A 71 -7.35 6.24 3.46
N GLY A 72 -6.95 5.15 2.82
CA GLY A 72 -7.84 4.48 1.88
C GLY A 72 -7.49 4.75 0.43
N SER A 73 -6.22 4.84 0.12
CA SER A 73 -5.77 5.01 -1.23
C SER A 73 -4.72 3.97 -1.51
N TYR A 74 -4.79 3.38 -2.66
CA TYR A 74 -3.89 2.30 -3.03
C TYR A 74 -2.89 2.81 -4.03
N GLY A 75 -1.74 2.22 -4.07
CA GLY A 75 -0.74 2.67 -4.99
C GLY A 75 0.42 1.76 -5.08
N TYR A 76 1.07 1.75 -6.21
CA TYR A 76 2.28 1.03 -6.36
C TYR A 76 3.38 1.77 -5.65
N ILE A 77 4.36 1.06 -5.22
CA ILE A 77 5.41 1.63 -4.46
C ILE A 77 6.71 1.08 -4.95
N LYS A 78 7.71 1.91 -5.14
CA LYS A 78 9.02 1.36 -5.35
C LYS A 78 9.45 0.80 -4.00
N THR A 79 10.12 -0.31 -3.99
CA THR A 79 10.51 -0.96 -2.74
C THR A 79 11.52 -0.13 -1.92
N THR A 80 12.04 0.88 -2.54
CA THR A 80 13.01 1.77 -1.95
C THR A 80 12.29 3.00 -1.38
N ALA A 81 11.04 3.20 -1.78
CA ALA A 81 10.22 4.33 -1.32
C ALA A 81 9.69 4.06 0.06
N VAL A 82 9.68 2.80 0.43
CA VAL A 82 9.11 2.39 1.70
C VAL A 82 10.00 1.43 2.42
N GLU A 83 9.71 1.28 3.68
CA GLU A 83 10.39 0.38 4.53
C GLU A 83 9.41 -0.68 5.02
N ILE A 84 9.54 -1.87 4.48
CA ILE A 84 8.72 -3.01 4.88
C ILE A 84 9.30 -3.70 6.11
N ASP A 85 8.48 -3.89 7.11
CA ASP A 85 8.88 -4.63 8.29
C ASP A 85 7.99 -5.84 8.48
N TYR A 86 8.51 -6.84 9.13
CA TYR A 86 7.80 -8.07 9.42
C TYR A 86 7.25 -8.03 10.84
N ASP A 87 7.90 -7.24 11.67
CA ASP A 87 7.55 -7.09 13.09
C ASP A 87 6.09 -6.73 13.32
N SER A 88 5.59 -5.79 12.57
CA SER A 88 4.22 -5.31 12.74
C SER A 88 3.16 -6.33 12.24
N LEU A 89 3.60 -7.46 11.70
CA LEU A 89 2.69 -8.49 11.25
C LEU A 89 2.13 -9.25 12.41
N LYS A 90 2.83 -9.20 13.52
CA LYS A 90 2.34 -9.78 14.73
C LYS A 90 1.99 -8.69 15.70
N LEU A 91 0.85 -8.81 16.29
CA LEU A 91 0.39 -7.85 17.25
C LEU A 91 1.12 -8.12 18.57
N LYS A 92 1.97 -7.20 18.94
CA LYS A 92 2.73 -7.32 20.12
C LYS A 92 2.32 -6.29 21.16
N LYS A 93 1.39 -6.67 21.97
CA LYS A 93 0.92 -5.87 23.09
C LYS A 93 1.24 -6.67 24.35
N ASP A 94 1.03 -7.96 24.24
CA ASP A 94 1.34 -8.91 25.30
C ASP A 94 2.48 -9.78 24.79
N LEU A 95 3.42 -10.09 25.62
CA LEU A 95 4.54 -10.90 25.19
C LEU A 95 4.89 -11.94 26.24
N GLU A 96 5.51 -11.51 27.31
CA GLU A 96 5.86 -12.39 28.38
C GLU A 96 4.84 -12.21 29.48
#